data_6XRJ
#
_entry.id   6XRJ
#
_cell.length_a   201.587
_cell.length_b   201.587
_cell.length_c   154.327
_cell.angle_alpha   90.000
_cell.angle_beta   90.000
_cell.angle_gamma   90.000
#
_symmetry.space_group_name_H-M   'P 43 2 2'
#
loop_
_entity.id
_entity.type
_entity.pdbx_description
1 polymer 'DH717.1 heavy chain Fab fragment'
2 polymer 'DH717.1 light chain Fab fragment'
#
loop_
_entity_poly.entity_id
_entity_poly.type
_entity_poly.pdbx_seq_one_letter_code
_entity_poly.pdbx_strand_id
1 'polypeptide(L)'
;QVQLQESGPGLVKPSETLSLTCAVSGVSINDGYDWTWIRQTPGKGLEWIGYVFGRSGNFNLNPSLRNRGIISKDTCKNQF
SLNLNSATAADTAVYFCARGMEGLFAAYNSLDVWGRGLLVTVSSASTKGPSVFPLAPSSRSTSESTAALGCLVKDYFPEP
VTVSWNSGSLTSGVHTFPAVLQSSGLYSLSSVVTVPSSSLGTQTYVCNVNHKPSNTKVDKRVEIKT
;
A,C,E,H
2 'polypeptide(L)'
;ALTQPPSVSGSPGQSVIISCTGTSSDIGQYNSVSWYQQHPDKAPKLVIYGVTSRPSGVSDRFSGSKYGDTASLTISGLQA
EDEADYYCSSHADENMALFGGGTRLTVLGQPKASPTVTLFPPSSEELQANKATLVCLISDFYPGVVKVAWKADGSAVNAG
VETTTPSKQSNNKYAASSYLSLTSDQWKSHKSYSCQVTHEGSTVEKTVAPA
;
B,D,F,L
#
# COMPACT_ATOMS: atom_id res chain seq x y z
N GLN A 1 -9.09 -27.81 -6.27
CA GLN A 1 -8.61 -26.56 -6.83
C GLN A 1 -7.24 -26.19 -6.28
N VAL A 2 -6.39 -25.64 -7.13
CA VAL A 2 -5.21 -24.86 -6.75
C VAL A 2 -5.30 -23.57 -7.52
N GLN A 3 -5.19 -22.44 -6.86
CA GLN A 3 -5.33 -21.14 -7.50
C GLN A 3 -4.21 -20.22 -7.08
N LEU A 4 -3.73 -19.41 -8.02
CA LEU A 4 -2.75 -18.36 -7.84
C LEU A 4 -3.36 -17.04 -8.31
N GLN A 5 -3.09 -15.92 -7.66
CA GLN A 5 -3.43 -14.60 -8.20
C GLN A 5 -2.37 -13.54 -7.88
N GLU A 6 -1.98 -12.77 -8.87
CA GLU A 6 -1.03 -11.68 -8.72
C GLU A 6 -1.65 -10.45 -8.06
N SER A 7 -0.83 -9.72 -7.32
CA SER A 7 -1.14 -8.45 -6.71
C SER A 7 0.08 -7.56 -6.82
N GLY A 8 -0.10 -6.25 -6.86
CA GLY A 8 1.00 -5.30 -6.95
C GLY A 8 0.58 -3.97 -7.57
N PRO A 9 1.39 -2.91 -7.45
CA PRO A 9 1.20 -1.66 -8.17
C PRO A 9 1.18 -1.86 -9.68
N GLY A 10 0.26 -1.22 -10.40
CA GLY A 10 0.25 -1.21 -11.87
C GLY A 10 1.22 -0.22 -12.51
N LEU A 11 1.74 0.73 -11.74
CA LEU A 11 2.65 1.77 -12.18
C LEU A 11 3.85 1.83 -11.26
N VAL A 12 5.03 1.97 -11.83
CA VAL A 12 6.30 2.11 -11.13
C VAL A 12 7.12 3.19 -11.81
N LYS A 13 7.90 3.98 -11.09
CA LYS A 13 8.73 5.02 -11.69
C LYS A 13 10.14 4.49 -11.94
N PRO A 14 10.82 4.94 -13.00
CA PRO A 14 12.20 4.59 -13.25
C PRO A 14 13.09 4.71 -12.01
N SER A 15 13.96 3.74 -11.85
CA SER A 15 14.83 3.48 -10.72
C SER A 15 14.16 3.36 -9.34
N GLU A 16 12.85 3.14 -9.26
CA GLU A 16 12.22 2.53 -8.08
C GLU A 16 12.47 1.01 -8.05
N THR A 17 11.83 0.32 -7.11
CA THR A 17 11.68 -1.13 -7.06
C THR A 17 10.28 -1.52 -7.46
N LEU A 18 10.10 -2.53 -8.33
CA LEU A 18 8.80 -3.14 -8.56
C LEU A 18 8.67 -4.43 -7.77
N SER A 19 7.57 -4.52 -7.04
CA SER A 19 7.21 -5.65 -6.20
C SER A 19 5.88 -6.18 -6.62
N LEU A 20 5.74 -7.50 -6.55
CA LEU A 20 4.53 -8.24 -6.86
C LEU A 20 4.40 -9.35 -5.85
N THR A 21 3.19 -9.71 -5.45
CA THR A 21 2.90 -10.94 -4.71
C THR A 21 2.02 -11.87 -5.53
N CYS A 22 2.09 -13.16 -5.24
CA CYS A 22 1.20 -14.17 -5.75
C CYS A 22 0.58 -14.91 -4.58
N ALA A 23 -0.73 -14.77 -4.39
CA ALA A 23 -1.45 -15.41 -3.30
C ALA A 23 -1.86 -16.83 -3.67
N VAL A 24 -1.49 -17.81 -2.86
CA VAL A 24 -1.67 -19.22 -3.15
C VAL A 24 -2.84 -19.79 -2.38
N SER A 25 -3.72 -20.49 -3.08
CA SER A 25 -4.88 -21.19 -2.53
C SER A 25 -4.78 -22.68 -2.74
N GLY A 26 -5.17 -23.47 -1.74
CA GLY A 26 -5.38 -24.91 -1.87
C GLY A 26 -4.15 -25.77 -1.69
N VAL A 27 -3.00 -25.20 -1.38
CA VAL A 27 -1.73 -25.89 -1.17
C VAL A 27 -0.82 -25.02 -0.32
N SER A 28 0.05 -25.59 0.52
CA SER A 28 0.89 -24.80 1.40
C SER A 28 2.09 -24.27 0.65
N ILE A 29 2.51 -23.04 0.92
CA ILE A 29 3.69 -22.47 0.27
C ILE A 29 4.93 -23.30 0.55
N ASN A 30 4.94 -24.03 1.66
CA ASN A 30 5.99 -24.94 2.04
C ASN A 30 5.92 -26.32 1.36
N ASP A 31 4.99 -26.61 0.47
CA ASP A 31 4.85 -27.95 -0.09
C ASP A 31 5.87 -28.31 -1.18
N GLY A 32 6.84 -27.44 -1.44
CA GLY A 32 7.98 -27.79 -2.30
C GLY A 32 7.65 -27.83 -3.78
N TYR A 33 7.43 -26.66 -4.37
CA TYR A 33 6.66 -26.53 -5.60
C TYR A 33 7.26 -25.55 -6.62
N ASP A 34 8.50 -25.08 -6.48
CA ASP A 34 9.09 -24.15 -7.44
C ASP A 34 8.15 -23.01 -7.84
N TRP A 35 7.98 -22.08 -6.92
CA TRP A 35 7.10 -20.96 -7.08
C TRP A 35 7.73 -19.96 -8.02
N THR A 36 7.20 -19.85 -9.23
CA THR A 36 7.93 -19.32 -10.39
C THR A 36 7.30 -18.02 -10.88
N TRP A 37 8.12 -17.07 -11.28
CA TRP A 37 7.73 -15.83 -11.93
C TRP A 37 8.20 -15.79 -13.39
N ILE A 38 7.32 -15.35 -14.27
CA ILE A 38 7.49 -15.25 -15.72
C ILE A 38 6.95 -13.92 -16.17
N ARG A 39 7.56 -13.24 -17.13
CA ARG A 39 7.00 -12.03 -17.74
C ARG A 39 6.88 -12.12 -19.24
N GLN A 40 5.97 -11.35 -19.79
CA GLN A 40 5.69 -11.26 -21.22
C GLN A 40 5.56 -9.80 -21.60
N THR A 41 6.63 -9.24 -22.14
CA THR A 41 6.63 -7.89 -22.67
C THR A 41 5.62 -7.81 -23.81
N PRO A 42 4.69 -6.87 -23.87
CA PRO A 42 3.45 -7.09 -24.60
C PRO A 42 3.67 -7.29 -26.10
N GLY A 43 3.28 -8.47 -26.59
CA GLY A 43 3.48 -8.89 -27.98
C GLY A 43 4.93 -9.21 -28.36
N LYS A 44 5.80 -9.55 -27.40
CA LYS A 44 7.26 -9.69 -27.58
C LYS A 44 7.81 -11.00 -26.97
N GLY A 45 6.96 -11.85 -26.40
CA GLY A 45 7.32 -13.21 -25.98
C GLY A 45 7.74 -13.37 -24.52
N LEU A 46 7.72 -14.61 -24.04
CA LEU A 46 7.94 -14.97 -22.63
C LEU A 46 9.40 -14.88 -22.20
N GLU A 47 9.61 -14.53 -20.95
CA GLU A 47 10.88 -14.56 -20.23
C GLU A 47 10.67 -15.24 -18.89
N TRP A 48 11.55 -16.18 -18.52
CA TRP A 48 11.55 -16.80 -17.19
C TRP A 48 12.35 -15.91 -16.25
N ILE A 49 11.80 -15.55 -15.10
CA ILE A 49 12.48 -14.65 -14.16
C ILE A 49 13.20 -15.47 -13.11
N GLY A 50 12.52 -16.41 -12.50
CA GLY A 50 13.11 -17.15 -11.41
C GLY A 50 12.08 -17.88 -10.60
N TYR A 51 12.55 -18.52 -9.54
CA TYR A 51 11.73 -19.33 -8.66
C TYR A 51 12.20 -19.26 -7.21
N VAL A 52 11.31 -19.66 -6.30
CA VAL A 52 11.57 -20.01 -4.90
C VAL A 52 11.26 -21.47 -4.69
N PHE A 53 12.15 -22.25 -4.11
CA PHE A 53 11.78 -23.60 -3.74
C PHE A 53 10.99 -23.59 -2.45
N GLY A 54 9.70 -23.93 -2.52
CA GLY A 54 8.79 -23.76 -1.40
C GLY A 54 9.27 -24.29 -0.06
N ARG A 55 9.84 -25.50 -0.01
CA ARG A 55 10.20 -26.13 1.25
C ARG A 55 11.59 -25.84 1.80
N SER A 56 12.44 -25.17 1.05
CA SER A 56 13.74 -24.72 1.54
C SER A 56 13.89 -23.20 1.60
N GLY A 57 13.14 -22.48 0.79
CA GLY A 57 13.24 -21.03 0.70
C GLY A 57 14.44 -20.51 -0.06
N ASN A 58 15.21 -21.38 -0.71
CA ASN A 58 16.25 -21.00 -1.65
C ASN A 58 15.64 -20.47 -2.94
N PHE A 59 16.34 -19.56 -3.62
CA PHE A 59 15.84 -18.93 -4.83
C PHE A 59 16.95 -18.70 -5.83
N ASN A 60 16.57 -18.58 -7.09
CA ASN A 60 17.49 -18.36 -8.19
C ASN A 60 16.81 -17.55 -9.28
N LEU A 61 17.57 -16.69 -9.95
CA LEU A 61 17.07 -15.85 -11.03
C LEU A 61 17.90 -15.97 -12.30
N ASN A 62 17.20 -15.73 -13.39
CA ASN A 62 17.69 -15.35 -14.71
C ASN A 62 18.96 -14.51 -14.63
N PRO A 63 20.03 -14.82 -15.36
CA PRO A 63 21.31 -14.13 -15.22
C PRO A 63 21.30 -12.65 -15.62
N SER A 64 20.23 -12.16 -16.24
CA SER A 64 19.98 -10.73 -16.47
C SER A 64 19.46 -9.99 -15.24
N LEU A 65 18.76 -10.69 -14.34
CA LEU A 65 17.98 -10.12 -13.25
C LEU A 65 18.45 -10.53 -11.86
N ARG A 66 19.16 -11.64 -11.70
CA ARG A 66 20.02 -11.82 -10.52
C ARG A 66 20.99 -10.64 -10.45
N ASN A 67 21.55 -10.31 -9.29
CA ASN A 67 22.32 -9.07 -9.09
C ASN A 67 21.46 -7.79 -9.13
N ARG A 68 20.15 -7.90 -9.39
CA ARG A 68 19.18 -6.81 -9.35
C ARG A 68 17.87 -7.12 -8.62
N GLY A 69 17.49 -8.36 -8.43
CA GLY A 69 16.28 -8.72 -7.68
C GLY A 69 16.42 -9.96 -6.81
N ILE A 70 15.35 -10.24 -6.08
CA ILE A 70 15.14 -11.43 -5.27
C ILE A 70 13.72 -11.94 -5.45
N ILE A 71 13.49 -13.18 -5.08
CA ILE A 71 12.18 -13.79 -4.97
C ILE A 71 12.10 -14.40 -3.58
N SER A 72 10.96 -14.32 -2.92
CA SER A 72 10.84 -14.83 -1.55
C SER A 72 9.47 -15.40 -1.26
N LYS A 73 9.34 -16.18 -0.21
CA LYS A 73 8.08 -16.83 0.19
C LYS A 73 7.69 -16.47 1.60
N ASP A 74 6.44 -16.11 1.79
CA ASP A 74 5.88 -15.65 3.04
C ASP A 74 5.01 -16.77 3.61
N THR A 75 5.47 -17.31 4.73
CA THR A 75 4.83 -18.44 5.41
C THR A 75 3.56 -18.04 6.13
N CYS A 76 3.39 -16.75 6.44
CA CYS A 76 2.30 -16.21 7.24
C CYS A 76 1.07 -15.90 6.41
N LYS A 77 1.26 -15.43 5.18
CA LYS A 77 0.20 -15.12 4.22
C LYS A 77 -0.03 -16.20 3.18
N ASN A 78 0.81 -17.23 3.12
CA ASN A 78 0.82 -18.30 2.13
C ASN A 78 0.95 -17.75 0.71
N GLN A 79 2.02 -17.02 0.46
CA GLN A 79 2.23 -16.31 -0.80
C GLN A 79 3.71 -16.17 -1.10
N PHE A 80 4.04 -15.82 -2.33
CA PHE A 80 5.42 -15.58 -2.74
C PHE A 80 5.50 -14.34 -3.57
N SER A 81 6.68 -13.76 -3.64
CA SER A 81 6.85 -12.39 -4.08
C SER A 81 8.10 -12.21 -4.90
N LEU A 82 8.04 -11.33 -5.90
CA LEU A 82 9.17 -10.91 -6.69
C LEU A 82 9.47 -9.46 -6.36
N ASN A 83 10.71 -9.17 -5.98
CA ASN A 83 11.22 -7.82 -5.80
C ASN A 83 12.33 -7.55 -6.79
N LEU A 84 12.13 -6.58 -7.65
CA LEU A 84 12.94 -6.34 -8.82
C LEU A 84 13.32 -4.87 -8.88
N ASN A 85 14.55 -4.59 -8.44
CA ASN A 85 15.02 -3.25 -8.13
C ASN A 85 15.47 -2.52 -9.38
N SER A 86 15.69 -1.21 -9.25
CA SER A 86 16.24 -0.35 -10.29
C SER A 86 15.45 -0.42 -11.60
N ALA A 87 14.13 -0.35 -11.46
CA ALA A 87 13.18 -0.53 -12.53
C ALA A 87 13.47 0.39 -13.71
N THR A 88 13.35 -0.13 -14.93
CA THR A 88 13.59 0.61 -16.17
C THR A 88 12.40 0.41 -17.09
N ALA A 89 12.32 1.18 -18.16
CA ALA A 89 11.21 1.07 -19.11
C ALA A 89 11.06 -0.36 -19.67
N ALA A 90 12.17 -1.06 -19.87
CA ALA A 90 12.19 -2.44 -20.36
C ALA A 90 11.45 -3.42 -19.45
N ASP A 91 11.38 -3.13 -18.16
CA ASP A 91 10.67 -3.95 -17.19
C ASP A 91 9.14 -3.88 -17.31
N THR A 92 8.63 -3.02 -18.19
CA THR A 92 7.21 -2.97 -18.52
C THR A 92 6.75 -4.23 -19.21
N ALA A 93 5.94 -5.04 -18.55
CA ALA A 93 5.47 -6.31 -19.06
C ALA A 93 4.27 -6.80 -18.29
N VAL A 94 3.56 -7.79 -18.82
CA VAL A 94 2.69 -8.63 -18.02
C VAL A 94 3.52 -9.58 -17.18
N TYR A 95 3.29 -9.63 -15.88
CA TYR A 95 3.95 -10.53 -14.95
C TYR A 95 2.97 -11.61 -14.56
N PHE A 96 3.42 -12.85 -14.58
CA PHE A 96 2.68 -14.04 -14.24
C PHE A 96 3.40 -14.77 -13.13
N CYS A 97 2.66 -15.37 -12.22
CA CYS A 97 3.18 -16.35 -11.28
C CYS A 97 2.65 -17.74 -11.63
N ALA A 98 3.41 -18.76 -11.29
CA ALA A 98 3.14 -20.12 -11.71
C ALA A 98 3.72 -21.12 -10.72
N ARG A 99 3.26 -22.37 -10.82
CA ARG A 99 3.69 -23.50 -10.00
C ARG A 99 4.39 -24.56 -10.85
N GLY A 100 5.60 -24.95 -10.48
CA GLY A 100 6.29 -26.07 -11.12
C GLY A 100 5.83 -27.41 -10.56
N MET A 101 5.25 -28.27 -11.39
CA MET A 101 4.50 -29.45 -10.92
C MET A 101 5.33 -30.46 -10.15
N GLU A 102 4.74 -31.08 -9.13
CA GLU A 102 5.52 -31.63 -8.01
C GLU A 102 6.55 -32.68 -8.42
N GLY A 103 7.79 -32.46 -8.00
CA GLY A 103 8.78 -33.52 -7.97
C GLY A 103 9.38 -33.85 -9.31
N LEU A 104 9.12 -33.05 -10.34
CA LEU A 104 9.94 -33.07 -11.55
C LEU A 104 11.32 -32.50 -11.23
N PHE A 105 12.36 -33.06 -11.85
CA PHE A 105 13.62 -32.34 -11.99
C PHE A 105 13.33 -31.07 -12.79
N ALA A 106 13.78 -29.93 -12.28
CA ALA A 106 13.55 -28.60 -12.86
C ALA A 106 12.08 -28.29 -13.14
N ALA A 107 11.21 -28.53 -12.16
CA ALA A 107 9.77 -28.28 -12.27
C ALA A 107 9.40 -26.84 -12.62
N TYR A 108 10.22 -25.83 -12.32
CA TYR A 108 10.08 -24.46 -12.84
C TYR A 108 10.09 -24.36 -14.38
N ASN A 109 10.50 -25.39 -15.10
CA ASN A 109 10.34 -25.49 -16.54
C ASN A 109 8.99 -26.07 -16.97
N SER A 110 8.23 -26.70 -16.07
CA SER A 110 7.04 -27.48 -16.35
C SER A 110 5.90 -27.02 -15.47
N LEU A 111 5.26 -25.92 -15.87
CA LEU A 111 4.41 -25.09 -15.03
C LEU A 111 2.93 -25.40 -15.19
N ASP A 112 2.33 -26.18 -14.30
CA ASP A 112 0.96 -26.65 -14.51
C ASP A 112 -0.09 -25.61 -14.18
N VAL A 113 0.03 -24.92 -13.05
CA VAL A 113 -0.89 -23.85 -12.63
C VAL A 113 -0.25 -22.48 -12.83
N TRP A 114 -0.98 -21.57 -13.46
CA TRP A 114 -0.60 -20.20 -13.73
C TRP A 114 -1.61 -19.20 -13.16
N GLY A 115 -1.16 -18.02 -12.81
CA GLY A 115 -2.00 -16.89 -12.46
C GLY A 115 -2.46 -16.07 -13.66
N ARG A 116 -3.46 -15.21 -13.46
CA ARG A 116 -4.14 -14.46 -14.53
C ARG A 116 -3.22 -13.51 -15.26
N GLY A 117 -2.20 -13.01 -14.59
CA GLY A 117 -1.26 -12.01 -15.09
C GLY A 117 -1.63 -10.62 -14.62
N LEU A 118 -0.62 -9.81 -14.35
CA LEU A 118 -0.76 -8.42 -14.00
C LEU A 118 0.22 -7.59 -14.82
N LEU A 119 -0.29 -6.65 -15.58
CA LEU A 119 0.52 -5.67 -16.27
C LEU A 119 1.08 -4.66 -15.28
N VAL A 120 2.40 -4.51 -15.30
CA VAL A 120 3.13 -3.49 -14.58
C VAL A 120 3.78 -2.58 -15.59
N THR A 121 3.55 -1.28 -15.47
CA THR A 121 4.05 -0.26 -16.38
C THR A 121 5.14 0.54 -15.68
N VAL A 122 6.31 0.68 -16.27
CA VAL A 122 7.35 1.54 -15.71
C VAL A 122 7.35 2.84 -16.48
N SER A 123 7.00 3.94 -15.82
CA SER A 123 7.00 5.25 -16.47
C SER A 123 7.21 6.38 -15.47
N SER A 124 7.96 7.40 -15.88
CA SER A 124 8.08 8.65 -15.15
C SER A 124 6.78 9.45 -15.11
N ALA A 125 5.85 9.19 -16.03
CA ALA A 125 4.54 9.80 -16.13
C ALA A 125 3.70 9.61 -14.87
N SER A 126 2.59 10.31 -14.80
CA SER A 126 1.61 10.16 -13.72
C SER A 126 0.46 9.27 -14.13
N THR A 127 -0.06 8.52 -13.19
CA THR A 127 -1.42 8.00 -13.26
C THR A 127 -2.40 9.12 -13.61
N LYS A 128 -3.44 8.78 -14.38
CA LYS A 128 -4.57 9.66 -14.69
C LYS A 128 -5.84 8.82 -14.74
N GLY A 129 -6.89 9.22 -14.04
CA GLY A 129 -8.15 8.49 -14.04
C GLY A 129 -8.98 8.71 -15.31
N PRO A 130 -9.85 7.76 -15.67
CA PRO A 130 -10.68 7.84 -16.86
C PRO A 130 -11.78 8.89 -16.78
N SER A 131 -12.19 9.40 -17.92
CA SER A 131 -13.46 10.10 -18.10
C SER A 131 -14.47 9.14 -18.73
N VAL A 132 -15.64 8.93 -18.11
CA VAL A 132 -16.60 7.90 -18.56
C VAL A 132 -17.89 8.50 -19.10
N PHE A 133 -18.24 8.16 -20.34
CA PHE A 133 -19.40 8.64 -21.04
C PHE A 133 -20.26 7.49 -21.58
N PRO A 134 -21.59 7.53 -21.51
CA PRO A 134 -22.47 6.54 -22.11
C PRO A 134 -22.58 6.67 -23.63
N LEU A 135 -22.93 5.57 -24.31
CA LEU A 135 -23.28 5.50 -25.74
C LEU A 135 -24.67 4.86 -25.89
N ALA A 136 -25.61 5.51 -26.58
CA ALA A 136 -27.02 5.11 -26.56
C ALA A 136 -27.68 5.05 -27.97
N PRO A 137 -28.66 4.17 -28.19
CA PRO A 137 -29.20 3.85 -29.52
C PRO A 137 -30.37 4.74 -29.96
N SER A 138 -30.60 4.83 -31.27
CA SER A 138 -31.81 5.37 -31.87
C SER A 138 -33.00 4.43 -31.71
N GLU A 144 -27.96 5.17 -32.52
CA GLU A 144 -27.80 5.20 -33.97
C GLU A 144 -27.13 3.91 -34.51
N SER A 145 -26.88 2.95 -33.61
CA SER A 145 -26.59 1.53 -33.91
C SER A 145 -27.72 0.65 -33.38
N THR A 146 -28.14 -0.37 -34.14
CA THR A 146 -29.51 -0.91 -34.09
C THR A 146 -30.01 -1.48 -32.75
N ALA A 147 -29.22 -2.30 -32.06
CA ALA A 147 -29.61 -2.97 -30.81
C ALA A 147 -28.55 -2.87 -29.68
N ALA A 148 -27.40 -2.27 -29.96
CA ALA A 148 -26.28 -2.20 -29.05
C ALA A 148 -26.32 -0.92 -28.21
N LEU A 149 -26.19 -1.08 -26.90
CA LEU A 149 -25.78 -0.03 -25.98
C LEU A 149 -24.26 0.02 -25.90
N GLY A 150 -23.68 1.06 -25.33
CA GLY A 150 -22.29 1.01 -24.92
C GLY A 150 -21.84 2.07 -23.95
N CYS A 151 -20.55 2.06 -23.68
CA CYS A 151 -19.87 3.01 -22.83
C CYS A 151 -18.48 3.31 -23.36
N LEU A 152 -17.99 4.51 -23.11
CA LEU A 152 -16.70 5.02 -23.54
C LEU A 152 -15.88 5.45 -22.33
N VAL A 153 -14.61 5.08 -22.32
CA VAL A 153 -13.68 5.26 -21.21
C VAL A 153 -12.47 5.99 -21.75
N LYS A 154 -12.45 7.32 -21.59
CA LYS A 154 -11.50 8.24 -22.22
C LYS A 154 -10.26 8.49 -21.41
N ASP A 155 -9.17 8.71 -22.15
CA ASP A 155 -7.90 9.32 -21.77
C ASP A 155 -7.49 9.04 -20.32
N TYR A 156 -7.13 7.78 -20.05
CA TYR A 156 -6.64 7.28 -18.77
C TYR A 156 -5.22 6.75 -18.88
N PHE A 157 -4.52 6.62 -17.76
CA PHE A 157 -3.20 5.99 -17.68
C PHE A 157 -2.91 5.44 -16.29
N PRO A 158 -2.10 4.38 -16.15
CA PRO A 158 -1.64 3.46 -17.19
C PRO A 158 -2.74 2.48 -17.55
N GLU A 159 -2.43 1.46 -18.32
CA GLU A 159 -3.29 0.29 -18.42
C GLU A 159 -3.30 -0.51 -17.11
N PRO A 160 -4.35 -1.29 -16.82
CA PRO A 160 -5.61 -1.43 -17.54
C PRO A 160 -6.81 -0.81 -16.83
N VAL A 161 -7.94 -0.79 -17.51
CA VAL A 161 -9.26 -0.56 -16.93
C VAL A 161 -10.12 -1.80 -17.14
N THR A 162 -10.96 -2.13 -16.17
CA THR A 162 -11.88 -3.26 -16.26
C THR A 162 -13.32 -2.78 -16.16
N VAL A 163 -14.21 -3.43 -16.90
CA VAL A 163 -15.62 -3.01 -17.07
C VAL A 163 -16.56 -4.20 -16.91
N SER A 164 -17.72 -3.98 -16.33
CA SER A 164 -18.82 -4.95 -16.22
C SER A 164 -20.16 -4.26 -16.43
N TRP A 165 -21.22 -4.99 -16.74
CA TRP A 165 -22.54 -4.43 -17.01
C TRP A 165 -23.58 -4.94 -16.01
N ASN A 166 -24.42 -4.03 -15.55
CA ASN A 166 -25.42 -4.22 -14.50
C ASN A 166 -24.82 -4.95 -13.29
N SER A 167 -23.62 -4.55 -12.85
CA SER A 167 -22.97 -5.12 -11.66
C SER A 167 -22.73 -6.62 -11.75
N GLY A 168 -22.47 -7.12 -12.95
CA GLY A 168 -22.30 -8.54 -13.23
C GLY A 168 -23.61 -9.30 -13.50
N SER A 169 -24.74 -8.61 -13.62
CA SER A 169 -26.00 -9.22 -14.07
C SER A 169 -25.98 -9.58 -15.55
N LEU A 170 -25.07 -8.98 -16.32
CA LEU A 170 -24.85 -9.26 -17.74
C LEU A 170 -23.47 -9.88 -17.96
N THR A 171 -23.43 -10.92 -18.79
CA THR A 171 -22.22 -11.52 -19.36
C THR A 171 -22.45 -11.84 -20.83
N SER A 172 -23.59 -12.44 -21.14
CA SER A 172 -24.02 -12.74 -22.49
C SER A 172 -24.22 -11.44 -23.29
N GLY A 173 -23.73 -11.42 -24.52
CA GLY A 173 -23.89 -10.28 -25.42
C GLY A 173 -23.04 -9.04 -25.11
N VAL A 174 -22.26 -9.06 -24.03
CA VAL A 174 -21.24 -8.03 -23.71
C VAL A 174 -19.98 -8.20 -24.57
N HIS A 175 -19.34 -7.12 -25.01
CA HIS A 175 -18.03 -7.15 -25.65
C HIS A 175 -17.24 -5.86 -25.39
N THR A 176 -16.10 -5.98 -24.71
CA THR A 176 -15.24 -4.83 -24.36
C THR A 176 -14.01 -4.80 -25.24
N PHE A 177 -13.80 -3.68 -25.92
CA PHE A 177 -12.80 -3.56 -26.97
C PHE A 177 -11.41 -3.30 -26.40
N PRO A 178 -10.35 -3.76 -27.06
CA PRO A 178 -9.01 -3.38 -26.68
C PRO A 178 -8.85 -1.86 -26.83
N ALA A 179 -8.07 -1.31 -25.93
CA ALA A 179 -7.79 0.09 -25.90
C ALA A 179 -6.95 0.53 -27.10
N VAL A 180 -6.93 1.84 -27.34
CA VAL A 180 -6.01 2.49 -28.26
C VAL A 180 -5.19 3.54 -27.52
N LEU A 181 -3.89 3.57 -27.80
CA LEU A 181 -2.93 4.55 -27.32
C LEU A 181 -3.02 5.82 -28.15
N GLN A 182 -3.29 6.96 -27.53
CA GLN A 182 -3.18 8.28 -28.15
C GLN A 182 -1.74 8.78 -28.16
N SER A 183 -1.44 9.79 -28.98
CA SER A 183 -0.12 10.42 -29.02
C SER A 183 0.30 11.05 -27.69
N SER A 184 -0.67 11.37 -26.84
CA SER A 184 -0.52 11.87 -25.48
C SER A 184 0.00 10.84 -24.47
N GLY A 185 0.14 9.57 -24.86
CA GLY A 185 0.51 8.50 -23.95
C GLY A 185 -0.66 7.96 -23.12
N LEU A 186 -1.81 8.61 -23.18
CA LEU A 186 -3.05 8.19 -22.51
C LEU A 186 -3.85 7.24 -23.41
N TYR A 187 -4.54 6.29 -22.81
CA TYR A 187 -5.29 5.26 -23.51
C TYR A 187 -6.78 5.58 -23.48
N SER A 188 -7.55 4.99 -24.37
CA SER A 188 -9.00 4.91 -24.21
C SER A 188 -9.58 3.68 -24.86
N LEU A 189 -10.72 3.24 -24.36
CA LEU A 189 -11.41 2.05 -24.81
C LEU A 189 -12.92 2.20 -24.76
N SER A 190 -13.63 1.25 -25.32
CA SER A 190 -15.09 1.24 -25.25
C SER A 190 -15.64 -0.15 -25.03
N SER A 191 -16.82 -0.22 -24.44
CA SER A 191 -17.52 -1.44 -24.14
C SER A 191 -18.91 -1.39 -24.74
N VAL A 192 -19.45 -2.52 -25.19
CA VAL A 192 -20.81 -2.61 -25.71
C VAL A 192 -21.54 -3.81 -25.14
N VAL A 193 -22.86 -3.75 -25.13
CA VAL A 193 -23.71 -4.89 -24.88
C VAL A 193 -24.85 -4.89 -25.88
N THR A 194 -25.06 -6.02 -26.54
CA THR A 194 -26.16 -6.20 -27.49
C THR A 194 -27.44 -6.57 -26.74
N VAL A 195 -28.43 -5.70 -26.76
CA VAL A 195 -29.66 -5.87 -25.97
C VAL A 195 -30.84 -6.23 -26.86
N PRO A 196 -31.67 -7.23 -26.52
CA PRO A 196 -32.96 -7.48 -27.16
C PRO A 196 -33.79 -6.19 -27.18
N SER A 197 -34.02 -5.64 -28.37
CA SER A 197 -34.39 -4.23 -28.56
C SER A 197 -35.67 -3.80 -27.82
N SER A 198 -36.59 -4.73 -27.57
CA SER A 198 -37.80 -4.49 -26.77
C SER A 198 -37.54 -4.08 -25.31
N SER A 199 -36.36 -4.42 -24.78
CA SER A 199 -35.98 -4.19 -23.37
C SER A 199 -35.62 -2.74 -23.06
N LEU A 200 -35.40 -1.89 -24.07
CA LEU A 200 -34.93 -0.52 -23.87
C LEU A 200 -35.95 0.33 -23.11
N GLY A 201 -35.59 0.71 -21.89
CA GLY A 201 -36.46 1.45 -20.95
C GLY A 201 -37.33 0.56 -20.06
N THR A 202 -37.55 -0.69 -20.45
CA THR A 202 -38.21 -1.73 -19.63
C THR A 202 -37.23 -2.30 -18.60
N GLN A 203 -36.00 -2.59 -19.03
CA GLN A 203 -34.89 -2.97 -18.17
C GLN A 203 -33.83 -1.85 -18.12
N THR A 204 -33.35 -1.55 -16.92
CA THR A 204 -32.26 -0.60 -16.68
C THR A 204 -30.93 -1.14 -17.19
N TYR A 205 -30.12 -0.30 -17.82
CA TYR A 205 -28.75 -0.65 -18.22
C TYR A 205 -27.72 0.35 -17.74
N VAL A 206 -26.72 -0.16 -17.04
CA VAL A 206 -25.66 0.55 -16.32
C VAL A 206 -24.34 -0.19 -16.56
N CYS A 207 -23.25 0.53 -16.74
CA CYS A 207 -21.92 -0.06 -16.75
C CYS A 207 -21.14 0.35 -15.49
N ASN A 208 -20.48 -0.61 -14.88
CA ASN A 208 -19.51 -0.42 -13.81
C ASN A 208 -18.11 -0.37 -14.40
N VAL A 209 -17.28 0.57 -13.96
CA VAL A 209 -15.94 0.80 -14.48
C VAL A 209 -14.97 0.92 -13.31
N ASN A 210 -13.77 0.38 -13.46
CA ASN A 210 -12.75 0.38 -12.44
C ASN A 210 -11.34 0.48 -13.06
N HIS A 211 -10.71 1.64 -12.93
CA HIS A 211 -9.30 1.88 -13.20
C HIS A 211 -8.54 1.92 -11.87
N LYS A 212 -8.20 0.75 -11.35
CA LYS A 212 -7.62 0.62 -10.02
C LYS A 212 -6.24 1.30 -9.85
N PRO A 213 -5.36 1.47 -10.85
CA PRO A 213 -4.10 2.19 -10.65
C PRO A 213 -4.25 3.61 -10.13
N SER A 214 -5.42 4.23 -10.34
CA SER A 214 -5.84 5.54 -9.81
C SER A 214 -6.88 5.48 -8.70
N ASN A 215 -7.27 4.28 -8.27
CA ASN A 215 -8.44 4.03 -7.44
C ASN A 215 -9.76 4.58 -7.99
N THR A 216 -9.85 4.88 -9.28
CA THR A 216 -11.10 5.36 -9.90
C THR A 216 -12.04 4.20 -10.17
N LYS A 217 -13.08 4.06 -9.35
CA LYS A 217 -14.25 3.22 -9.64
C LYS A 217 -15.47 4.11 -9.84
N VAL A 218 -16.19 3.93 -10.94
CA VAL A 218 -17.40 4.70 -11.26
C VAL A 218 -18.49 3.84 -11.90
N ASP A 219 -19.73 4.31 -11.85
CA ASP A 219 -20.88 3.70 -12.53
C ASP A 219 -21.61 4.76 -13.36
N LYS A 220 -22.15 4.37 -14.51
CA LYS A 220 -22.73 5.29 -15.48
C LYS A 220 -24.03 4.76 -16.08
N ARG A 221 -25.05 5.60 -16.17
CA ARG A 221 -26.38 5.24 -16.71
C ARG A 221 -26.43 5.43 -18.22
N VAL A 222 -26.63 4.37 -18.99
CA VAL A 222 -26.96 4.50 -20.42
C VAL A 222 -28.46 4.74 -20.54
N GLU A 223 -28.85 5.99 -20.34
CA GLU A 223 -30.23 6.36 -20.01
C GLU A 223 -31.12 6.57 -21.25
N ILE A 224 -31.07 5.62 -22.20
CA ILE A 224 -31.99 5.47 -23.34
C ILE A 224 -32.28 6.79 -24.06
N ALA B 1 18.18 -16.59 -26.56
CA ALA B 1 17.01 -17.45 -26.48
C ALA B 1 17.19 -18.79 -27.18
N LEU B 2 16.30 -19.75 -26.91
CA LEU B 2 16.07 -20.85 -27.83
C LEU B 2 15.42 -20.28 -29.09
N THR B 3 15.64 -20.88 -30.26
CA THR B 3 15.11 -20.39 -31.53
C THR B 3 13.95 -21.24 -32.00
N GLN B 4 12.83 -20.60 -32.36
CA GLN B 4 11.67 -21.20 -33.00
C GLN B 4 11.40 -20.48 -34.34
N PRO B 5 10.73 -21.09 -35.32
CA PRO B 5 10.26 -20.37 -36.50
C PRO B 5 9.23 -19.32 -36.07
N PRO B 6 9.31 -18.05 -36.48
CA PRO B 6 8.36 -17.04 -36.06
C PRO B 6 6.88 -17.38 -36.28
N SER B 7 6.55 -18.10 -37.34
CA SER B 7 5.21 -18.58 -37.65
C SER B 7 5.22 -19.86 -38.46
N VAL B 8 4.09 -20.55 -38.43
CA VAL B 8 3.83 -21.82 -39.12
C VAL B 8 2.35 -21.91 -39.45
N SER B 9 1.96 -22.63 -40.50
CA SER B 9 0.57 -22.74 -40.94
C SER B 9 0.19 -24.17 -41.33
N GLY B 10 -1.09 -24.54 -41.18
CA GLY B 10 -1.58 -25.85 -41.53
C GLY B 10 -3.09 -25.91 -41.68
N SER B 11 -3.58 -26.74 -42.58
CA SER B 11 -4.98 -26.85 -42.95
C SER B 11 -5.77 -27.70 -41.95
N PRO B 12 -7.11 -27.65 -41.93
CA PRO B 12 -7.90 -28.35 -40.95
C PRO B 12 -7.70 -29.86 -41.00
N GLY B 13 -7.78 -30.52 -39.86
CA GLY B 13 -7.58 -31.97 -39.75
C GLY B 13 -6.14 -32.45 -39.93
N GLN B 14 -5.23 -31.62 -40.43
CA GLN B 14 -3.82 -31.96 -40.65
C GLN B 14 -3.04 -32.11 -39.35
N SER B 15 -1.74 -32.39 -39.50
CA SER B 15 -0.74 -32.37 -38.45
C SER B 15 0.40 -31.42 -38.77
N VAL B 16 0.93 -30.78 -37.72
CA VAL B 16 2.00 -29.78 -37.78
C VAL B 16 3.08 -30.08 -36.77
N ILE B 17 4.33 -29.86 -37.17
CA ILE B 17 5.52 -29.93 -36.34
C ILE B 17 5.95 -28.51 -36.06
N ILE B 18 6.09 -28.20 -34.79
CA ILE B 18 6.62 -26.96 -34.26
C ILE B 18 7.96 -27.28 -33.62
N SER B 19 9.03 -26.58 -33.98
CA SER B 19 10.39 -26.92 -33.55
C SER B 19 11.06 -25.84 -32.74
N CYS B 20 11.88 -26.22 -31.78
CA CYS B 20 12.68 -25.32 -30.97
C CYS B 20 14.12 -25.80 -30.92
N THR B 21 15.03 -24.97 -31.42
CA THR B 21 16.46 -25.25 -31.57
C THR B 21 17.24 -24.42 -30.57
N GLY B 22 17.90 -25.09 -29.64
CA GLY B 22 18.71 -24.48 -28.59
C GLY B 22 20.20 -24.69 -28.84
N THR B 23 20.91 -25.08 -27.81
CA THR B 23 22.34 -25.43 -27.85
C THR B 23 22.62 -26.64 -26.97
N SER B 24 23.85 -27.14 -26.98
CA SER B 24 24.20 -28.38 -26.28
C SER B 24 24.01 -28.26 -24.77
N SER B 25 24.30 -27.10 -24.19
CA SER B 25 24.22 -26.81 -22.74
C SER B 25 22.82 -26.52 -22.21
N ASP B 26 21.75 -26.70 -23.00
CA ASP B 26 20.36 -26.62 -22.56
C ASP B 26 19.50 -27.76 -23.14
N ILE B 27 19.10 -27.70 -24.41
CA ILE B 27 18.26 -28.73 -25.03
C ILE B 27 19.01 -30.07 -25.09
N GLY B 28 20.30 -30.03 -25.43
CA GLY B 28 21.13 -31.22 -25.58
C GLY B 28 21.31 -32.00 -24.28
N GLN B 29 21.97 -31.39 -23.30
CA GLN B 29 22.43 -31.99 -22.06
C GLN B 29 21.33 -32.53 -21.14
N TYR B 30 20.13 -31.97 -21.18
CA TYR B 30 19.07 -32.29 -20.22
C TYR B 30 17.79 -32.76 -20.91
N ASN B 31 17.19 -33.83 -20.42
CA ASN B 31 15.91 -34.35 -20.89
C ASN B 31 14.78 -33.68 -20.12
N SER B 32 14.76 -32.36 -20.24
CA SER B 32 13.82 -31.44 -19.63
C SER B 32 13.49 -30.33 -20.61
N VAL B 33 12.39 -30.53 -21.32
CA VAL B 33 11.76 -29.65 -22.31
C VAL B 33 10.29 -29.59 -21.96
N SER B 34 9.59 -28.56 -22.39
CA SER B 34 8.16 -28.43 -22.22
C SER B 34 7.62 -27.49 -23.29
N TRP B 35 6.32 -27.55 -23.48
CA TRP B 35 5.60 -26.76 -24.47
C TRP B 35 4.38 -26.13 -23.83
N TYR B 36 4.14 -24.88 -24.17
CA TYR B 36 3.01 -24.08 -23.71
C TYR B 36 2.18 -23.55 -24.87
N GLN B 37 0.87 -23.55 -24.71
CA GLN B 37 -0.11 -22.99 -25.64
C GLN B 37 -0.64 -21.68 -25.09
N GLN B 38 -0.62 -20.59 -25.86
CA GLN B 38 -1.15 -19.32 -25.42
C GLN B 38 -2.15 -18.73 -26.41
N HIS B 39 -3.41 -18.66 -26.00
CA HIS B 39 -4.39 -17.81 -26.65
C HIS B 39 -4.19 -16.36 -26.19
N PRO B 40 -4.52 -15.36 -27.01
CA PRO B 40 -4.14 -13.98 -26.76
C PRO B 40 -4.91 -13.41 -25.57
N ASP B 41 -4.22 -12.54 -24.83
CA ASP B 41 -4.67 -11.88 -23.59
C ASP B 41 -4.96 -12.84 -22.42
N LYS B 42 -4.38 -14.05 -22.44
CA LYS B 42 -4.61 -15.12 -21.47
C LYS B 42 -3.29 -15.78 -21.07
N ALA B 43 -3.31 -16.44 -19.93
CA ALA B 43 -2.16 -17.16 -19.39
C ALA B 43 -1.80 -18.37 -20.25
N PRO B 44 -0.51 -18.73 -20.40
CA PRO B 44 -0.12 -19.96 -21.08
C PRO B 44 -0.68 -21.23 -20.43
N LYS B 45 -0.99 -22.25 -21.23
CA LYS B 45 -1.38 -23.59 -20.77
C LYS B 45 -0.23 -24.51 -21.02
N LEU B 46 0.16 -25.32 -20.03
CA LEU B 46 1.15 -26.37 -20.22
C LEU B 46 0.56 -27.48 -21.05
N VAL B 47 1.30 -27.93 -22.04
CA VAL B 47 0.84 -28.88 -23.05
C VAL B 47 1.66 -30.17 -23.01
N ILE B 48 2.98 -30.11 -22.85
CA ILE B 48 3.84 -31.27 -22.64
C ILE B 48 4.92 -30.95 -21.64
N TYR B 49 5.28 -31.93 -20.82
CA TYR B 49 6.36 -31.80 -19.85
C TYR B 49 7.32 -32.97 -19.89
N GLY B 50 8.58 -32.68 -19.59
CA GLY B 50 9.64 -33.53 -20.08
C GLY B 50 9.60 -33.54 -21.61
N VAL B 51 10.43 -34.34 -22.27
CA VAL B 51 10.34 -34.35 -23.74
C VAL B 51 9.04 -35.00 -24.23
N THR B 52 8.32 -35.75 -23.41
CA THR B 52 7.40 -36.80 -23.88
C THR B 52 6.01 -36.75 -23.25
N SER B 53 5.89 -36.28 -22.00
CA SER B 53 4.67 -36.52 -21.22
C SER B 53 3.61 -35.44 -21.44
N ARG B 54 2.36 -35.71 -21.09
CA ARG B 54 1.26 -34.74 -21.13
C ARG B 54 0.65 -34.59 -19.74
N PRO B 55 0.26 -33.39 -19.31
CA PRO B 55 -0.61 -33.21 -18.17
C PRO B 55 -1.96 -33.87 -18.37
N SER B 56 -2.71 -34.05 -17.30
CA SER B 56 -4.09 -34.52 -17.38
C SER B 56 -4.95 -33.53 -18.16
N GLY B 57 -5.93 -34.03 -18.89
CA GLY B 57 -6.88 -33.22 -19.67
C GLY B 57 -6.30 -32.56 -20.91
N VAL B 58 -4.99 -32.51 -21.10
CA VAL B 58 -4.38 -32.12 -22.38
C VAL B 58 -4.65 -33.21 -23.40
N SER B 59 -5.12 -32.82 -24.57
CA SER B 59 -5.62 -33.74 -25.59
C SER B 59 -4.56 -34.69 -26.17
N ASP B 60 -4.97 -35.91 -26.50
CA ASP B 60 -4.15 -36.97 -27.11
C ASP B 60 -3.47 -36.54 -28.42
N ARG B 61 -3.93 -35.43 -28.99
CA ARG B 61 -3.50 -34.82 -30.24
C ARG B 61 -2.15 -34.12 -30.18
N PHE B 62 -1.56 -34.01 -28.99
CA PHE B 62 -0.30 -33.34 -28.72
C PHE B 62 0.79 -34.37 -28.36
N SER B 63 1.98 -34.27 -28.94
CA SER B 63 3.12 -35.09 -28.54
C SER B 63 4.46 -34.40 -28.73
N GLY B 64 5.46 -34.83 -27.96
CA GLY B 64 6.76 -34.18 -27.91
C GLY B 64 7.91 -35.11 -28.27
N SER B 65 9.06 -34.55 -28.69
CA SER B 65 10.24 -35.35 -29.13
C SER B 65 11.52 -34.54 -28.94
N LYS B 66 12.69 -35.17 -28.96
CA LYS B 66 13.98 -34.43 -28.92
C LYS B 66 15.04 -35.21 -29.72
N TYR B 67 15.73 -34.53 -30.62
CA TYR B 67 16.87 -35.19 -31.31
C TYR B 67 18.07 -34.24 -31.24
N GLY B 68 19.17 -34.70 -30.65
CA GLY B 68 20.35 -33.82 -30.50
C GLY B 68 20.02 -32.58 -29.70
N ASP B 69 20.33 -31.39 -30.22
CA ASP B 69 20.13 -30.11 -29.51
C ASP B 69 18.80 -29.47 -29.93
N THR B 70 17.90 -30.20 -30.63
CA THR B 70 16.60 -29.69 -31.12
C THR B 70 15.44 -30.50 -30.55
N ALA B 71 14.28 -29.89 -30.29
CA ALA B 71 13.10 -30.58 -29.81
C ALA B 71 11.85 -30.06 -30.50
N SER B 72 10.80 -30.88 -30.61
CA SER B 72 9.61 -30.53 -31.37
C SER B 72 8.31 -31.00 -30.73
N LEU B 73 7.26 -30.23 -30.98
CA LEU B 73 5.86 -30.50 -30.68
C LEU B 73 5.15 -30.91 -31.96
N THR B 74 4.41 -32.00 -31.91
CA THR B 74 3.46 -32.39 -32.93
C THR B 74 2.06 -32.08 -32.44
N ILE B 75 1.28 -31.36 -33.23
CA ILE B 75 -0.17 -31.27 -33.08
C ILE B 75 -0.79 -31.99 -34.26
N SER B 76 -1.70 -32.93 -34.02
CA SER B 76 -2.41 -33.69 -35.05
C SER B 76 -3.91 -33.43 -34.97
N GLY B 77 -4.63 -33.60 -36.08
CA GLY B 77 -6.07 -33.43 -36.10
C GLY B 77 -6.51 -31.99 -35.89
N LEU B 78 -5.79 -31.02 -36.47
CA LEU B 78 -6.00 -29.59 -36.26
C LEU B 78 -7.47 -29.19 -36.22
N GLN B 79 -7.85 -28.54 -35.13
CA GLN B 79 -9.07 -27.76 -34.96
C GLN B 79 -8.70 -26.27 -35.00
N ALA B 80 -9.64 -25.34 -35.19
CA ALA B 80 -9.35 -23.91 -35.02
C ALA B 80 -9.10 -23.53 -33.55
N GLU B 81 -9.66 -24.30 -32.62
CA GLU B 81 -9.32 -24.27 -31.20
C GLU B 81 -7.80 -24.39 -30.93
N ASP B 82 -7.01 -24.92 -31.86
CA ASP B 82 -5.56 -25.05 -31.75
C ASP B 82 -4.80 -23.79 -32.21
N GLU B 83 -5.49 -22.76 -32.67
CA GLU B 83 -4.87 -21.50 -33.07
C GLU B 83 -4.42 -20.70 -31.84
N ALA B 84 -3.11 -20.51 -31.70
CA ALA B 84 -2.43 -19.95 -30.54
C ALA B 84 -0.99 -19.58 -30.88
N ASP B 85 -0.31 -18.89 -29.99
CA ASP B 85 1.14 -18.88 -29.96
C ASP B 85 1.64 -20.05 -29.13
N TYR B 86 2.67 -20.76 -29.58
CA TYR B 86 3.27 -21.89 -28.90
C TYR B 86 4.71 -21.59 -28.51
N TYR B 87 5.02 -21.80 -27.23
CA TYR B 87 6.34 -21.53 -26.66
C TYR B 87 6.95 -22.83 -26.15
N CYS B 88 8.24 -22.99 -26.40
CA CYS B 88 9.06 -24.05 -25.87
C CYS B 88 9.84 -23.56 -24.65
N SER B 89 10.05 -24.35 -23.61
CA SER B 89 11.09 -24.05 -22.64
C SER B 89 11.89 -25.27 -22.21
N SER B 90 13.14 -25.06 -21.82
CA SER B 90 14.05 -26.09 -21.34
C SER B 90 14.88 -25.64 -20.14
N HIS B 91 15.16 -26.55 -19.21
CA HIS B 91 16.14 -26.34 -18.14
C HIS B 91 17.50 -25.97 -18.73
N ALA B 92 18.20 -25.02 -18.13
CA ALA B 92 19.50 -24.56 -18.60
C ALA B 92 20.53 -24.57 -17.48
N ASP B 93 21.80 -24.55 -17.84
CA ASP B 93 22.86 -25.02 -16.96
C ASP B 93 22.90 -24.22 -15.66
N GLU B 94 22.96 -24.94 -14.53
CA GLU B 94 22.92 -24.44 -13.15
C GLU B 94 21.65 -23.64 -12.77
N ASN B 95 20.54 -24.37 -12.57
CA ASN B 95 19.29 -23.92 -11.95
C ASN B 95 18.54 -22.80 -12.69
N MET B 96 18.65 -22.76 -14.02
CA MET B 96 17.91 -21.85 -14.89
C MET B 96 16.84 -22.57 -15.69
N ALA B 97 16.03 -21.81 -16.41
CA ALA B 97 15.27 -22.26 -17.55
C ALA B 97 15.30 -21.19 -18.63
N LEU B 98 15.08 -21.59 -19.88
CA LEU B 98 15.09 -20.72 -21.05
C LEU B 98 13.84 -20.98 -21.88
N PHE B 99 13.18 -19.93 -22.35
CA PHE B 99 12.08 -19.96 -23.31
C PHE B 99 12.58 -19.77 -24.74
N GLY B 100 11.89 -20.35 -25.71
CA GLY B 100 12.06 -20.01 -27.12
C GLY B 100 11.29 -18.75 -27.49
N GLY B 101 11.67 -18.09 -28.56
CA GLY B 101 11.08 -16.81 -28.99
C GLY B 101 9.60 -16.84 -29.34
N GLY B 102 8.95 -18.01 -29.28
CA GLY B 102 7.54 -18.19 -29.62
C GLY B 102 7.29 -18.44 -31.09
N THR B 103 6.21 -19.15 -31.42
CA THR B 103 5.73 -19.32 -32.79
C THR B 103 4.22 -19.26 -32.90
N ARG B 104 3.71 -18.54 -33.89
CA ARG B 104 2.28 -18.35 -34.08
C ARG B 104 1.75 -19.35 -35.08
N LEU B 105 0.83 -20.18 -34.64
CA LEU B 105 0.20 -21.19 -35.46
C LEU B 105 -1.06 -20.63 -36.09
N THR B 106 -1.07 -20.54 -37.42
CA THR B 106 -2.23 -20.17 -38.22
C THR B 106 -2.94 -21.42 -38.74
N VAL B 107 -4.23 -21.57 -38.47
CA VAL B 107 -5.02 -22.71 -38.95
C VAL B 107 -5.82 -22.25 -40.15
N LEU B 108 -5.44 -22.72 -41.33
CA LEU B 108 -5.93 -22.21 -42.61
C LEU B 108 -7.36 -22.67 -42.93
N GLY B 109 -8.00 -22.04 -43.90
CA GLY B 109 -9.26 -22.49 -44.47
C GLY B 109 -10.49 -22.30 -43.58
N GLN B 110 -10.40 -21.48 -42.53
CA GLN B 110 -11.56 -21.13 -41.72
C GLN B 110 -12.57 -20.29 -42.53
N PRO B 111 -13.89 -20.41 -42.29
CA PRO B 111 -14.89 -19.59 -42.94
C PRO B 111 -14.63 -18.08 -42.77
N LYS B 112 -14.60 -17.33 -43.87
CA LYS B 112 -14.50 -15.86 -43.86
C LYS B 112 -15.79 -15.21 -43.38
N ALA B 113 -15.69 -14.02 -42.82
CA ALA B 113 -16.80 -13.20 -42.36
C ALA B 113 -16.42 -11.72 -42.39
N SER B 114 -17.31 -10.84 -42.86
CA SER B 114 -17.08 -9.39 -42.93
C SER B 114 -17.72 -8.64 -41.78
N PRO B 115 -17.16 -7.50 -41.37
CA PRO B 115 -17.36 -6.96 -40.03
C PRO B 115 -18.77 -6.53 -39.71
N THR B 116 -19.22 -6.83 -38.49
CA THR B 116 -20.41 -6.23 -37.90
C THR B 116 -20.03 -4.88 -37.30
N VAL B 117 -20.01 -3.84 -38.13
CA VAL B 117 -19.63 -2.47 -37.73
C VAL B 117 -20.74 -1.77 -36.95
N THR B 118 -20.37 -1.13 -35.85
CA THR B 118 -21.20 -0.28 -34.99
C THR B 118 -20.53 1.08 -34.86
N LEU B 119 -21.33 2.15 -34.81
CA LEU B 119 -20.87 3.54 -34.74
C LEU B 119 -21.71 4.36 -33.77
N PHE B 120 -21.04 5.18 -32.95
CA PHE B 120 -21.66 6.07 -31.98
C PHE B 120 -21.11 7.51 -32.03
N PRO B 121 -21.97 8.53 -31.83
CA PRO B 121 -21.60 9.95 -31.78
C PRO B 121 -20.97 10.33 -30.42
N PRO B 122 -20.51 11.57 -30.23
CA PRO B 122 -20.12 12.06 -28.92
C PRO B 122 -21.30 12.00 -27.95
N SER B 123 -21.06 11.73 -26.68
CA SER B 123 -22.12 11.83 -25.68
C SER B 123 -22.45 13.31 -25.45
N SER B 124 -23.71 13.68 -25.22
CA SER B 124 -24.06 15.07 -24.87
C SER B 124 -23.40 15.50 -23.55
N GLU B 125 -23.19 14.54 -22.65
CA GLU B 125 -22.35 14.63 -21.47
C GLU B 125 -20.87 14.96 -21.76
N GLU B 126 -20.34 14.55 -22.92
CA GLU B 126 -18.94 14.78 -23.33
C GLU B 126 -18.77 16.16 -23.93
N LEU B 127 -19.53 16.48 -24.98
CA LEU B 127 -19.43 17.74 -25.72
C LEU B 127 -19.81 18.97 -24.90
N GLN B 128 -20.44 18.80 -23.73
CA GLN B 128 -20.59 19.86 -22.74
C GLN B 128 -19.25 20.37 -22.18
N ALA B 129 -18.18 19.56 -22.23
CA ALA B 129 -16.80 19.98 -21.98
C ALA B 129 -16.08 20.51 -23.23
N ASN B 130 -16.81 20.73 -24.33
CA ASN B 130 -16.33 21.26 -25.60
C ASN B 130 -15.17 20.48 -26.24
N LYS B 131 -15.15 19.17 -26.00
CA LYS B 131 -14.35 18.15 -26.68
C LYS B 131 -15.31 17.01 -27.07
N ALA B 132 -15.11 16.34 -28.19
CA ALA B 132 -16.10 15.42 -28.76
C ALA B 132 -15.44 14.29 -29.57
N THR B 133 -15.84 13.03 -29.40
CA THR B 133 -15.29 11.90 -30.17
C THR B 133 -16.33 10.98 -30.76
N LEU B 134 -16.04 10.46 -31.96
CA LEU B 134 -16.85 9.45 -32.64
C LEU B 134 -16.21 8.07 -32.44
N VAL B 135 -16.99 7.07 -32.11
CA VAL B 135 -16.49 5.72 -31.77
C VAL B 135 -16.98 4.72 -32.80
N CYS B 136 -16.08 4.13 -33.60
CA CYS B 136 -16.43 3.07 -34.57
C CYS B 136 -15.82 1.73 -34.16
N LEU B 137 -16.67 0.74 -33.92
CA LEU B 137 -16.36 -0.57 -33.38
C LEU B 137 -16.53 -1.63 -34.45
N ILE B 138 -15.51 -2.45 -34.67
CA ILE B 138 -15.44 -3.37 -35.80
C ILE B 138 -15.30 -4.77 -35.22
N SER B 139 -16.27 -5.65 -35.43
CA SER B 139 -16.44 -6.90 -34.68
C SER B 139 -16.75 -8.09 -35.58
N ASP B 140 -16.27 -9.27 -35.19
CA ASP B 140 -16.60 -10.56 -35.79
C ASP B 140 -16.19 -10.71 -37.26
N PHE B 141 -14.97 -10.34 -37.63
CA PHE B 141 -14.44 -10.46 -38.99
C PHE B 141 -13.23 -11.39 -39.13
N TYR B 142 -13.06 -12.04 -40.29
CA TYR B 142 -11.92 -12.89 -40.62
C TYR B 142 -11.77 -12.97 -42.15
N PRO B 143 -10.56 -12.84 -42.73
CA PRO B 143 -9.25 -12.64 -42.12
C PRO B 143 -9.13 -11.31 -41.38
N GLY B 144 -8.01 -11.12 -40.68
CA GLY B 144 -7.86 -10.08 -39.68
C GLY B 144 -7.30 -8.75 -40.13
N VAL B 145 -7.14 -8.48 -41.43
CA VAL B 145 -6.73 -7.16 -41.91
C VAL B 145 -7.93 -6.40 -42.46
N VAL B 146 -8.02 -5.12 -42.09
CA VAL B 146 -9.06 -4.15 -42.47
C VAL B 146 -8.45 -2.84 -42.91
N LYS B 147 -9.03 -2.22 -43.95
CA LYS B 147 -8.82 -0.81 -44.31
C LYS B 147 -9.98 -0.02 -43.72
N VAL B 148 -9.70 1.11 -43.08
CA VAL B 148 -10.74 1.94 -42.43
C VAL B 148 -10.41 3.42 -42.53
N ALA B 149 -11.41 4.22 -42.92
CA ALA B 149 -11.31 5.66 -43.17
C ALA B 149 -12.61 6.37 -42.78
N TRP B 150 -12.48 7.62 -42.32
CA TRP B 150 -13.61 8.48 -42.00
C TRP B 150 -13.89 9.50 -43.11
N LYS B 151 -15.15 9.95 -43.21
CA LYS B 151 -15.59 11.08 -44.03
C LYS B 151 -16.40 12.11 -43.22
N ALA B 152 -16.24 13.39 -43.56
CA ALA B 152 -17.06 14.54 -43.15
C ALA B 152 -17.86 15.08 -44.35
N ASP B 153 -19.19 15.12 -44.26
CA ASP B 153 -20.11 15.52 -45.35
C ASP B 153 -19.82 14.80 -46.68
N GLY B 154 -19.38 13.54 -46.63
CA GLY B 154 -19.02 12.75 -47.81
C GLY B 154 -17.60 12.96 -48.35
N SER B 155 -16.72 13.65 -47.62
CA SER B 155 -15.32 13.94 -48.01
C SER B 155 -14.30 13.45 -46.99
N ALA B 156 -13.17 12.91 -47.45
CA ALA B 156 -12.22 12.16 -46.63
C ALA B 156 -11.49 13.01 -45.58
N VAL B 157 -11.29 12.44 -44.38
CA VAL B 157 -10.64 13.08 -43.21
C VAL B 157 -9.31 12.40 -42.88
N ASN B 158 -8.22 13.17 -42.83
CA ASN B 158 -6.84 12.67 -42.66
C ASN B 158 -6.08 13.30 -41.47
N ALA B 159 -6.79 13.80 -40.46
CA ALA B 159 -6.21 14.25 -39.19
C ALA B 159 -7.19 14.09 -38.02
N GLY B 160 -6.67 13.94 -36.79
CA GLY B 160 -7.47 13.74 -35.58
C GLY B 160 -7.96 12.30 -35.34
N VAL B 161 -7.34 11.31 -35.98
CA VAL B 161 -7.81 9.92 -36.05
C VAL B 161 -6.84 8.97 -35.34
N GLU B 162 -7.34 7.92 -34.70
CA GLU B 162 -6.55 6.77 -34.27
C GLU B 162 -7.33 5.47 -34.42
N THR B 163 -6.64 4.38 -34.73
CA THR B 163 -7.21 3.05 -35.01
C THR B 163 -6.33 1.96 -34.40
N THR B 164 -6.95 0.91 -33.85
CA THR B 164 -6.22 -0.24 -33.26
C THR B 164 -5.56 -1.11 -34.31
N THR B 165 -4.46 -1.76 -33.97
CA THR B 165 -4.08 -3.02 -34.61
C THR B 165 -5.10 -4.10 -34.20
N PRO B 166 -5.73 -4.83 -35.13
CA PRO B 166 -6.77 -5.81 -34.82
C PRO B 166 -6.38 -6.88 -33.81
N SER B 167 -7.37 -7.48 -33.16
CA SER B 167 -7.22 -8.39 -32.03
C SER B 167 -8.16 -9.58 -32.14
N LYS B 168 -7.70 -10.78 -31.84
CA LYS B 168 -8.53 -11.99 -31.95
C LYS B 168 -9.47 -12.14 -30.76
N GLN B 169 -10.73 -12.42 -31.04
CA GLN B 169 -11.73 -12.75 -30.04
C GLN B 169 -11.62 -14.22 -29.61
N SER B 170 -12.37 -14.60 -28.58
CA SER B 170 -12.58 -15.98 -28.14
C SER B 170 -12.90 -16.97 -29.27
N ASN B 171 -13.69 -16.54 -30.24
CA ASN B 171 -14.21 -17.30 -31.38
C ASN B 171 -13.27 -17.34 -32.59
N ASN B 172 -12.04 -16.88 -32.43
CA ASN B 172 -10.99 -16.78 -33.46
C ASN B 172 -11.21 -15.73 -34.56
N LYS B 173 -12.38 -15.11 -34.67
CA LYS B 173 -12.60 -13.90 -35.49
C LYS B 173 -11.91 -12.70 -34.83
N TYR B 174 -11.78 -11.60 -35.55
CA TYR B 174 -11.12 -10.39 -35.10
C TYR B 174 -12.10 -9.28 -34.73
N ALA B 175 -11.63 -8.42 -33.83
CA ALA B 175 -12.16 -7.12 -33.52
C ALA B 175 -11.10 -6.04 -33.76
N ALA B 176 -11.56 -4.81 -33.94
CA ALA B 176 -10.75 -3.60 -34.00
C ALA B 176 -11.63 -2.42 -33.60
N SER B 177 -11.02 -1.26 -33.40
CA SER B 177 -11.77 -0.01 -33.24
C SER B 177 -11.02 1.19 -33.79
N SER B 178 -11.78 2.19 -34.21
CA SER B 178 -11.30 3.48 -34.66
C SER B 178 -12.01 4.59 -33.91
N TYR B 179 -11.29 5.67 -33.65
CA TYR B 179 -11.74 6.87 -32.96
C TYR B 179 -11.39 8.12 -33.76
N LEU B 180 -12.33 9.05 -33.84
CA LEU B 180 -12.10 10.40 -34.38
C LEU B 180 -12.25 11.43 -33.24
N SER B 181 -11.24 12.26 -33.02
CA SER B 181 -11.18 13.19 -31.89
C SER B 181 -11.31 14.65 -32.36
N LEU B 182 -12.33 15.35 -31.89
CA LEU B 182 -12.81 16.64 -32.39
C LEU B 182 -13.06 17.63 -31.24
N THR B 183 -13.08 18.92 -31.56
CA THR B 183 -13.73 19.92 -30.71
C THR B 183 -15.24 19.98 -31.01
N SER B 184 -16.03 20.59 -30.15
CA SER B 184 -17.48 20.76 -30.37
C SER B 184 -17.83 21.54 -31.62
N ASP B 185 -17.07 22.59 -31.95
CA ASP B 185 -17.20 23.29 -33.22
C ASP B 185 -16.99 22.39 -34.42
N GLN B 186 -16.01 21.48 -34.38
CA GLN B 186 -15.70 20.55 -35.47
C GLN B 186 -16.71 19.41 -35.57
N TRP B 187 -17.33 18.99 -34.47
CA TRP B 187 -18.50 18.11 -34.49
C TRP B 187 -19.70 18.78 -35.17
N LYS B 188 -20.03 20.00 -34.73
CA LYS B 188 -21.16 20.81 -35.22
C LYS B 188 -21.01 21.32 -36.66
N SER B 189 -19.79 21.44 -37.17
CA SER B 189 -19.49 21.93 -38.52
C SER B 189 -20.12 21.11 -39.67
N HIS B 190 -20.43 19.82 -39.45
CA HIS B 190 -20.80 18.88 -40.52
C HIS B 190 -22.10 18.13 -40.21
N LYS B 191 -23.00 18.07 -41.18
CA LYS B 191 -24.36 17.55 -40.98
C LYS B 191 -24.36 16.02 -40.96
N SER B 192 -23.35 15.37 -41.51
CA SER B 192 -23.09 13.95 -41.21
C SER B 192 -21.61 13.56 -41.33
N TYR B 193 -21.20 12.59 -40.52
CA TYR B 193 -19.92 11.92 -40.54
C TYR B 193 -20.13 10.43 -40.80
N SER B 194 -19.21 9.78 -41.50
CA SER B 194 -19.29 8.36 -41.81
C SER B 194 -17.98 7.66 -41.51
N CYS B 195 -18.06 6.44 -40.96
CA CYS B 195 -16.92 5.55 -40.88
C CYS B 195 -17.09 4.46 -41.93
N GLN B 196 -16.09 4.29 -42.78
CA GLN B 196 -16.05 3.36 -43.87
C GLN B 196 -14.98 2.33 -43.60
N VAL B 197 -15.34 1.05 -43.60
CA VAL B 197 -14.48 -0.09 -43.32
C VAL B 197 -14.52 -1.02 -44.51
N THR B 198 -13.38 -1.36 -45.09
CA THR B 198 -13.29 -2.29 -46.22
C THR B 198 -12.53 -3.56 -45.84
N HIS B 199 -13.15 -4.70 -46.08
CA HIS B 199 -12.69 -6.03 -45.70
C HIS B 199 -12.84 -7.00 -46.86
N GLU B 200 -11.72 -7.60 -47.28
CA GLU B 200 -11.65 -8.45 -48.48
C GLU B 200 -12.29 -7.79 -49.72
N GLY B 201 -12.00 -6.49 -49.93
CA GLY B 201 -12.51 -5.68 -51.03
C GLY B 201 -14.00 -5.31 -50.96
N SER B 202 -14.79 -5.96 -50.12
CA SER B 202 -16.18 -5.58 -49.80
C SER B 202 -16.20 -4.47 -48.75
N THR B 203 -17.12 -3.51 -48.83
CA THR B 203 -17.13 -2.32 -47.96
C THR B 203 -18.38 -2.29 -47.12
N VAL B 204 -18.20 -2.04 -45.82
CA VAL B 204 -19.24 -1.68 -44.85
C VAL B 204 -19.06 -0.20 -44.49
N GLU B 205 -20.14 0.57 -44.53
CA GLU B 205 -20.14 1.97 -44.16
C GLU B 205 -21.28 2.22 -43.17
N LYS B 206 -20.99 3.00 -42.13
CA LYS B 206 -21.95 3.40 -41.12
C LYS B 206 -21.88 4.91 -40.94
N THR B 207 -23.02 5.54 -40.70
CA THR B 207 -23.23 6.98 -40.85
C THR B 207 -23.89 7.57 -39.60
N VAL B 208 -23.44 8.74 -39.16
CA VAL B 208 -24.00 9.44 -37.99
C VAL B 208 -24.05 10.95 -38.19
N ALA B 209 -24.95 11.62 -37.46
CA ALA B 209 -25.25 13.04 -37.56
C ALA B 209 -25.74 13.58 -36.19
N PRO B 210 -25.59 14.88 -35.89
CA PRO B 210 -26.24 15.53 -34.74
C PRO B 210 -27.75 15.24 -34.64
N ALA B 211 -28.22 14.84 -33.45
CA ALA B 211 -29.58 14.35 -33.18
C ALA B 211 -30.10 13.38 -34.25
N GLN C 1 -2.44 -12.94 31.76
CA GLN C 1 -2.37 -11.80 30.86
C GLN C 1 -3.01 -12.09 29.50
N VAL C 2 -3.33 -13.34 29.19
CA VAL C 2 -3.73 -13.77 27.85
C VAL C 2 -5.11 -13.25 27.49
N GLN C 3 -5.20 -12.53 26.39
CA GLN C 3 -6.45 -12.11 25.79
C GLN C 3 -6.42 -12.35 24.29
N LEU C 4 -7.57 -12.75 23.75
CA LEU C 4 -7.82 -13.00 22.34
C LEU C 4 -8.94 -12.09 21.88
N GLN C 5 -8.89 -11.57 20.66
CA GLN C 5 -9.94 -10.73 20.14
C GLN C 5 -10.04 -10.82 18.63
N GLU C 6 -11.23 -11.07 18.10
CA GLU C 6 -11.47 -11.20 16.68
C GLU C 6 -11.55 -9.83 16.00
N SER C 7 -10.89 -9.69 14.86
CA SER C 7 -10.97 -8.52 13.98
C SER C 7 -11.32 -8.95 12.59
N GLY C 8 -12.16 -8.18 11.92
CA GLY C 8 -12.67 -8.53 10.61
C GLY C 8 -13.81 -7.63 10.15
N PRO C 9 -14.21 -7.77 8.88
CA PRO C 9 -14.99 -6.77 8.17
C PRO C 9 -16.49 -6.81 8.47
N GLY C 10 -17.00 -7.83 9.15
CA GLY C 10 -18.37 -7.87 9.70
C GLY C 10 -19.52 -7.97 8.69
N LEU C 11 -19.34 -7.49 7.47
CA LEU C 11 -20.27 -7.58 6.36
C LEU C 11 -19.49 -7.91 5.08
N VAL C 12 -19.87 -8.95 4.35
CA VAL C 12 -19.20 -9.39 3.11
C VAL C 12 -20.21 -9.82 2.04
N LYS C 13 -19.78 -9.77 0.78
CA LYS C 13 -20.61 -10.14 -0.36
C LYS C 13 -20.43 -11.63 -0.70
N PRO C 14 -21.49 -12.32 -1.12
CA PRO C 14 -21.37 -13.67 -1.62
C PRO C 14 -20.27 -13.83 -2.70
N SER C 15 -19.75 -15.05 -2.84
CA SER C 15 -18.60 -15.42 -3.69
C SER C 15 -17.23 -14.85 -3.29
N GLU C 16 -17.15 -13.89 -2.36
CA GLU C 16 -15.88 -13.39 -1.84
C GLU C 16 -15.15 -14.39 -0.93
N THR C 17 -13.91 -14.09 -0.60
CA THR C 17 -13.32 -14.57 0.66
C THR C 17 -13.94 -13.82 1.82
N LEU C 18 -14.21 -14.48 2.94
CA LEU C 18 -14.37 -13.80 4.23
C LEU C 18 -13.14 -14.05 5.10
N SER C 19 -12.61 -12.98 5.66
CA SER C 19 -11.34 -12.97 6.37
C SER C 19 -11.48 -12.44 7.78
N LEU C 20 -10.73 -13.03 8.69
CA LEU C 20 -10.76 -12.76 10.12
C LEU C 20 -9.36 -12.92 10.67
N THR C 21 -8.97 -12.10 11.63
CA THR C 21 -7.78 -12.36 12.45
C THR C 21 -8.19 -12.46 13.89
N CYS C 22 -7.43 -13.21 14.67
CA CYS C 22 -7.49 -13.21 16.11
C CYS C 22 -6.18 -12.63 16.62
N ALA C 23 -6.28 -11.54 17.37
CA ALA C 23 -5.17 -10.86 17.96
C ALA C 23 -4.78 -11.51 19.27
N VAL C 24 -3.61 -12.13 19.33
CA VAL C 24 -3.12 -12.81 20.52
C VAL C 24 -2.20 -11.89 21.30
N SER C 25 -2.42 -11.83 22.60
CA SER C 25 -1.71 -10.94 23.49
C SER C 25 -1.40 -11.65 24.78
N GLY C 26 -0.34 -11.25 25.48
CA GLY C 26 0.12 -11.88 26.72
C GLY C 26 0.86 -13.21 26.58
N VAL C 27 0.92 -13.77 25.38
CA VAL C 27 1.58 -15.04 25.05
C VAL C 27 1.99 -15.05 23.58
N SER C 28 3.08 -15.72 23.25
CA SER C 28 3.58 -15.78 21.88
C SER C 28 2.81 -16.79 21.04
N ILE C 29 2.55 -16.47 19.79
CA ILE C 29 1.81 -17.34 18.88
C ILE C 29 2.52 -18.65 18.62
N ASN C 30 3.81 -18.72 18.90
CA ASN C 30 4.60 -19.91 18.70
C ASN C 30 4.55 -20.90 19.85
N ASP C 31 4.02 -20.55 21.03
CA ASP C 31 4.26 -21.27 22.28
C ASP C 31 3.70 -22.70 22.36
N GLY C 32 3.13 -23.27 21.31
CA GLY C 32 2.70 -24.66 21.34
C GLY C 32 1.32 -24.83 21.94
N TYR C 33 0.37 -24.16 21.33
CA TYR C 33 -1.06 -24.19 21.60
C TYR C 33 -1.82 -24.43 20.30
N ASP C 34 -3.05 -24.91 20.41
CA ASP C 34 -3.94 -25.05 19.27
C ASP C 34 -4.80 -23.80 19.14
N TRP C 35 -4.36 -22.90 18.29
CA TRP C 35 -5.11 -21.71 17.94
C TRP C 35 -6.27 -22.12 17.05
N THR C 36 -7.48 -22.05 17.59
CA THR C 36 -8.67 -22.73 17.07
C THR C 36 -9.74 -21.74 16.67
N TRP C 37 -10.48 -22.04 15.61
CA TRP C 37 -11.63 -21.28 15.12
C TRP C 37 -12.91 -22.08 15.29
N ILE C 38 -13.97 -21.40 15.73
CA ILE C 38 -15.31 -21.93 15.97
C ILE C 38 -16.29 -20.91 15.42
N ARG C 39 -17.46 -21.32 14.93
CA ARG C 39 -18.55 -20.40 14.59
C ARG C 39 -19.87 -20.88 15.14
N GLN C 40 -20.83 -19.99 15.19
CA GLN C 40 -22.16 -20.21 15.70
C GLN C 40 -23.17 -19.37 14.93
N THR C 41 -23.93 -19.96 14.02
CA THR C 41 -25.08 -19.25 13.47
C THR C 41 -26.01 -18.90 14.64
N PRO C 42 -26.54 -17.67 14.76
CA PRO C 42 -27.22 -17.24 15.97
C PRO C 42 -28.27 -18.22 16.51
N GLY C 43 -28.18 -18.54 17.80
CA GLY C 43 -28.90 -19.65 18.43
C GLY C 43 -28.33 -21.03 18.08
N LYS C 44 -28.23 -21.36 16.79
CA LYS C 44 -28.13 -22.72 16.23
C LYS C 44 -26.90 -23.56 16.58
N GLY C 45 -25.98 -23.10 17.42
CA GLY C 45 -24.96 -23.96 18.03
C GLY C 45 -23.62 -24.06 17.29
N LEU C 46 -22.64 -24.64 17.96
CA LEU C 46 -21.22 -24.50 17.63
C LEU C 46 -20.78 -25.43 16.49
N GLU C 47 -20.04 -24.90 15.53
CA GLU C 47 -19.30 -25.66 14.52
C GLU C 47 -17.80 -25.45 14.77
N TRP C 48 -17.02 -26.51 14.89
CA TRP C 48 -15.57 -26.43 14.92
C TRP C 48 -15.03 -26.27 13.49
N ILE C 49 -14.33 -25.17 13.19
CA ILE C 49 -13.81 -24.89 11.87
C ILE C 49 -12.48 -25.58 11.64
N GLY C 50 -11.54 -25.45 12.56
CA GLY C 50 -10.19 -25.96 12.43
C GLY C 50 -9.27 -25.36 13.47
N TYR C 51 -7.98 -25.65 13.34
CA TYR C 51 -6.94 -25.15 14.23
C TYR C 51 -5.61 -24.98 13.52
N VAL C 52 -4.66 -24.28 14.14
CA VAL C 52 -3.25 -24.24 13.78
C VAL C 52 -2.37 -24.42 14.99
N PHE C 53 -1.30 -25.19 14.89
CA PHE C 53 -0.39 -25.43 15.99
C PHE C 53 0.66 -24.34 16.07
N GLY C 54 0.79 -23.73 17.23
CA GLY C 54 1.69 -22.62 17.42
C GLY C 54 3.12 -22.91 16.99
N ARG C 55 3.73 -23.95 17.56
CA ARG C 55 5.17 -24.21 17.45
C ARG C 55 5.67 -24.53 16.05
N SER C 56 4.82 -25.05 15.18
CA SER C 56 5.19 -25.47 13.84
C SER C 56 4.42 -24.82 12.70
N GLY C 57 3.17 -24.42 12.91
CA GLY C 57 2.29 -23.96 11.84
C GLY C 57 1.48 -25.05 11.16
N ASN C 58 1.51 -26.30 11.60
CA ASN C 58 0.61 -27.35 11.13
C ASN C 58 -0.84 -26.93 11.32
N PHE C 59 -1.71 -27.06 10.31
CA PHE C 59 -3.11 -26.66 10.41
C PHE C 59 -4.05 -27.68 9.80
N ASN C 60 -5.28 -27.75 10.31
CA ASN C 60 -6.31 -28.64 9.78
C ASN C 60 -7.70 -28.03 9.98
N LEU C 61 -8.63 -28.38 9.10
CA LEU C 61 -10.01 -27.93 9.13
C LEU C 61 -10.96 -29.11 9.07
N ASN C 62 -12.21 -28.91 9.46
CA ASN C 62 -13.24 -29.91 9.24
C ASN C 62 -13.40 -30.17 7.72
N PRO C 63 -13.80 -31.36 7.28
CA PRO C 63 -13.74 -31.73 5.89
C PRO C 63 -14.76 -30.98 5.04
N SER C 64 -15.84 -30.50 5.67
CA SER C 64 -16.81 -29.59 5.07
C SER C 64 -16.25 -28.24 4.65
N LEU C 65 -15.06 -27.86 5.13
CA LEU C 65 -14.43 -26.57 4.88
C LEU C 65 -13.04 -26.65 4.23
N ARG C 66 -12.37 -27.81 4.15
CA ARG C 66 -11.05 -27.89 3.50
C ARG C 66 -11.04 -27.41 2.05
N ASN C 67 -12.17 -27.50 1.35
CA ASN C 67 -12.33 -26.98 -0.01
C ASN C 67 -12.52 -25.46 -0.09
N ARG C 68 -12.38 -24.75 1.03
CA ARG C 68 -12.62 -23.31 1.15
C ARG C 68 -11.58 -22.60 1.99
N GLY C 69 -11.06 -23.28 2.99
CA GLY C 69 -10.48 -22.66 4.15
C GLY C 69 -8.99 -22.84 4.29
N ILE C 70 -8.36 -21.80 4.81
CA ILE C 70 -7.01 -21.82 5.35
C ILE C 70 -7.02 -21.12 6.70
N ILE C 71 -6.26 -21.67 7.64
CA ILE C 71 -5.96 -21.03 8.91
C ILE C 71 -4.46 -20.85 8.91
N SER C 72 -4.02 -19.63 9.13
CA SER C 72 -2.61 -19.26 9.05
C SER C 72 -2.19 -18.53 10.29
N LYS C 73 -0.89 -18.43 10.48
CA LYS C 73 -0.24 -17.90 11.67
C LYS C 73 0.71 -16.77 11.28
N ASP C 74 0.57 -15.60 11.90
CA ASP C 74 1.42 -14.44 11.69
C ASP C 74 2.31 -14.20 12.91
N THR C 75 3.60 -14.33 12.70
CA THR C 75 4.66 -14.23 13.70
C THR C 75 5.21 -12.83 13.83
N CYS C 76 4.93 -11.97 12.86
CA CYS C 76 5.28 -10.58 12.93
C CYS C 76 4.34 -9.80 13.83
N LYS C 77 3.03 -10.03 13.65
CA LYS C 77 1.93 -9.42 14.39
C LYS C 77 1.46 -10.16 15.63
N ASN C 78 1.81 -11.43 15.83
CA ASN C 78 1.32 -12.32 16.89
C ASN C 78 -0.17 -12.62 16.76
N GLN C 79 -0.55 -13.24 15.66
CA GLN C 79 -1.93 -13.48 15.29
C GLN C 79 -2.12 -14.81 14.61
N PHE C 80 -3.36 -15.25 14.51
CA PHE C 80 -3.74 -16.28 13.59
C PHE C 80 -5.01 -15.87 12.90
N SER C 81 -5.30 -16.40 11.74
CA SER C 81 -6.36 -15.89 10.89
C SER C 81 -7.08 -16.99 10.17
N LEU C 82 -8.34 -16.75 9.85
CA LEU C 82 -9.19 -17.62 9.07
C LEU C 82 -9.52 -16.90 7.79
N ASN C 83 -9.35 -17.56 6.66
CA ASN C 83 -9.92 -17.14 5.40
C ASN C 83 -10.79 -18.25 4.85
N LEU C 84 -12.05 -17.98 4.56
CA LEU C 84 -12.96 -18.90 3.87
C LEU C 84 -13.33 -18.33 2.50
N ASN C 85 -12.98 -19.05 1.44
CA ASN C 85 -13.27 -18.68 0.07
C ASN C 85 -14.71 -19.01 -0.32
N SER C 86 -15.15 -18.42 -1.41
CA SER C 86 -16.45 -18.67 -2.04
C SER C 86 -17.61 -18.54 -1.05
N ALA C 87 -17.69 -17.41 -0.36
CA ALA C 87 -18.66 -17.18 0.71
C ALA C 87 -20.10 -17.32 0.24
N THR C 88 -20.98 -17.70 1.15
CA THR C 88 -22.39 -18.01 0.91
C THR C 88 -23.23 -17.42 2.04
N ALA C 89 -24.53 -17.18 1.86
CA ALA C 89 -25.32 -16.60 2.95
C ALA C 89 -25.30 -17.46 4.23
N ALA C 90 -25.07 -18.76 4.07
CA ALA C 90 -25.00 -19.75 5.13
C ALA C 90 -23.81 -19.54 6.08
N ASP C 91 -22.76 -18.85 5.66
CA ASP C 91 -21.61 -18.54 6.50
C ASP C 91 -21.86 -17.38 7.47
N THR C 92 -23.06 -16.82 7.45
CA THR C 92 -23.48 -15.82 8.43
C THR C 92 -23.52 -16.46 9.81
N ALA C 93 -22.61 -16.03 10.68
CA ALA C 93 -22.42 -16.59 12.00
C ALA C 93 -21.63 -15.65 12.89
N VAL C 94 -21.73 -15.85 14.20
CA VAL C 94 -20.74 -15.35 15.13
C VAL C 94 -19.52 -16.25 15.02
N TYR C 95 -18.36 -15.67 14.76
CA TYR C 95 -17.07 -16.36 14.72
C TYR C 95 -16.31 -16.09 16.01
N PHE C 96 -15.75 -17.13 16.59
CA PHE C 96 -14.96 -17.10 17.81
C PHE C 96 -13.60 -17.65 17.51
N CYS C 97 -12.58 -17.09 18.15
CA CYS C 97 -11.25 -17.62 18.20
C CYS C 97 -10.90 -18.02 19.62
N ALA C 98 -10.18 -19.13 19.75
CA ALA C 98 -9.97 -19.78 21.02
C ALA C 98 -8.61 -20.45 21.07
N ARG C 99 -8.10 -20.69 22.27
CA ARG C 99 -6.82 -21.34 22.53
C ARG C 99 -7.03 -22.67 23.23
N GLY C 100 -6.58 -23.76 22.63
CA GLY C 100 -6.55 -25.06 23.27
C GLY C 100 -5.70 -25.08 24.53
N MET C 101 -6.11 -25.90 25.49
CA MET C 101 -5.49 -26.02 26.80
C MET C 101 -4.09 -26.64 26.77
N GLU C 102 -3.16 -26.10 27.55
CA GLU C 102 -1.74 -26.36 27.33
C GLU C 102 -1.36 -27.82 27.43
N GLY C 103 -0.75 -28.34 26.38
CA GLY C 103 -0.05 -29.62 26.38
C GLY C 103 -0.91 -30.87 26.42
N LEU C 104 -2.24 -30.76 26.39
CA LEU C 104 -3.10 -31.92 26.28
C LEU C 104 -2.92 -32.57 24.92
N PHE C 105 -3.18 -33.85 24.85
CA PHE C 105 -3.50 -34.46 23.57
C PHE C 105 -4.85 -33.91 23.09
N ALA C 106 -4.94 -33.53 21.81
CA ALA C 106 -6.11 -32.89 21.19
C ALA C 106 -6.56 -31.60 21.88
N ALA C 107 -5.64 -30.68 22.18
CA ALA C 107 -5.99 -29.43 22.83
C ALA C 107 -6.96 -28.53 22.04
N TYR C 108 -7.09 -28.65 20.71
CA TYR C 108 -8.16 -28.05 19.91
C TYR C 108 -9.57 -28.48 20.31
N ASN C 109 -9.71 -29.49 21.16
CA ASN C 109 -10.97 -29.91 21.74
C ASN C 109 -11.26 -29.29 23.11
N SER C 110 -10.25 -28.82 23.84
CA SER C 110 -10.38 -28.36 25.22
C SER C 110 -10.05 -26.89 25.29
N LEU C 111 -11.00 -26.02 24.92
CA LEU C 111 -10.78 -24.61 24.60
C LEU C 111 -10.87 -23.73 25.82
N ASP C 112 -9.71 -23.48 26.38
CA ASP C 112 -9.42 -22.83 27.65
C ASP C 112 -9.81 -21.34 27.68
N VAL C 113 -9.46 -20.61 26.62
CA VAL C 113 -9.52 -19.16 26.46
C VAL C 113 -10.21 -18.85 25.15
N TRP C 114 -11.12 -17.88 25.12
CA TRP C 114 -11.94 -17.48 23.98
C TRP C 114 -11.94 -15.96 23.83
N GLY C 115 -12.25 -15.46 22.64
CA GLY C 115 -12.49 -14.04 22.41
C GLY C 115 -13.92 -13.57 22.66
N ARG C 116 -14.21 -12.30 22.40
CA ARG C 116 -15.56 -11.72 22.42
C ARG C 116 -16.52 -12.45 21.49
N GLY C 117 -16.02 -12.89 20.33
CA GLY C 117 -16.82 -13.30 19.20
C GLY C 117 -17.19 -12.12 18.32
N LEU C 118 -17.20 -12.34 17.01
CA LEU C 118 -17.53 -11.33 16.02
C LEU C 118 -18.65 -11.82 15.13
N LEU C 119 -19.75 -11.08 15.05
CA LEU C 119 -20.81 -11.36 14.09
C LEU C 119 -20.37 -10.99 12.68
N VAL C 120 -20.42 -11.94 11.76
CA VAL C 120 -20.13 -11.71 10.36
C VAL C 120 -21.36 -12.05 9.55
N THR C 121 -21.86 -11.10 8.77
CA THR C 121 -22.99 -11.28 7.87
C THR C 121 -22.50 -11.40 6.44
N VAL C 122 -23.04 -12.37 5.70
CA VAL C 122 -22.82 -12.52 4.25
C VAL C 122 -24.11 -12.17 3.52
N SER C 123 -24.08 -11.14 2.67
CA SER C 123 -25.28 -10.54 2.09
C SER C 123 -25.07 -9.91 0.71
N SER C 124 -26.02 -10.11 -0.21
CA SER C 124 -26.24 -9.22 -1.35
C SER C 124 -27.14 -8.08 -0.89
N ALA C 125 -26.58 -6.91 -0.61
CA ALA C 125 -27.33 -5.76 -0.16
C ALA C 125 -26.59 -4.45 -0.45
N SER C 126 -27.25 -3.31 -0.18
CA SER C 126 -26.68 -1.98 -0.16
C SER C 126 -27.33 -1.14 0.94
N THR C 127 -26.63 -0.11 1.43
CA THR C 127 -27.05 0.74 2.56
C THR C 127 -28.38 1.41 2.30
N LYS C 128 -29.33 1.34 3.24
CA LYS C 128 -30.65 1.97 3.14
C LYS C 128 -31.04 2.67 4.43
N GLY C 129 -31.60 3.86 4.32
CA GLY C 129 -32.05 4.64 5.45
C GLY C 129 -33.47 4.28 5.90
N PRO C 130 -33.82 4.51 7.19
CA PRO C 130 -35.12 4.18 7.76
C PRO C 130 -36.29 5.03 7.24
N SER C 131 -37.38 4.38 6.83
CA SER C 131 -38.69 5.02 6.71
C SER C 131 -39.29 5.16 8.11
N VAL C 132 -39.63 6.35 8.55
CA VAL C 132 -40.00 6.64 9.96
C VAL C 132 -41.46 7.05 10.08
N PHE C 133 -42.18 6.48 11.03
CA PHE C 133 -43.62 6.69 11.21
C PHE C 133 -43.95 6.94 12.67
N PRO C 134 -44.82 7.90 13.01
CA PRO C 134 -45.57 7.84 14.27
C PRO C 134 -46.74 6.85 14.11
N LEU C 135 -47.28 6.26 15.19
CA LEU C 135 -48.35 5.26 15.06
C LEU C 135 -49.39 5.24 16.21
N ALA C 136 -50.61 4.78 15.87
CA ALA C 136 -51.86 5.17 16.51
C ALA C 136 -51.95 4.89 18.02
N PRO C 137 -51.92 5.93 18.89
CA PRO C 137 -52.08 5.78 20.34
C PRO C 137 -53.31 4.97 20.78
N SER C 138 -53.16 4.24 21.88
CA SER C 138 -54.15 3.27 22.38
C SER C 138 -55.31 3.93 23.17
N SER C 139 -56.12 4.82 22.54
CA SER C 139 -57.02 5.75 23.26
C SER C 139 -58.41 5.23 23.61
N ARG C 140 -59.14 4.63 22.66
CA ARG C 140 -60.55 4.25 22.81
C ARG C 140 -60.75 3.16 23.86
N SER C 141 -59.83 2.21 23.92
CA SER C 141 -59.88 1.00 24.74
C SER C 141 -58.56 0.77 25.45
N THR C 142 -58.49 1.15 26.73
CA THR C 142 -57.29 1.08 27.57
C THR C 142 -57.66 1.11 29.05
N SER C 143 -56.74 0.75 29.95
CA SER C 143 -56.90 1.03 31.39
C SER C 143 -57.07 2.53 31.60
N GLU C 144 -58.14 2.98 32.29
CA GLU C 144 -58.43 4.40 32.50
C GLU C 144 -57.23 5.13 33.14
N SER C 145 -56.90 6.31 32.63
CA SER C 145 -55.69 7.08 32.99
C SER C 145 -54.35 6.40 32.69
N THR C 146 -54.25 5.54 31.66
CA THR C 146 -52.98 5.09 31.07
C THR C 146 -53.15 4.73 29.58
N ALA C 147 -52.11 4.93 28.76
CA ALA C 147 -52.07 4.59 27.35
C ALA C 147 -50.64 4.31 26.86
N ALA C 148 -50.52 3.53 25.79
CA ALA C 148 -49.28 3.24 25.09
C ALA C 148 -49.33 3.75 23.64
N LEU C 149 -48.19 4.24 23.16
CA LEU C 149 -47.99 4.84 21.85
C LEU C 149 -46.51 4.79 21.47
N GLY C 150 -46.14 5.20 20.25
CA GLY C 150 -44.73 5.11 19.85
C GLY C 150 -44.37 5.69 18.50
N CYS C 151 -43.23 5.23 17.98
CA CYS C 151 -42.69 5.57 16.69
C CYS C 151 -42.07 4.30 16.07
N LEU C 152 -42.16 4.13 14.76
CA LEU C 152 -41.81 2.92 14.01
C LEU C 152 -40.75 3.24 12.97
N VAL C 153 -39.83 2.29 12.79
CA VAL C 153 -38.67 2.39 11.90
C VAL C 153 -38.65 1.18 10.97
N LYS C 154 -38.72 1.40 9.67
CA LYS C 154 -38.81 0.34 8.66
C LYS C 154 -37.60 0.28 7.76
N ASP C 155 -37.35 -0.91 7.26
CA ASP C 155 -36.58 -1.20 6.06
C ASP C 155 -35.19 -0.54 5.95
N TYR C 156 -34.47 -0.47 7.06
CA TYR C 156 -33.10 0.08 7.10
C TYR C 156 -32.06 -1.02 6.95
N PHE C 157 -30.89 -0.67 6.45
CA PHE C 157 -29.74 -1.57 6.38
C PHE C 157 -28.45 -0.75 6.39
N PRO C 158 -27.38 -1.23 7.06
CA PRO C 158 -27.35 -2.31 8.03
C PRO C 158 -27.71 -1.79 9.43
N GLU C 159 -27.60 -2.65 10.43
CA GLU C 159 -27.66 -2.27 11.84
C GLU C 159 -26.44 -1.43 12.25
N PRO C 160 -26.48 -0.70 13.38
CA PRO C 160 -27.61 -0.45 14.28
C PRO C 160 -28.41 0.82 13.95
N VAL C 161 -29.39 1.16 14.80
CA VAL C 161 -30.14 2.42 14.79
C VAL C 161 -30.17 2.99 16.22
N THR C 162 -30.19 4.32 16.34
CA THR C 162 -30.49 5.03 17.60
C THR C 162 -31.92 5.53 17.58
N VAL C 163 -32.67 5.35 18.66
CA VAL C 163 -33.89 6.15 18.89
C VAL C 163 -33.84 6.77 20.28
N SER C 164 -34.10 8.07 20.34
CA SER C 164 -34.22 8.88 21.56
C SER C 164 -35.59 9.55 21.59
N TRP C 165 -36.12 9.77 22.78
CA TRP C 165 -37.38 10.46 22.98
C TRP C 165 -37.11 11.88 23.46
N ASN C 166 -37.57 12.88 22.69
CA ASN C 166 -37.13 14.27 22.81
C ASN C 166 -35.58 14.39 22.73
N SER C 167 -34.98 15.41 23.34
CA SER C 167 -33.53 15.60 23.50
C SER C 167 -32.89 14.63 24.51
N GLY C 168 -33.25 13.34 24.41
CA GLY C 168 -32.74 12.27 25.30
C GLY C 168 -33.28 12.32 26.73
N SER C 169 -34.38 13.02 26.96
CA SER C 169 -34.86 13.31 28.31
C SER C 169 -35.66 12.17 28.94
N LEU C 170 -36.32 11.34 28.15
CA LEU C 170 -37.32 10.40 28.64
C LEU C 170 -36.71 9.01 28.88
N THR C 171 -36.11 8.83 30.06
CA THR C 171 -35.32 7.64 30.43
C THR C 171 -36.15 6.37 30.70
N SER C 172 -37.43 6.54 31.00
CA SER C 172 -38.25 5.57 31.73
C SER C 172 -39.73 5.75 31.37
N GLY C 173 -40.54 4.71 31.57
CA GLY C 173 -41.86 4.63 30.92
C GLY C 173 -41.75 4.36 29.41
N VAL C 174 -40.60 3.83 29.00
CA VAL C 174 -40.09 3.80 27.63
C VAL C 174 -39.48 2.42 27.37
N HIS C 175 -39.66 1.91 26.15
CA HIS C 175 -38.99 0.68 25.72
C HIS C 175 -38.65 0.78 24.21
N THR C 176 -37.62 0.07 23.75
CA THR C 176 -37.29 -0.06 22.34
C THR C 176 -37.05 -1.53 22.02
N PHE C 177 -37.67 -2.03 20.97
CA PHE C 177 -37.60 -3.44 20.62
C PHE C 177 -36.38 -3.75 19.77
N PRO C 178 -35.74 -4.93 19.95
CA PRO C 178 -34.85 -5.50 18.95
C PRO C 178 -35.44 -5.53 17.54
N ALA C 179 -34.57 -5.59 16.54
CA ALA C 179 -35.00 -5.68 15.14
C ALA C 179 -35.55 -7.04 14.78
N VAL C 180 -36.45 -7.05 13.80
CA VAL C 180 -36.70 -8.22 12.96
C VAL C 180 -36.17 -7.95 11.56
N LEU C 181 -35.43 -8.91 11.03
CA LEU C 181 -34.92 -8.93 9.67
C LEU C 181 -35.96 -9.57 8.77
N GLN C 182 -36.41 -8.84 7.77
CA GLN C 182 -37.40 -9.33 6.81
C GLN C 182 -36.73 -10.13 5.70
N SER C 183 -37.45 -11.01 5.03
CA SER C 183 -36.90 -11.87 3.95
C SER C 183 -36.32 -11.10 2.77
N SER C 184 -36.62 -9.81 2.65
CA SER C 184 -35.99 -8.87 1.72
C SER C 184 -34.52 -8.58 2.00
N GLY C 185 -34.05 -8.83 3.22
CA GLY C 185 -32.72 -8.48 3.71
C GLY C 185 -32.71 -7.22 4.57
N LEU C 186 -33.86 -6.60 4.84
CA LEU C 186 -33.94 -5.31 5.51
C LEU C 186 -34.51 -5.40 6.92
N TYR C 187 -33.95 -4.63 7.84
CA TYR C 187 -34.24 -4.66 9.27
C TYR C 187 -35.34 -3.67 9.61
N SER C 188 -36.16 -3.97 10.61
CA SER C 188 -37.18 -3.05 11.10
C SER C 188 -37.41 -3.19 12.61
N LEU C 189 -37.72 -2.10 13.30
CA LEU C 189 -37.96 -2.08 14.75
C LEU C 189 -38.89 -0.95 15.18
N SER C 190 -39.17 -0.83 16.47
CA SER C 190 -39.98 0.26 17.00
C SER C 190 -39.58 0.70 18.41
N SER C 191 -39.86 1.96 18.72
CA SER C 191 -39.82 2.54 20.07
C SER C 191 -41.25 2.75 20.59
N VAL C 192 -41.45 2.47 21.87
CA VAL C 192 -42.74 2.61 22.56
C VAL C 192 -42.53 3.50 23.78
N VAL C 193 -43.56 4.26 24.07
CA VAL C 193 -43.68 5.11 25.25
C VAL C 193 -45.05 4.88 25.88
N THR C 194 -45.12 5.05 27.19
CA THR C 194 -46.33 4.87 27.99
C THR C 194 -46.53 6.08 28.87
N VAL C 195 -47.79 6.49 29.02
CA VAL C 195 -48.22 7.77 29.62
C VAL C 195 -49.56 7.63 30.34
N PRO C 196 -49.88 8.51 31.29
CA PRO C 196 -51.26 8.68 31.73
C PRO C 196 -52.10 9.34 30.63
N SER C 197 -53.42 9.14 30.65
CA SER C 197 -54.34 9.88 29.78
C SER C 197 -54.22 11.40 29.99
N SER C 198 -53.73 11.84 31.16
CA SER C 198 -53.30 13.22 31.47
C SER C 198 -52.26 13.81 30.51
N SER C 199 -51.61 12.99 29.68
CA SER C 199 -50.63 13.42 28.68
C SER C 199 -51.18 13.42 27.25
N LEU C 200 -52.18 12.58 26.95
CA LEU C 200 -52.85 12.51 25.64
C LEU C 200 -53.49 13.87 25.27
N GLY C 201 -52.96 14.55 24.26
CA GLY C 201 -53.35 15.91 23.86
C GLY C 201 -52.75 17.04 24.70
N THR C 202 -52.08 16.73 25.81
CA THR C 202 -51.33 17.69 26.65
C THR C 202 -49.98 18.04 26.02
N GLN C 203 -49.34 17.08 25.34
CA GLN C 203 -48.20 17.30 24.46
C GLN C 203 -48.34 16.48 23.16
N THR C 204 -47.54 16.81 22.16
CA THR C 204 -47.11 15.84 21.13
C THR C 204 -45.59 15.69 21.20
N TYR C 205 -45.13 14.44 21.27
CA TYR C 205 -43.74 14.05 21.53
C TYR C 205 -42.95 13.96 20.23
N VAL C 206 -41.64 13.76 20.29
CA VAL C 206 -40.82 13.60 19.09
C VAL C 206 -39.81 12.46 19.24
N CYS C 207 -39.76 11.53 18.28
CA CYS C 207 -38.73 10.50 18.19
C CYS C 207 -37.55 11.07 17.41
N ASN C 208 -36.46 11.38 18.12
CA ASN C 208 -35.15 11.59 17.50
C ASN C 208 -34.60 10.23 17.04
N VAL C 209 -34.43 10.03 15.73
CA VAL C 209 -33.93 8.81 15.10
C VAL C 209 -32.60 9.11 14.41
N ASN C 210 -31.61 8.24 14.49
CA ASN C 210 -30.36 8.37 13.72
C ASN C 210 -29.85 7.02 13.21
N HIS C 211 -29.41 6.98 11.96
CA HIS C 211 -28.81 5.81 11.32
C HIS C 211 -27.49 6.19 10.66
N LYS C 212 -26.38 6.05 11.42
CA LYS C 212 -25.05 6.52 11.01
C LYS C 212 -24.65 6.11 9.58
N PRO C 213 -24.79 4.84 9.15
CA PRO C 213 -24.36 4.41 7.82
C PRO C 213 -24.99 5.15 6.63
N SER C 214 -26.22 5.64 6.77
CA SER C 214 -26.88 6.45 5.73
C SER C 214 -26.83 7.96 5.97
N ASN C 215 -26.35 8.38 7.15
CA ASN C 215 -26.51 9.74 7.70
C ASN C 215 -27.95 10.17 7.97
N THR C 216 -28.96 9.30 7.82
CA THR C 216 -30.38 9.68 7.97
C THR C 216 -30.72 9.97 9.43
N LYS C 217 -30.56 11.24 9.83
CA LYS C 217 -30.88 11.77 11.16
C LYS C 217 -32.14 12.63 11.10
N VAL C 218 -33.06 12.36 12.01
CA VAL C 218 -34.47 12.73 11.93
C VAL C 218 -34.99 13.05 13.33
N ASP C 219 -35.89 14.01 13.45
CA ASP C 219 -36.85 14.07 14.57
C ASP C 219 -38.24 13.97 13.94
N LYS C 220 -39.09 13.01 14.34
CA LYS C 220 -40.46 12.88 13.79
C LYS C 220 -41.51 12.85 14.90
N ARG C 221 -42.67 13.49 14.66
CA ARG C 221 -43.52 14.02 15.72
C ARG C 221 -44.82 13.22 15.91
N VAL C 222 -45.11 12.93 17.17
CA VAL C 222 -46.10 11.96 17.64
C VAL C 222 -47.45 12.66 17.82
N GLU C 223 -48.11 12.92 16.71
CA GLU C 223 -49.41 13.58 16.69
C GLU C 223 -50.54 12.62 17.11
N ILE C 224 -51.35 13.02 18.09
CA ILE C 224 -52.48 12.24 18.60
C ILE C 224 -53.60 12.16 17.54
N LYS C 225 -54.14 10.96 17.29
CA LYS C 225 -55.17 10.67 16.27
C LYS C 225 -56.20 9.64 16.76
N THR C 226 -57.42 9.69 16.22
CA THR C 226 -58.53 8.73 16.45
C THR C 226 -58.77 7.82 15.24
N ALA D 1 -21.38 -36.09 13.67
CA ALA D 1 -22.01 -35.30 14.71
C ALA D 1 -22.19 -36.11 16.02
N LEU D 2 -22.42 -35.40 17.13
CA LEU D 2 -22.73 -35.96 18.44
C LEU D 2 -24.12 -35.53 18.87
N THR D 3 -24.83 -36.45 19.53
CA THR D 3 -26.24 -36.28 19.81
C THR D 3 -26.45 -35.87 21.25
N GLN D 4 -27.26 -34.84 21.46
CA GLN D 4 -27.62 -34.31 22.76
C GLN D 4 -29.13 -34.17 22.90
N PRO D 5 -29.69 -34.18 24.12
CA PRO D 5 -31.08 -33.85 24.35
C PRO D 5 -31.31 -32.36 24.05
N PRO D 6 -32.18 -31.98 23.12
CA PRO D 6 -32.40 -30.60 22.72
C PRO D 6 -32.62 -29.63 23.88
N SER D 7 -33.38 -30.04 24.89
CA SER D 7 -33.54 -29.26 26.13
C SER D 7 -33.87 -30.13 27.32
N VAL D 8 -33.64 -29.57 28.50
CA VAL D 8 -33.95 -30.17 29.79
C VAL D 8 -34.16 -29.07 30.82
N SER D 9 -34.88 -29.36 31.91
CA SER D 9 -35.16 -28.39 32.99
C SER D 9 -35.11 -29.05 34.35
N GLY D 10 -34.85 -28.28 35.40
CA GLY D 10 -34.80 -28.79 36.77
C GLY D 10 -34.92 -27.69 37.79
N SER D 11 -35.45 -28.04 38.97
CA SER D 11 -35.71 -27.07 40.04
C SER D 11 -34.44 -26.68 40.81
N PRO D 12 -34.38 -25.52 41.45
CA PRO D 12 -33.23 -25.12 42.24
C PRO D 12 -32.87 -26.17 43.28
N GLY D 13 -31.57 -26.37 43.50
CA GLY D 13 -31.05 -27.41 44.38
C GLY D 13 -31.09 -28.84 43.81
N GLN D 14 -31.69 -29.07 42.64
CA GLN D 14 -31.73 -30.39 42.03
C GLN D 14 -30.43 -30.79 41.33
N SER D 15 -30.31 -32.08 41.03
CA SER D 15 -29.29 -32.69 40.18
C SER D 15 -29.85 -32.92 38.78
N VAL D 16 -29.07 -32.62 37.75
CA VAL D 16 -29.40 -32.78 36.33
C VAL D 16 -28.24 -33.41 35.58
N ILE D 17 -28.56 -34.13 34.50
CA ILE D 17 -27.59 -34.85 33.67
C ILE D 17 -27.85 -34.58 32.20
N ILE D 18 -26.77 -34.27 31.48
CA ILE D 18 -26.79 -33.97 30.05
C ILE D 18 -25.94 -35.00 29.35
N SER D 19 -26.45 -35.59 28.28
CA SER D 19 -25.87 -36.76 27.67
C SER D 19 -25.36 -36.46 26.26
N CYS D 20 -24.23 -37.05 25.95
CA CYS D 20 -23.52 -36.94 24.68
C CYS D 20 -23.38 -38.35 24.13
N THR D 21 -23.89 -38.60 22.94
CA THR D 21 -23.86 -39.91 22.31
C THR D 21 -23.14 -39.80 20.99
N GLY D 22 -22.20 -40.70 20.70
CA GLY D 22 -21.46 -40.67 19.45
C GLY D 22 -20.98 -42.03 18.97
N THR D 23 -20.25 -42.06 17.85
CA THR D 23 -19.67 -43.30 17.36
C THR D 23 -18.53 -43.76 18.25
N SER D 24 -18.12 -45.01 18.09
CA SER D 24 -16.97 -45.57 18.79
C SER D 24 -15.72 -44.75 18.52
N SER D 25 -15.42 -44.46 17.26
CA SER D 25 -14.27 -43.66 16.85
C SER D 25 -14.43 -42.16 17.10
N ASP D 26 -15.53 -41.71 17.68
CA ASP D 26 -15.61 -40.44 18.41
C ASP D 26 -15.30 -40.69 19.90
N ILE D 27 -16.34 -40.92 20.71
CA ILE D 27 -16.29 -40.89 22.17
C ILE D 27 -15.67 -42.16 22.76
N GLY D 28 -15.90 -43.32 22.17
CA GLY D 28 -15.40 -44.58 22.71
C GLY D 28 -13.88 -44.63 22.73
N GLN D 29 -13.26 -44.22 21.62
CA GLN D 29 -11.87 -44.45 21.28
C GLN D 29 -10.84 -43.57 22.02
N TYR D 30 -11.23 -42.40 22.53
CA TYR D 30 -10.34 -41.44 23.21
C TYR D 30 -10.95 -40.85 24.48
N ASN D 31 -10.16 -40.71 25.55
CA ASN D 31 -10.55 -39.96 26.74
C ASN D 31 -10.22 -38.48 26.55
N SER D 32 -10.81 -37.91 25.51
CA SER D 32 -10.67 -36.51 25.15
C SER D 32 -12.03 -35.96 24.72
N VAL D 33 -12.83 -35.67 25.74
CA VAL D 33 -14.22 -35.23 25.76
C VAL D 33 -14.34 -34.07 26.72
N SER D 34 -15.16 -33.10 26.42
CA SER D 34 -15.20 -31.82 27.13
C SER D 34 -16.54 -31.13 26.99
N TRP D 35 -16.84 -30.23 27.93
CA TRP D 35 -18.14 -29.58 28.05
C TRP D 35 -18.01 -28.08 28.20
N TYR D 36 -18.87 -27.36 27.50
CA TYR D 36 -18.93 -25.92 27.48
C TYR D 36 -20.27 -25.41 27.94
N GLN D 37 -20.23 -24.34 28.72
CA GLN D 37 -21.36 -23.54 29.16
C GLN D 37 -21.38 -22.26 28.35
N GLN D 38 -22.50 -21.93 27.73
CA GLN D 38 -22.69 -20.65 27.07
C GLN D 38 -23.94 -19.94 27.59
N HIS D 39 -23.77 -18.73 28.12
CA HIS D 39 -24.87 -17.80 28.37
C HIS D 39 -25.25 -17.08 27.07
N PRO D 40 -26.51 -16.67 26.87
CA PRO D 40 -26.95 -16.07 25.61
C PRO D 40 -26.22 -14.76 25.31
N ASP D 41 -25.90 -14.58 24.04
CA ASP D 41 -25.11 -13.46 23.52
C ASP D 41 -23.71 -13.28 24.17
N LYS D 42 -23.09 -14.33 24.69
CA LYS D 42 -21.70 -14.33 25.19
C LYS D 42 -20.93 -15.58 24.76
N ALA D 43 -19.61 -15.54 24.86
CA ALA D 43 -18.73 -16.63 24.45
C ALA D 43 -18.85 -17.87 25.34
N PRO D 44 -18.66 -19.09 24.84
CA PRO D 44 -18.59 -20.29 25.66
C PRO D 44 -17.53 -20.24 26.77
N LYS D 45 -17.69 -21.07 27.79
CA LYS D 45 -16.76 -21.30 28.91
C LYS D 45 -16.50 -22.78 29.05
N LEU D 46 -15.25 -23.20 29.16
CA LEU D 46 -14.90 -24.59 29.40
C LEU D 46 -15.18 -24.95 30.85
N VAL D 47 -15.89 -26.05 31.02
CA VAL D 47 -16.40 -26.52 32.31
C VAL D 47 -15.83 -27.88 32.68
N ILE D 48 -15.69 -28.80 31.74
CA ILE D 48 -15.07 -30.10 31.99
C ILE D 48 -14.20 -30.45 30.79
N TYR D 49 -13.08 -31.12 31.02
CA TYR D 49 -12.21 -31.65 29.97
C TYR D 49 -11.58 -32.99 30.29
N GLY D 50 -11.03 -33.63 29.27
CA GLY D 50 -10.47 -34.97 29.37
C GLY D 50 -11.59 -35.99 29.30
N VAL D 51 -12.19 -36.23 30.45
CA VAL D 51 -13.56 -36.74 30.61
C VAL D 51 -14.10 -36.20 31.93
N THR D 52 -13.25 -36.13 32.95
CA THR D 52 -13.60 -35.97 34.36
C THR D 52 -13.06 -34.69 35.02
N SER D 53 -12.20 -33.93 34.35
CA SER D 53 -11.36 -32.89 34.94
C SER D 53 -11.99 -31.51 34.83
N ARG D 54 -11.80 -30.68 35.84
CA ARG D 54 -12.29 -29.30 35.92
C ARG D 54 -11.13 -28.32 35.71
N PRO D 55 -11.23 -27.33 34.80
CA PRO D 55 -10.34 -26.19 34.78
C PRO D 55 -10.28 -25.48 36.12
N SER D 56 -9.26 -24.65 36.33
CA SER D 56 -9.21 -23.84 37.54
C SER D 56 -10.43 -22.91 37.60
N GLY D 57 -10.99 -22.71 38.79
CA GLY D 57 -12.10 -21.79 38.99
C GLY D 57 -13.44 -22.25 38.40
N VAL D 58 -13.62 -23.54 38.19
CA VAL D 58 -14.90 -24.17 37.88
C VAL D 58 -15.37 -24.94 39.10
N SER D 59 -16.62 -24.70 39.51
CA SER D 59 -17.18 -25.23 40.75
C SER D 59 -17.26 -26.76 40.75
N ASP D 60 -17.01 -27.35 41.90
CA ASP D 60 -17.09 -28.78 42.20
C ASP D 60 -18.42 -29.41 41.82
N ARG D 61 -19.44 -28.58 41.63
CA ARG D 61 -20.81 -28.96 41.25
C ARG D 61 -20.92 -29.53 39.85
N PHE D 62 -19.93 -29.30 38.99
CA PHE D 62 -19.86 -29.88 37.66
C PHE D 62 -19.02 -31.14 37.70
N SER D 63 -19.49 -32.17 37.02
CA SER D 63 -18.91 -33.50 37.03
C SER D 63 -19.05 -34.09 35.63
N GLY D 64 -18.13 -34.93 35.22
CA GLY D 64 -18.14 -35.53 33.90
C GLY D 64 -17.82 -37.00 33.95
N SER D 65 -18.37 -37.77 33.03
CA SER D 65 -18.31 -39.21 33.04
C SER D 65 -18.51 -39.79 31.63
N LYS D 66 -18.15 -41.06 31.45
CA LYS D 66 -18.25 -41.80 30.18
C LYS D 66 -18.55 -43.27 30.46
N TYR D 67 -19.37 -43.90 29.63
CA TYR D 67 -19.56 -45.34 29.57
C TYR D 67 -19.75 -45.76 28.11
N GLY D 68 -18.77 -46.50 27.59
CA GLY D 68 -18.72 -46.89 26.18
C GLY D 68 -18.76 -45.68 25.25
N ASP D 69 -19.54 -45.76 24.18
CA ASP D 69 -19.66 -44.72 23.15
C ASP D 69 -20.57 -43.53 23.56
N THR D 70 -20.74 -43.26 24.85
CA THR D 70 -21.49 -42.12 25.35
C THR D 70 -20.84 -41.54 26.59
N ALA D 71 -20.99 -40.23 26.77
CA ALA D 71 -20.41 -39.42 27.82
C ALA D 71 -21.42 -38.43 28.37
N SER D 72 -21.21 -37.86 29.55
CA SER D 72 -22.24 -37.05 30.21
C SER D 72 -21.67 -35.98 31.13
N LEU D 73 -22.40 -34.89 31.29
CA LEU D 73 -22.17 -33.85 32.27
C LEU D 73 -23.23 -33.98 33.35
N THR D 74 -22.81 -34.06 34.60
CA THR D 74 -23.70 -33.90 35.74
C THR D 74 -23.47 -32.52 36.31
N ILE D 75 -24.55 -31.81 36.61
CA ILE D 75 -24.54 -30.63 37.45
C ILE D 75 -25.36 -30.95 38.70
N SER D 76 -24.86 -30.66 39.88
CA SER D 76 -25.59 -30.85 41.14
C SER D 76 -25.89 -29.53 41.82
N GLY D 77 -26.99 -29.49 42.59
CA GLY D 77 -27.33 -28.34 43.39
C GLY D 77 -27.64 -27.08 42.59
N LEU D 78 -28.44 -27.19 41.52
CA LEU D 78 -28.70 -26.12 40.57
C LEU D 78 -28.89 -24.73 41.19
N GLN D 79 -28.40 -23.72 40.51
CA GLN D 79 -28.51 -22.30 40.85
C GLN D 79 -28.94 -21.50 39.61
N ALA D 80 -29.35 -20.26 39.80
CA ALA D 80 -29.73 -19.38 38.70
C ALA D 80 -28.59 -19.23 37.68
N GLU D 81 -27.35 -19.12 38.17
CA GLU D 81 -26.13 -18.97 37.37
C GLU D 81 -25.85 -20.14 36.41
N ASP D 82 -26.50 -21.29 36.60
CA ASP D 82 -26.29 -22.48 35.77
C ASP D 82 -27.17 -22.50 34.52
N GLU D 83 -28.16 -21.62 34.42
CA GLU D 83 -29.06 -21.55 33.26
C GLU D 83 -28.32 -21.07 32.01
N ALA D 84 -28.27 -21.92 30.99
CA ALA D 84 -27.42 -21.74 29.84
C ALA D 84 -27.73 -22.76 28.75
N ASP D 85 -27.04 -22.67 27.62
CA ASP D 85 -26.90 -23.77 26.69
C ASP D 85 -25.57 -24.50 26.95
N TYR D 86 -25.58 -25.83 26.93
CA TYR D 86 -24.43 -26.68 27.20
C TYR D 86 -24.08 -27.54 26.00
N TYR D 87 -22.82 -27.50 25.57
CA TYR D 87 -22.29 -28.25 24.43
C TYR D 87 -21.25 -29.24 24.89
N CYS D 88 -21.36 -30.49 24.47
CA CYS D 88 -20.25 -31.40 24.50
C CYS D 88 -19.37 -31.23 23.27
N SER D 89 -18.12 -31.65 23.36
CA SER D 89 -17.28 -31.97 22.21
C SER D 89 -16.38 -33.15 22.51
N SER D 90 -15.90 -33.82 21.48
CA SER D 90 -14.82 -34.78 21.60
C SER D 90 -13.91 -34.79 20.39
N HIS D 91 -12.69 -35.29 20.59
CA HIS D 91 -11.79 -35.63 19.51
C HIS D 91 -12.40 -36.68 18.57
N ALA D 92 -11.91 -36.71 17.34
CA ALA D 92 -12.23 -37.62 16.26
C ALA D 92 -11.00 -37.80 15.36
N ASP D 93 -10.93 -38.90 14.62
CA ASP D 93 -9.70 -39.30 13.94
C ASP D 93 -9.22 -38.33 12.84
N GLU D 94 -7.93 -38.45 12.52
CA GLU D 94 -7.20 -37.61 11.58
C GLU D 94 -7.17 -36.13 12.03
N ASN D 95 -6.81 -35.90 13.30
CA ASN D 95 -6.64 -34.58 13.92
C ASN D 95 -7.86 -33.64 13.82
N MET D 96 -8.99 -34.04 14.38
CA MET D 96 -10.22 -33.24 14.38
C MET D 96 -10.98 -33.32 15.68
N ALA D 97 -11.92 -32.43 15.89
CA ALA D 97 -12.86 -32.46 16.99
C ALA D 97 -14.26 -32.10 16.52
N LEU D 98 -15.25 -32.59 17.25
CA LEU D 98 -16.66 -32.51 16.90
C LEU D 98 -17.44 -31.96 18.07
N PHE D 99 -18.36 -31.04 17.83
CA PHE D 99 -19.33 -30.59 18.81
C PHE D 99 -20.61 -31.41 18.73
N GLY D 100 -21.27 -31.56 19.87
CA GLY D 100 -22.65 -31.99 19.95
C GLY D 100 -23.64 -30.88 19.67
N GLY D 101 -24.89 -31.26 19.44
CA GLY D 101 -25.95 -30.35 19.00
C GLY D 101 -26.33 -29.25 19.98
N GLY D 102 -25.88 -29.32 21.23
CA GLY D 102 -26.21 -28.35 22.26
C GLY D 102 -27.51 -28.65 22.98
N THR D 103 -27.53 -28.37 24.27
CA THR D 103 -28.66 -28.61 25.18
C THR D 103 -29.01 -27.35 25.91
N ARG D 104 -30.20 -26.83 25.70
CA ARG D 104 -30.75 -25.75 26.52
C ARG D 104 -31.14 -26.28 27.90
N LEU D 105 -30.59 -25.71 28.97
CA LEU D 105 -31.03 -25.98 30.34
C LEU D 105 -31.88 -24.81 30.80
N THR D 106 -33.07 -25.09 31.29
CA THR D 106 -33.92 -24.08 31.96
C THR D 106 -33.87 -24.32 33.46
N VAL D 107 -33.61 -23.29 34.25
CA VAL D 107 -33.59 -23.40 35.72
C VAL D 107 -34.86 -22.76 36.26
N LEU D 108 -35.67 -23.59 36.90
CA LEU D 108 -37.06 -23.28 37.24
C LEU D 108 -37.19 -22.45 38.54
N GLY D 109 -38.39 -21.96 38.82
CA GLY D 109 -38.71 -21.25 40.04
C GLY D 109 -38.61 -19.73 39.96
N GLN D 110 -38.17 -19.15 38.84
CA GLN D 110 -38.37 -17.72 38.61
C GLN D 110 -39.89 -17.49 38.47
N PRO D 111 -40.46 -16.47 39.13
CA PRO D 111 -41.88 -16.17 39.05
C PRO D 111 -42.37 -16.08 37.60
N LYS D 112 -43.37 -16.89 37.24
CA LYS D 112 -43.98 -16.84 35.91
C LYS D 112 -44.75 -15.53 35.75
N ALA D 113 -44.62 -14.89 34.59
CA ALA D 113 -45.33 -13.67 34.26
C ALA D 113 -45.88 -13.78 32.84
N SER D 114 -47.11 -13.32 32.65
CA SER D 114 -47.82 -13.42 31.38
C SER D 114 -47.64 -12.14 30.55
N PRO D 115 -47.59 -12.26 29.22
CA PRO D 115 -47.15 -11.19 28.36
C PRO D 115 -48.10 -10.01 28.35
N THR D 116 -47.55 -8.80 28.31
CA THR D 116 -48.30 -7.55 28.21
C THR D 116 -48.43 -7.14 26.74
N VAL D 117 -49.11 -7.99 25.95
CA VAL D 117 -49.26 -7.86 24.49
C VAL D 117 -49.82 -6.49 24.11
N THR D 118 -49.29 -5.93 23.01
CA THR D 118 -49.67 -4.63 22.45
C THR D 118 -49.56 -4.70 20.92
N LEU D 119 -50.42 -3.97 20.22
CA LEU D 119 -50.52 -4.02 18.76
C LEU D 119 -50.72 -2.59 18.23
N PHE D 120 -50.16 -2.28 17.07
CA PHE D 120 -50.43 -1.03 16.35
C PHE D 120 -50.73 -1.28 14.87
N PRO D 121 -51.65 -0.48 14.29
CA PRO D 121 -52.11 -0.58 12.91
C PRO D 121 -51.17 0.12 11.90
N PRO D 122 -51.33 -0.13 10.60
CA PRO D 122 -50.63 0.65 9.58
C PRO D 122 -50.94 2.13 9.80
N SER D 123 -49.91 2.98 9.85
CA SER D 123 -50.10 4.43 9.93
C SER D 123 -50.65 4.97 8.59
N SER D 124 -51.38 6.07 8.62
CA SER D 124 -51.93 6.74 7.43
C SER D 124 -50.85 7.03 6.38
N GLU D 125 -49.68 7.44 6.84
CA GLU D 125 -48.49 7.73 6.03
C GLU D 125 -47.86 6.49 5.38
N GLU D 126 -48.26 5.28 5.78
CA GLU D 126 -47.77 4.00 5.26
C GLU D 126 -48.74 3.40 4.23
N LEU D 127 -50.02 3.29 4.60
CA LEU D 127 -51.06 2.82 3.70
C LEU D 127 -51.31 3.76 2.52
N GLN D 128 -51.00 5.04 2.67
CA GLN D 128 -50.97 6.01 1.57
C GLN D 128 -49.99 5.60 0.46
N ALA D 129 -48.85 5.01 0.83
CA ALA D 129 -47.85 4.47 -0.10
C ALA D 129 -48.20 3.06 -0.62
N ASN D 130 -49.44 2.59 -0.46
CA ASN D 130 -49.92 1.24 -0.75
C ASN D 130 -49.34 0.13 0.16
N LYS D 131 -48.50 0.47 1.14
CA LYS D 131 -47.88 -0.52 2.03
C LYS D 131 -48.84 -0.93 3.14
N ALA D 132 -48.74 -2.16 3.63
CA ALA D 132 -49.44 -2.60 4.83
C ALA D 132 -48.64 -3.67 5.58
N THR D 133 -48.45 -3.48 6.89
CA THR D 133 -48.00 -4.53 7.79
C THR D 133 -48.41 -4.24 9.23
N LEU D 134 -48.60 -5.28 10.06
CA LEU D 134 -49.13 -5.13 11.42
C LEU D 134 -48.05 -5.27 12.49
N VAL D 135 -48.04 -4.30 13.40
CA VAL D 135 -46.96 -4.06 14.36
C VAL D 135 -47.24 -4.79 15.67
N CYS D 136 -46.93 -6.08 15.71
CA CYS D 136 -47.22 -6.94 16.85
C CYS D 136 -46.06 -6.90 17.86
N LEU D 137 -46.32 -6.44 19.09
CA LEU D 137 -45.32 -6.21 20.13
C LEU D 137 -45.68 -6.94 21.43
N ILE D 138 -44.69 -7.55 22.06
CA ILE D 138 -44.87 -8.45 23.20
C ILE D 138 -43.80 -8.11 24.22
N SER D 139 -44.15 -7.79 25.47
CA SER D 139 -43.17 -7.45 26.50
C SER D 139 -43.55 -7.93 27.88
N ASP D 140 -42.56 -8.00 28.75
CA ASP D 140 -42.67 -8.32 30.17
C ASP D 140 -43.19 -9.74 30.49
N PHE D 141 -42.69 -10.77 29.81
CA PHE D 141 -43.04 -12.16 30.07
C PHE D 141 -41.90 -13.04 30.61
N TYR D 142 -42.28 -14.10 31.30
CA TYR D 142 -41.43 -15.21 31.71
C TYR D 142 -42.27 -16.47 31.89
N PRO D 143 -41.83 -17.70 31.55
CA PRO D 143 -40.60 -18.10 30.86
C PRO D 143 -40.29 -17.36 29.56
N GLY D 144 -39.04 -17.39 29.15
CA GLY D 144 -38.57 -16.78 27.90
C GLY D 144 -38.93 -17.54 26.63
N VAL D 145 -40.16 -18.04 26.51
CA VAL D 145 -40.67 -18.78 25.36
C VAL D 145 -42.09 -18.37 25.03
N VAL D 146 -42.42 -18.29 23.75
CA VAL D 146 -43.77 -17.93 23.29
C VAL D 146 -44.02 -18.43 21.86
N LYS D 147 -45.25 -18.82 21.55
CA LYS D 147 -45.69 -19.27 20.20
C LYS D 147 -46.60 -18.22 19.60
N VAL D 148 -46.49 -18.00 18.29
CA VAL D 148 -47.20 -16.92 17.60
C VAL D 148 -47.51 -17.27 16.14
N ALA D 149 -48.81 -17.30 15.86
CA ALA D 149 -49.44 -17.25 14.56
C ALA D 149 -50.77 -16.50 14.73
N TRP D 150 -51.22 -15.74 13.73
CA TRP D 150 -52.33 -14.80 13.92
C TRP D 150 -53.23 -14.58 12.70
N LYS D 151 -54.36 -13.89 12.90
CA LYS D 151 -55.57 -14.10 12.08
C LYS D 151 -56.17 -12.83 11.49
N ALA D 152 -56.62 -12.96 10.25
CA ALA D 152 -57.24 -11.95 9.39
C ALA D 152 -58.69 -12.31 9.07
N ASP D 153 -59.66 -11.50 9.49
CA ASP D 153 -61.08 -11.86 9.49
C ASP D 153 -61.36 -13.24 10.14
N GLY D 154 -60.58 -13.61 11.14
CA GLY D 154 -60.62 -14.93 11.76
C GLY D 154 -60.00 -16.08 10.94
N SER D 155 -59.32 -15.81 9.82
CA SER D 155 -58.54 -16.78 9.03
C SER D 155 -57.03 -16.60 9.25
N ALA D 156 -56.28 -17.65 9.59
CA ALA D 156 -54.83 -17.54 9.84
C ALA D 156 -54.00 -17.23 8.59
N VAL D 157 -52.84 -16.63 8.80
CA VAL D 157 -52.03 -15.99 7.75
C VAL D 157 -50.86 -16.87 7.26
N ASN D 158 -51.13 -17.77 6.32
CA ASN D 158 -50.19 -18.82 5.91
C ASN D 158 -48.88 -18.35 5.23
N ALA D 159 -48.78 -17.11 4.73
CA ALA D 159 -47.60 -16.61 4.02
C ALA D 159 -47.31 -15.12 4.30
N GLY D 160 -46.04 -14.73 4.16
CA GLY D 160 -45.57 -13.35 4.35
C GLY D 160 -45.33 -12.93 5.80
N VAL D 161 -45.23 -13.88 6.73
CA VAL D 161 -45.17 -13.64 8.18
C VAL D 161 -43.79 -13.93 8.78
N GLU D 162 -43.28 -13.04 9.64
CA GLU D 162 -41.94 -13.11 10.24
C GLU D 162 -41.94 -12.68 11.73
N THR D 163 -41.14 -13.34 12.55
CA THR D 163 -41.17 -13.19 14.02
C THR D 163 -39.75 -13.05 14.57
N THR D 164 -39.57 -12.29 15.67
CA THR D 164 -38.30 -12.29 16.41
C THR D 164 -38.14 -13.57 17.20
N THR D 165 -36.93 -14.10 17.34
CA THR D 165 -36.60 -14.90 18.53
C THR D 165 -36.65 -13.98 19.75
N PRO D 166 -37.13 -14.44 20.92
CA PRO D 166 -37.35 -13.60 22.08
C PRO D 166 -36.04 -13.09 22.69
N SER D 167 -36.13 -12.01 23.47
CA SER D 167 -35.00 -11.32 24.09
C SER D 167 -35.28 -10.93 25.53
N LYS D 168 -34.33 -11.14 26.43
CA LYS D 168 -34.39 -10.69 27.82
C LYS D 168 -34.39 -9.16 27.92
N GLN D 169 -34.92 -8.63 29.01
CA GLN D 169 -34.98 -7.23 29.45
C GLN D 169 -34.22 -7.03 30.76
N SER D 170 -33.86 -5.80 31.09
CA SER D 170 -33.09 -5.45 32.30
C SER D 170 -33.76 -5.88 33.59
N ASN D 171 -35.09 -5.95 33.62
CA ASN D 171 -35.90 -6.44 34.76
C ASN D 171 -36.04 -7.97 34.83
N ASN D 172 -35.19 -8.71 34.13
CA ASN D 172 -35.22 -10.18 33.95
C ASN D 172 -36.41 -10.76 33.17
N LYS D 173 -37.44 -9.99 32.81
CA LYS D 173 -38.54 -10.44 31.94
C LYS D 173 -38.11 -10.39 30.48
N TYR D 174 -38.92 -10.85 29.54
CA TYR D 174 -38.59 -10.99 28.11
C TYR D 174 -39.51 -10.16 27.20
N ALA D 175 -39.05 -9.91 25.97
CA ALA D 175 -39.76 -9.23 24.88
C ALA D 175 -39.60 -9.96 23.53
N ALA D 176 -40.49 -9.65 22.60
CA ALA D 176 -40.51 -10.17 21.23
C ALA D 176 -41.35 -9.26 20.31
N SER D 177 -41.35 -9.50 19.00
CA SER D 177 -42.19 -8.81 18.03
C SER D 177 -42.48 -9.68 16.82
N SER D 178 -43.48 -9.35 16.00
CA SER D 178 -43.72 -10.03 14.71
C SER D 178 -44.40 -9.12 13.69
N TYR D 179 -44.16 -9.33 12.40
CA TYR D 179 -44.73 -8.52 11.32
C TYR D 179 -45.26 -9.41 10.19
N LEU D 180 -46.31 -8.94 9.52
CA LEU D 180 -46.97 -9.63 8.41
C LEU D 180 -47.01 -8.72 7.19
N SER D 181 -46.31 -9.09 6.13
CA SER D 181 -46.24 -8.33 4.89
C SER D 181 -47.53 -8.47 4.07
N LEU D 182 -48.34 -7.42 4.06
CA LEU D 182 -49.53 -7.28 3.23
C LEU D 182 -49.30 -6.24 2.12
N THR D 183 -50.34 -5.98 1.34
CA THR D 183 -50.50 -4.80 0.45
C THR D 183 -51.78 -4.08 0.88
N SER D 184 -51.89 -2.76 0.72
CA SER D 184 -53.00 -2.01 1.33
C SER D 184 -54.41 -2.48 0.93
N ASP D 185 -54.56 -3.04 -0.26
CA ASP D 185 -55.82 -3.65 -0.70
C ASP D 185 -56.27 -4.81 0.19
N GLN D 186 -55.34 -5.60 0.72
CA GLN D 186 -55.64 -6.73 1.60
C GLN D 186 -55.91 -6.27 3.04
N TRP D 187 -55.31 -5.17 3.48
CA TRP D 187 -55.72 -4.50 4.72
C TRP D 187 -57.16 -3.99 4.62
N LYS D 188 -57.47 -3.19 3.59
CA LYS D 188 -58.84 -2.72 3.33
C LYS D 188 -59.84 -3.86 3.05
N SER D 189 -59.40 -5.00 2.48
CA SER D 189 -60.29 -6.14 2.16
C SER D 189 -61.06 -6.72 3.34
N HIS D 190 -60.58 -6.55 4.56
CA HIS D 190 -61.21 -7.09 5.77
C HIS D 190 -61.30 -6.03 6.85
N LYS D 191 -62.48 -5.88 7.47
CA LYS D 191 -62.70 -4.83 8.49
C LYS D 191 -61.84 -5.04 9.74
N SER D 192 -61.58 -6.27 10.15
CA SER D 192 -60.80 -6.55 11.36
C SER D 192 -59.74 -7.65 11.21
N TYR D 193 -58.65 -7.47 11.95
CA TYR D 193 -57.50 -8.37 12.12
C TYR D 193 -57.19 -8.51 13.63
N SER D 194 -56.62 -9.64 14.06
CA SER D 194 -56.13 -9.82 15.44
C SER D 194 -54.80 -10.55 15.51
N CYS D 195 -53.87 -10.05 16.31
CA CYS D 195 -52.67 -10.75 16.75
C CYS D 195 -53.04 -11.76 17.85
N GLN D 196 -52.48 -12.97 17.82
CA GLN D 196 -52.68 -13.98 18.87
C GLN D 196 -51.38 -14.67 19.28
N VAL D 197 -51.28 -14.94 20.57
CA VAL D 197 -50.05 -15.32 21.29
C VAL D 197 -50.32 -16.46 22.28
N THR D 198 -49.48 -17.51 22.33
CA THR D 198 -49.60 -18.65 23.27
C THR D 198 -48.37 -18.79 24.18
N HIS D 199 -48.59 -18.86 25.49
CA HIS D 199 -47.57 -18.81 26.55
C HIS D 199 -47.81 -19.91 27.62
N GLU D 200 -47.33 -21.12 27.34
CA GLU D 200 -47.65 -22.38 28.06
C GLU D 200 -49.15 -22.72 28.01
N GLY D 201 -49.67 -22.85 26.79
CA GLY D 201 -51.07 -23.19 26.48
C GLY D 201 -52.06 -22.05 26.70
N SER D 202 -51.85 -21.23 27.74
CA SER D 202 -52.54 -19.97 27.94
C SER D 202 -52.39 -19.09 26.71
N THR D 203 -53.49 -18.61 26.14
CA THR D 203 -53.51 -17.95 24.83
C THR D 203 -54.24 -16.62 24.92
N VAL D 204 -53.71 -15.56 24.31
CA VAL D 204 -54.19 -14.17 24.43
C VAL D 204 -54.19 -13.42 23.08
N GLU D 205 -54.98 -12.35 22.99
CA GLU D 205 -55.31 -11.63 21.75
C GLU D 205 -55.30 -10.10 21.93
N LYS D 206 -54.87 -9.38 20.88
CA LYS D 206 -55.22 -7.96 20.63
C LYS D 206 -55.67 -7.79 19.19
N THR D 207 -56.54 -6.83 18.95
CA THR D 207 -57.32 -6.72 17.71
C THR D 207 -57.40 -5.29 17.20
N VAL D 208 -57.60 -5.13 15.89
CA VAL D 208 -57.64 -3.86 15.18
C VAL D 208 -58.74 -3.86 14.12
N ALA D 209 -59.26 -2.67 13.88
CA ALA D 209 -60.15 -2.27 12.78
C ALA D 209 -60.07 -0.74 12.58
N PRO D 210 -60.38 -0.20 11.39
CA PRO D 210 -60.72 1.21 11.24
C PRO D 210 -61.96 1.55 12.09
N ALA D 211 -61.86 2.59 12.91
CA ALA D 211 -62.82 2.92 13.96
C ALA D 211 -62.68 4.37 14.45
N GLN E 1 24.64 -24.95 2.32
CA GLN E 1 25.33 -23.69 2.56
C GLN E 1 24.39 -22.59 3.03
N VAL E 2 24.94 -21.55 3.64
CA VAL E 2 24.20 -20.33 4.03
C VAL E 2 24.57 -19.22 3.10
N GLN E 3 23.56 -18.53 2.57
CA GLN E 3 23.73 -17.40 1.68
C GLN E 3 22.97 -16.20 2.22
N LEU E 4 23.56 -15.02 2.08
CA LEU E 4 22.97 -13.73 2.40
C LEU E 4 22.95 -12.88 1.14
N GLN E 5 21.90 -12.12 0.87
CA GLN E 5 21.82 -11.27 -0.29
C GLN E 5 21.02 -10.00 0.00
N GLU E 6 21.58 -8.82 -0.20
CA GLU E 6 20.89 -7.56 -0.04
C GLU E 6 19.92 -7.28 -1.18
N SER E 7 18.77 -6.71 -0.86
CA SER E 7 17.84 -6.18 -1.83
C SER E 7 17.26 -4.87 -1.35
N GLY E 8 16.88 -4.02 -2.28
CA GLY E 8 16.31 -2.71 -2.05
C GLY E 8 16.72 -1.77 -3.16
N PRO E 9 16.15 -0.57 -3.23
CA PRO E 9 16.47 0.36 -4.28
C PRO E 9 17.89 0.90 -4.12
N GLY E 10 18.64 0.98 -5.21
CA GLY E 10 20.00 1.47 -5.26
C GLY E 10 20.12 2.99 -5.35
N LEU E 11 19.00 3.70 -5.42
CA LEU E 11 18.90 5.14 -5.57
C LEU E 11 17.83 5.67 -4.62
N VAL E 12 18.17 6.63 -3.78
CA VAL E 12 17.26 7.20 -2.79
C VAL E 12 17.28 8.71 -2.91
N LYS E 13 16.13 9.36 -3.03
CA LYS E 13 16.05 10.83 -2.98
C LYS E 13 16.27 11.34 -1.56
N PRO E 14 16.98 12.45 -1.35
CA PRO E 14 17.25 12.96 -0.02
C PRO E 14 15.96 13.27 0.76
N SER E 15 16.05 13.23 2.07
CA SER E 15 14.93 13.26 3.04
C SER E 15 14.01 12.04 3.05
N GLU E 16 14.06 11.16 2.04
CA GLU E 16 13.32 9.90 2.05
C GLU E 16 13.92 8.86 3.02
N THR E 17 13.32 7.68 3.07
CA THR E 17 13.80 6.54 3.86
C THR E 17 14.62 5.62 2.98
N LEU E 18 15.77 5.20 3.50
CA LEU E 18 16.65 4.21 2.90
C LEU E 18 16.35 2.87 3.55
N SER E 19 15.71 1.97 2.81
CA SER E 19 15.34 0.62 3.24
C SER E 19 16.13 -0.44 2.50
N LEU E 20 16.59 -1.47 3.19
CA LEU E 20 17.21 -2.68 2.65
C LEU E 20 16.69 -3.92 3.37
N THR E 21 16.61 -5.05 2.67
CA THR E 21 16.41 -6.37 3.26
C THR E 21 17.57 -7.29 2.92
N CYS E 22 17.89 -8.25 3.77
CA CYS E 22 18.87 -9.28 3.54
C CYS E 22 18.18 -10.62 3.53
N ALA E 23 18.18 -11.30 2.39
CA ALA E 23 17.54 -12.57 2.23
C ALA E 23 18.44 -13.66 2.77
N VAL E 24 17.99 -14.37 3.80
CA VAL E 24 18.75 -15.44 4.46
C VAL E 24 18.24 -16.77 3.96
N SER E 25 19.11 -17.54 3.30
CA SER E 25 18.78 -18.82 2.72
C SER E 25 19.56 -19.91 3.41
N GLY E 26 18.94 -21.04 3.67
CA GLY E 26 19.64 -22.20 4.20
C GLY E 26 19.88 -22.24 5.70
N VAL E 27 19.42 -21.24 6.43
CA VAL E 27 19.36 -21.22 7.90
C VAL E 27 18.18 -20.37 8.36
N SER E 28 17.64 -20.63 9.54
CA SER E 28 16.51 -19.90 10.12
C SER E 28 16.93 -18.56 10.69
N ILE E 29 16.11 -17.53 10.58
CA ILE E 29 16.37 -16.19 11.11
C ILE E 29 16.26 -16.13 12.63
N ASN E 30 15.47 -17.01 13.22
CA ASN E 30 15.25 -17.14 14.65
C ASN E 30 16.32 -17.94 15.38
N ASP E 31 17.50 -18.11 14.81
CA ASP E 31 18.31 -19.29 15.12
C ASP E 31 19.55 -19.04 15.95
N GLY E 32 19.81 -17.82 16.39
CA GLY E 32 20.82 -17.58 17.42
C GLY E 32 22.10 -16.96 16.95
N TYR E 33 22.01 -16.28 15.82
CA TYR E 33 23.05 -15.47 15.21
C TYR E 33 22.77 -14.00 15.42
N ASP E 34 23.81 -13.18 15.43
CA ASP E 34 23.72 -11.73 15.30
C ASP E 34 23.69 -11.33 13.81
N TRP E 35 22.51 -10.98 13.33
CA TRP E 35 22.25 -10.53 11.98
C TRP E 35 22.63 -9.06 11.83
N THR E 36 23.70 -8.77 11.12
CA THR E 36 24.43 -7.50 11.22
C THR E 36 24.48 -6.76 9.90
N TRP E 37 24.48 -5.42 9.97
CA TRP E 37 24.62 -4.50 8.86
C TRP E 37 25.91 -3.69 8.99
N ILE E 38 26.55 -3.46 7.86
CA ILE E 38 27.81 -2.75 7.68
C ILE E 38 27.67 -1.87 6.47
N ARG E 39 28.33 -0.72 6.42
CA ARG E 39 28.43 0.06 5.19
C ARG E 39 29.83 0.54 4.91
N GLN E 40 30.11 0.86 3.67
CA GLN E 40 31.38 1.34 3.21
C GLN E 40 31.18 2.48 2.24
N THR E 41 31.53 3.70 2.64
CA THR E 41 31.49 4.85 1.75
C THR E 41 32.45 4.57 0.60
N PRO E 42 32.05 4.65 -0.67
CA PRO E 42 32.68 3.85 -1.70
C PRO E 42 34.14 4.18 -1.98
N GLY E 43 34.63 5.34 -1.55
CA GLY E 43 36.06 5.64 -1.51
C GLY E 43 36.84 4.66 -0.64
N LYS E 44 36.59 4.66 0.68
CA LYS E 44 37.14 3.73 1.68
C LYS E 44 36.35 3.84 2.97
N GLY E 45 36.43 2.82 3.83
CA GLY E 45 36.14 2.92 5.26
C GLY E 45 34.86 2.23 5.71
N LEU E 46 34.97 1.16 6.48
CA LEU E 46 33.83 0.41 7.02
C LEU E 46 33.21 1.12 8.22
N GLU E 47 31.89 1.15 8.28
CA GLU E 47 31.10 1.59 9.42
C GLU E 47 30.14 0.48 9.84
N TRP E 48 30.16 0.12 11.13
CA TRP E 48 29.28 -0.86 11.70
C TRP E 48 27.97 -0.19 12.03
N ILE E 49 26.90 -0.55 11.34
CA ILE E 49 25.60 0.08 11.49
C ILE E 49 24.90 -0.43 12.74
N GLY E 50 24.84 -1.75 12.91
CA GLY E 50 24.18 -2.41 14.03
C GLY E 50 23.75 -3.81 13.67
N TYR E 51 23.07 -4.46 14.61
CA TYR E 51 22.60 -5.82 14.49
C TYR E 51 21.22 -6.04 15.10
N VAL E 52 20.60 -7.16 14.76
CA VAL E 52 19.46 -7.77 15.45
C VAL E 52 19.79 -9.19 15.84
N PHE E 53 19.45 -9.60 17.05
CA PHE E 53 19.64 -10.97 17.49
C PHE E 53 18.52 -11.88 17.02
N GLY E 54 18.86 -13.04 16.49
CA GLY E 54 17.88 -13.94 15.93
C GLY E 54 16.83 -14.40 16.92
N ARG E 55 17.22 -14.84 18.11
CA ARG E 55 16.26 -15.41 19.07
C ARG E 55 15.30 -14.37 19.62
N SER E 56 15.81 -13.36 20.30
CA SER E 56 14.95 -12.36 20.93
C SER E 56 14.45 -11.27 20.02
N GLY E 57 15.11 -10.93 18.92
CA GLY E 57 14.75 -9.76 18.16
C GLY E 57 15.20 -8.44 18.83
N ASN E 58 16.09 -8.50 19.80
CA ASN E 58 16.79 -7.33 20.30
C ASN E 58 17.63 -6.72 19.19
N PHE E 59 17.50 -5.42 18.93
CA PHE E 59 18.39 -4.71 18.03
C PHE E 59 19.12 -3.55 18.68
N ASN E 60 20.25 -3.20 18.11
CA ASN E 60 21.03 -2.06 18.54
C ASN E 60 21.80 -1.46 17.36
N LEU E 61 21.62 -0.17 17.10
CA LEU E 61 22.37 0.63 16.13
C LEU E 61 23.50 1.41 16.80
N ASN E 62 24.50 1.82 16.04
CA ASN E 62 25.55 2.68 16.55
C ASN E 62 25.01 4.06 16.94
N PRO E 63 25.67 4.82 17.82
CA PRO E 63 25.08 6.01 18.42
C PRO E 63 24.64 7.10 17.44
N SER E 64 25.19 7.12 16.23
CA SER E 64 24.95 8.12 15.22
C SER E 64 23.70 7.85 14.40
N LEU E 65 23.37 6.58 14.16
CA LEU E 65 22.26 6.11 13.33
C LEU E 65 21.06 5.64 14.13
N ARG E 66 21.24 5.37 15.42
CA ARG E 66 20.15 5.30 16.38
C ARG E 66 19.29 6.56 16.27
N ASN E 67 18.08 6.53 16.81
CA ASN E 67 17.08 7.60 16.68
C ASN E 67 16.48 7.69 15.28
N ARG E 68 17.24 7.54 14.20
CA ARG E 68 16.71 7.50 12.83
C ARG E 68 16.68 6.13 12.16
N GLY E 69 17.34 5.12 12.71
CA GLY E 69 17.36 3.75 12.19
C GLY E 69 16.47 2.74 12.89
N ILE E 70 16.15 1.66 12.16
CA ILE E 70 15.56 0.40 12.63
C ILE E 70 16.32 -0.78 12.02
N ILE E 71 16.67 -1.80 12.79
CA ILE E 71 17.09 -3.10 12.28
C ILE E 71 16.17 -4.16 12.85
N SER E 72 15.55 -4.99 12.04
CA SER E 72 14.48 -5.91 12.46
C SER E 72 14.44 -7.22 11.65
N LYS E 73 13.91 -8.31 12.22
CA LYS E 73 13.74 -9.64 11.62
C LYS E 73 12.40 -9.80 10.94
N ASP E 74 12.33 -10.17 9.67
CA ASP E 74 11.10 -10.65 9.06
C ASP E 74 11.00 -12.16 9.19
N THR E 75 10.25 -12.60 10.19
CA THR E 75 10.07 -14.01 10.52
C THR E 75 9.07 -14.71 9.61
N CYS E 76 8.32 -13.98 8.79
CA CYS E 76 7.41 -14.56 7.84
C CYS E 76 8.12 -14.95 6.56
N LYS E 77 9.10 -14.16 6.13
CA LYS E 77 9.89 -14.38 4.90
C LYS E 77 11.29 -14.93 5.13
N ASN E 78 11.74 -15.06 6.36
CA ASN E 78 13.09 -15.47 6.76
C ASN E 78 14.18 -14.48 6.33
N GLN E 79 14.00 -13.20 6.63
CA GLN E 79 14.86 -12.12 6.21
C GLN E 79 15.18 -11.22 7.39
N PHE E 80 16.11 -10.30 7.26
CA PHE E 80 16.25 -9.18 8.18
C PHE E 80 16.50 -7.90 7.42
N SER E 81 16.16 -6.75 7.99
CA SER E 81 16.12 -5.49 7.26
C SER E 81 16.72 -4.35 8.04
N LEU E 82 17.07 -3.31 7.32
CA LEU E 82 17.54 -2.02 7.80
C LEU E 82 16.66 -0.94 7.21
N ASN E 83 16.16 -0.02 8.01
CA ASN E 83 15.64 1.26 7.56
C ASN E 83 16.46 2.37 8.19
N LEU E 84 16.88 3.36 7.42
CA LEU E 84 17.39 4.65 7.88
C LEU E 84 16.52 5.77 7.37
N ASN E 85 15.95 6.55 8.28
CA ASN E 85 15.14 7.72 7.96
C ASN E 85 15.99 8.91 7.54
N SER E 86 15.36 9.83 6.83
CA SER E 86 15.89 11.16 6.57
C SER E 86 17.25 11.14 5.88
N ALA E 87 17.35 10.39 4.79
CA ALA E 87 18.59 10.12 4.10
C ALA E 87 19.26 11.38 3.52
N THR E 88 20.58 11.40 3.50
CA THR E 88 21.41 12.46 2.93
C THR E 88 22.53 11.88 2.11
N ALA E 89 23.27 12.68 1.37
CA ALA E 89 24.44 12.21 0.65
C ALA E 89 25.44 11.43 1.52
N ALA E 90 25.51 11.67 2.83
CA ALA E 90 26.42 10.95 3.71
C ALA E 90 26.09 9.47 3.84
N ASP E 91 24.86 9.08 3.51
CA ASP E 91 24.37 7.71 3.51
C ASP E 91 24.63 6.98 2.19
N THR E 92 25.24 7.63 1.20
CA THR E 92 25.68 6.95 -0.02
C THR E 92 26.83 6.01 0.34
N ALA E 93 26.62 4.71 0.25
CA ALA E 93 27.62 3.71 0.58
C ALA E 93 27.27 2.38 -0.07
N VAL E 94 28.23 1.47 -0.14
CA VAL E 94 27.94 0.04 -0.30
C VAL E 94 27.47 -0.48 1.04
N TYR E 95 26.31 -1.12 1.08
CA TYR E 95 25.74 -1.72 2.26
C TYR E 95 25.90 -3.21 2.17
N PHE E 96 26.42 -3.83 3.23
CA PHE E 96 26.55 -5.27 3.38
C PHE E 96 25.67 -5.75 4.52
N CYS E 97 25.00 -6.88 4.35
CA CYS E 97 24.56 -7.70 5.45
C CYS E 97 25.52 -8.83 5.70
N ALA E 98 25.53 -9.30 6.94
CA ALA E 98 26.50 -10.22 7.46
C ALA E 98 25.95 -11.02 8.64
N ARG E 99 26.67 -12.04 9.08
CA ARG E 99 26.27 -12.93 10.18
C ARG E 99 27.44 -13.19 11.11
N GLY E 100 27.21 -13.08 12.41
CA GLY E 100 28.25 -13.30 13.40
C GLY E 100 28.34 -14.74 13.88
N MET E 101 29.55 -15.25 14.08
CA MET E 101 29.82 -16.63 14.49
C MET E 101 29.03 -16.99 15.73
N GLU E 102 28.33 -18.12 15.70
CA GLU E 102 27.13 -18.32 16.51
C GLU E 102 27.34 -18.25 18.01
N GLY E 103 28.40 -18.83 18.52
CA GLY E 103 28.57 -18.97 19.97
C GLY E 103 29.12 -17.74 20.67
N LEU E 104 29.67 -16.78 19.93
CA LEU E 104 30.62 -15.83 20.47
C LEU E 104 29.99 -14.75 21.32
N PHE E 105 30.73 -14.30 22.31
CA PHE E 105 30.50 -13.01 22.93
C PHE E 105 30.84 -11.92 21.93
N ALA E 106 29.93 -10.97 21.74
CA ALA E 106 30.02 -9.93 20.74
C ALA E 106 30.14 -10.45 19.32
N ALA E 107 29.27 -11.36 18.91
CA ALA E 107 29.33 -12.00 17.61
C ALA E 107 29.09 -11.03 16.46
N TYR E 108 28.43 -9.90 16.67
CA TYR E 108 28.34 -8.80 15.70
C TYR E 108 29.69 -8.17 15.35
N ASN E 109 30.73 -8.41 16.13
CA ASN E 109 32.08 -7.97 15.82
C ASN E 109 32.86 -8.95 14.95
N SER E 110 32.43 -10.21 14.85
CA SER E 110 33.16 -11.33 14.29
C SER E 110 32.32 -12.01 13.23
N LEU E 111 32.29 -11.41 12.04
CA LEU E 111 31.36 -11.70 10.97
C LEU E 111 31.96 -12.61 9.91
N ASP E 112 31.66 -13.90 9.93
CA ASP E 112 32.26 -14.88 9.03
C ASP E 112 31.54 -15.02 7.69
N VAL E 113 30.25 -14.76 7.62
CA VAL E 113 29.41 -14.85 6.42
C VAL E 113 28.94 -13.46 6.02
N TRP E 114 29.06 -13.11 4.73
CA TRP E 114 28.74 -11.80 4.15
C TRP E 114 27.94 -11.96 2.87
N GLY E 115 27.23 -10.92 2.46
CA GLY E 115 26.67 -10.80 1.11
C GLY E 115 27.58 -9.99 0.18
N ARG E 116 27.28 -9.91 -1.12
CA ARG E 116 28.10 -9.19 -2.11
C ARG E 116 28.31 -7.71 -1.83
N GLY E 117 27.33 -7.08 -1.19
CA GLY E 117 27.21 -5.64 -1.09
C GLY E 117 26.32 -5.06 -2.16
N LEU E 118 25.52 -4.07 -1.79
CA LEU E 118 24.65 -3.30 -2.67
C LEU E 118 24.99 -1.82 -2.51
N LEU E 119 25.34 -1.15 -3.59
CA LEU E 119 25.53 0.30 -3.59
C LEU E 119 24.18 1.00 -3.54
N VAL E 120 23.99 1.84 -2.54
CA VAL E 120 22.88 2.76 -2.46
C VAL E 120 23.42 4.16 -2.63
N THR E 121 22.94 4.87 -3.63
CA THR E 121 23.30 6.25 -3.93
C THR E 121 22.20 7.16 -3.43
N VAL E 122 22.53 8.19 -2.66
CA VAL E 122 21.58 9.23 -2.27
C VAL E 122 21.90 10.49 -3.05
N SER E 123 20.97 10.95 -3.88
CA SER E 123 21.22 11.99 -4.88
C SER E 123 19.93 12.67 -5.32
N SER E 124 19.98 13.99 -5.50
CA SER E 124 18.82 14.88 -5.62
C SER E 124 17.94 14.63 -6.83
N ALA E 125 18.51 14.55 -8.03
CA ALA E 125 17.75 14.85 -9.24
C ALA E 125 18.37 14.30 -10.54
N SER E 126 17.62 14.50 -11.63
CA SER E 126 18.07 14.41 -13.03
C SER E 126 18.50 13.04 -13.50
N THR E 127 17.58 12.27 -14.08
CA THR E 127 17.99 11.26 -15.07
C THR E 127 18.46 12.01 -16.31
N LYS E 128 19.56 11.58 -16.92
CA LYS E 128 20.24 12.25 -18.01
C LYS E 128 20.88 11.20 -18.89
N GLY E 129 20.38 11.07 -20.12
CA GLY E 129 21.04 10.30 -21.15
C GLY E 129 22.33 10.98 -21.63
N PRO E 130 23.36 10.24 -22.05
CA PRO E 130 24.66 10.78 -22.37
C PRO E 130 24.67 11.71 -23.60
N SER E 131 25.70 12.54 -23.66
CA SER E 131 26.04 13.38 -24.83
C SER E 131 27.47 13.06 -25.25
N VAL E 132 27.70 12.83 -26.54
CA VAL E 132 28.87 12.06 -27.05
C VAL E 132 29.67 12.86 -28.06
N PHE E 133 31.00 12.88 -27.90
CA PHE E 133 31.89 13.74 -28.68
C PHE E 133 33.20 13.00 -29.05
N PRO E 134 33.68 13.06 -30.31
CA PRO E 134 34.85 12.32 -30.77
C PRO E 134 36.18 13.09 -30.63
N LEU E 135 37.30 12.36 -30.55
CA LEU E 135 38.52 12.85 -29.89
C LEU E 135 39.85 12.79 -30.65
N ALA E 136 39.93 12.15 -31.82
CA ALA E 136 41.19 11.62 -32.36
C ALA E 136 42.36 12.63 -32.54
N PRO E 137 43.62 12.18 -32.32
CA PRO E 137 44.82 13.01 -32.33
C PRO E 137 45.40 13.22 -33.75
N SER E 138 46.43 14.05 -33.86
CA SER E 138 47.20 14.28 -35.09
C SER E 138 48.61 14.84 -34.83
N SER E 139 49.40 14.90 -35.89
CA SER E 139 50.57 15.79 -36.06
C SER E 139 51.88 15.45 -35.33
N ARG E 140 51.90 14.62 -34.27
CA ARG E 140 53.15 14.29 -33.55
C ARG E 140 53.13 12.89 -32.92
N SER E 141 54.32 12.28 -32.76
CA SER E 141 54.54 11.00 -32.06
C SER E 141 53.69 9.83 -32.60
N THR E 142 53.53 9.82 -33.93
CA THR E 142 52.84 8.79 -34.73
C THR E 142 53.74 7.56 -34.87
N SER E 143 53.94 6.82 -33.78
CA SER E 143 54.77 5.61 -33.74
C SER E 143 54.34 4.59 -34.81
N GLU E 144 55.27 3.76 -35.28
CA GLU E 144 55.03 2.82 -36.37
C GLU E 144 53.81 1.91 -36.09
N SER E 145 52.77 2.09 -36.90
CA SER E 145 51.50 1.37 -36.84
C SER E 145 50.81 1.38 -35.46
N THR E 146 51.01 2.43 -34.66
CA THR E 146 50.36 2.55 -33.36
C THR E 146 50.04 4.00 -32.95
N ALA E 147 48.76 4.31 -32.88
CA ALA E 147 48.16 5.54 -32.35
C ALA E 147 46.81 5.19 -31.69
N ALA E 148 46.14 6.09 -30.98
CA ALA E 148 44.85 5.80 -30.36
C ALA E 148 43.82 6.89 -30.64
N LEU E 149 42.55 6.51 -30.69
CA LEU E 149 41.41 7.39 -30.92
C LEU E 149 40.20 6.94 -30.09
N GLY E 150 39.22 7.82 -29.86
CA GLY E 150 38.13 7.53 -28.93
C GLY E 150 36.94 8.50 -28.93
N CYS E 151 35.94 8.14 -28.13
CA CYS E 151 34.75 8.93 -27.80
C CYS E 151 34.76 9.35 -26.32
N LEU E 152 34.47 10.62 -26.05
CA LEU E 152 34.06 11.13 -24.75
C LEU E 152 32.54 10.99 -24.63
N VAL E 153 32.06 10.47 -23.50
CA VAL E 153 30.66 10.27 -23.14
C VAL E 153 30.42 11.18 -21.93
N LYS E 154 30.12 12.45 -22.18
CA LYS E 154 30.43 13.57 -21.28
C LYS E 154 29.65 13.62 -19.95
N ASP E 155 28.32 13.58 -19.99
CA ASP E 155 27.47 13.85 -18.82
C ASP E 155 26.19 13.01 -18.85
N TYR E 156 26.06 12.04 -17.94
CA TYR E 156 24.91 11.15 -17.81
C TYR E 156 24.57 10.83 -16.35
N PHE E 157 23.36 10.32 -16.10
CA PHE E 157 22.92 9.79 -14.81
C PHE E 157 21.68 8.90 -14.96
N PRO E 158 21.55 7.81 -14.20
CA PRO E 158 22.57 7.20 -13.36
C PRO E 158 23.58 6.39 -14.19
N GLU E 159 24.63 5.90 -13.54
CA GLU E 159 25.37 4.74 -14.01
C GLU E 159 24.45 3.50 -14.10
N PRO E 160 24.80 2.48 -14.90
CA PRO E 160 25.96 2.35 -15.78
C PRO E 160 25.69 2.82 -17.21
N VAL E 161 26.70 2.72 -18.08
CA VAL E 161 26.66 3.07 -19.51
C VAL E 161 27.30 1.96 -20.34
N THR E 162 26.74 1.65 -21.52
CA THR E 162 27.32 0.68 -22.47
C THR E 162 27.95 1.39 -23.67
N VAL E 163 29.17 0.98 -24.05
CA VAL E 163 29.87 1.42 -25.26
C VAL E 163 30.41 0.23 -26.05
N SER E 164 30.34 0.29 -27.38
CA SER E 164 30.86 -0.68 -28.33
C SER E 164 31.30 0.02 -29.62
N TRP E 165 32.01 -0.68 -30.50
CA TRP E 165 32.74 -0.06 -31.63
C TRP E 165 32.47 -0.67 -33.00
N ASN E 166 32.58 0.19 -34.02
CA ASN E 166 32.29 -0.03 -35.44
C ASN E 166 30.95 -0.75 -35.64
N SER E 167 29.85 -0.02 -35.44
CA SER E 167 28.47 -0.52 -35.46
C SER E 167 28.20 -1.67 -34.46
N GLY E 168 29.04 -1.80 -33.42
CA GLY E 168 28.96 -2.90 -32.46
C GLY E 168 29.45 -4.23 -33.01
N SER E 169 30.29 -4.23 -34.05
CA SER E 169 30.90 -5.44 -34.63
C SER E 169 32.29 -5.74 -34.06
N LEU E 170 32.99 -4.72 -33.56
CA LEU E 170 34.37 -4.83 -33.12
C LEU E 170 34.50 -5.53 -31.77
N THR E 171 35.56 -6.33 -31.61
CA THR E 171 35.86 -7.13 -30.41
C THR E 171 37.34 -7.11 -30.01
N SER E 172 38.15 -6.19 -30.54
CA SER E 172 39.62 -6.21 -30.38
C SER E 172 40.24 -4.81 -30.37
N GLY E 173 41.40 -4.66 -29.73
CA GLY E 173 42.19 -3.41 -29.66
C GLY E 173 41.59 -2.30 -28.79
N VAL E 174 40.35 -2.46 -28.34
CA VAL E 174 39.58 -1.52 -27.50
C VAL E 174 40.09 -1.53 -26.06
N HIS E 175 40.07 -0.37 -25.39
CA HIS E 175 40.24 -0.24 -23.95
C HIS E 175 39.29 0.82 -23.39
N THR E 176 38.64 0.56 -22.25
CA THR E 176 37.50 1.39 -21.78
C THR E 176 37.69 1.79 -20.33
N PHE E 177 37.49 3.06 -20.00
CA PHE E 177 37.96 3.67 -18.75
C PHE E 177 36.81 3.97 -17.78
N PRO E 178 36.94 3.66 -16.47
CA PRO E 178 35.96 4.03 -15.46
C PRO E 178 35.60 5.52 -15.47
N ALA E 179 34.34 5.83 -15.17
CA ALA E 179 33.83 7.19 -15.19
C ALA E 179 34.37 8.05 -14.03
N VAL E 180 34.36 9.36 -14.23
CA VAL E 180 34.58 10.35 -13.16
C VAL E 180 33.30 11.14 -12.91
N LEU E 181 33.09 11.60 -11.69
CA LEU E 181 31.91 12.34 -11.25
C LEU E 181 32.28 13.79 -10.89
N GLN E 182 31.64 14.77 -11.53
CA GLN E 182 31.68 16.17 -11.08
C GLN E 182 30.68 16.41 -9.95
N SER E 183 30.87 17.45 -9.14
CA SER E 183 29.82 17.93 -8.23
C SER E 183 28.56 18.42 -8.96
N SER E 184 28.58 18.49 -10.29
CA SER E 184 27.40 18.54 -11.16
C SER E 184 26.44 17.37 -10.96
N GLY E 185 26.87 16.29 -10.31
CA GLY E 185 26.04 15.11 -10.08
C GLY E 185 25.90 14.18 -11.29
N LEU E 186 26.61 14.47 -12.39
CA LEU E 186 26.61 13.70 -13.63
C LEU E 186 27.98 13.07 -13.87
N TYR E 187 27.98 11.91 -14.50
CA TYR E 187 29.17 11.10 -14.72
C TYR E 187 29.73 11.30 -16.15
N SER E 188 31.05 11.29 -16.27
CA SER E 188 31.82 11.44 -17.51
C SER E 188 32.70 10.23 -17.75
N LEU E 189 32.72 9.71 -18.97
CA LEU E 189 33.29 8.40 -19.31
C LEU E 189 33.99 8.46 -20.67
N SER E 190 34.93 7.56 -20.96
CA SER E 190 35.52 7.45 -22.30
C SER E 190 36.07 6.06 -22.62
N SER E 191 36.16 5.76 -23.91
CA SER E 191 36.64 4.49 -24.48
C SER E 191 37.53 4.77 -25.70
N VAL E 192 38.54 3.93 -25.95
CA VAL E 192 39.51 4.12 -27.04
C VAL E 192 39.75 2.85 -27.82
N VAL E 193 40.26 2.99 -29.04
CA VAL E 193 40.84 1.91 -29.84
C VAL E 193 42.24 2.30 -30.32
N THR E 194 43.23 1.45 -30.08
CA THR E 194 44.56 1.59 -30.69
C THR E 194 44.55 1.12 -32.16
N VAL E 195 45.09 1.93 -33.08
CA VAL E 195 44.98 1.77 -34.53
C VAL E 195 46.33 1.97 -35.22
N PRO E 196 46.52 1.47 -36.45
CA PRO E 196 47.68 1.86 -37.25
C PRO E 196 47.70 3.38 -37.47
N SER E 197 48.85 4.02 -37.19
CA SER E 197 49.03 5.47 -36.96
C SER E 197 48.76 6.42 -38.14
N SER E 198 48.39 5.87 -39.29
CA SER E 198 48.11 6.59 -40.55
C SER E 198 46.86 6.05 -41.28
N SER E 199 46.14 5.10 -40.69
CA SER E 199 45.09 4.29 -41.37
C SER E 199 43.81 5.04 -41.74
N LEU E 200 43.62 6.29 -41.34
CA LEU E 200 42.38 7.03 -41.64
C LEU E 200 42.27 7.36 -43.15
N GLY E 201 41.06 7.36 -43.67
CA GLY E 201 40.76 7.36 -45.12
C GLY E 201 40.58 5.94 -45.68
N THR E 202 41.55 5.05 -45.51
CA THR E 202 41.40 3.60 -45.78
C THR E 202 40.61 2.88 -44.69
N GLN E 203 40.59 3.43 -43.48
CA GLN E 203 39.74 3.02 -42.36
C GLN E 203 39.04 4.23 -41.73
N THR E 204 38.02 3.95 -40.94
CA THR E 204 37.22 4.91 -40.18
C THR E 204 36.64 4.19 -38.96
N TYR E 205 36.26 4.92 -37.90
CA TYR E 205 35.81 4.31 -36.64
C TYR E 205 34.51 4.95 -36.16
N VAL E 206 33.63 4.14 -35.56
CA VAL E 206 32.31 4.58 -35.11
C VAL E 206 32.00 4.07 -33.70
N CYS E 207 31.56 4.97 -32.82
CA CYS E 207 31.04 4.66 -31.49
C CYS E 207 29.59 4.19 -31.57
N ASN E 208 29.20 3.22 -30.75
CA ASN E 208 27.86 2.68 -30.66
C ASN E 208 27.51 2.55 -29.17
N VAL E 209 26.73 3.50 -28.67
CA VAL E 209 26.62 3.89 -27.24
C VAL E 209 25.18 3.77 -26.76
N ASN E 210 24.95 3.23 -25.55
CA ASN E 210 23.60 3.02 -25.02
C ASN E 210 23.48 3.29 -23.49
N HIS E 211 22.32 3.79 -23.07
CA HIS E 211 21.97 4.18 -21.70
C HIS E 211 20.52 3.83 -21.41
N LYS E 212 20.30 2.57 -21.05
CA LYS E 212 19.00 1.99 -20.72
C LYS E 212 18.15 2.82 -19.75
N PRO E 213 18.69 3.48 -18.72
CA PRO E 213 17.90 4.34 -17.85
C PRO E 213 17.17 5.48 -18.57
N SER E 214 17.84 6.29 -19.38
CA SER E 214 17.13 7.25 -20.26
C SER E 214 16.48 6.59 -21.47
N ASN E 215 16.87 5.35 -21.77
CA ASN E 215 16.66 4.64 -23.03
C ASN E 215 17.20 5.44 -24.23
N THR E 216 18.44 5.90 -24.12
CA THR E 216 19.14 6.61 -25.20
C THR E 216 20.18 5.71 -25.86
N LYS E 217 20.05 5.50 -27.18
CA LYS E 217 21.10 4.99 -28.07
C LYS E 217 21.66 6.11 -28.95
N VAL E 218 22.98 6.17 -29.10
CA VAL E 218 23.70 7.14 -29.93
C VAL E 218 24.84 6.44 -30.67
N ASP E 219 25.16 6.93 -31.87
CA ASP E 219 26.34 6.53 -32.63
C ASP E 219 27.13 7.78 -33.06
N LYS E 220 28.44 7.66 -33.30
CA LYS E 220 29.28 8.80 -33.74
C LYS E 220 30.55 8.40 -34.51
N ARG E 221 30.89 9.10 -35.61
CA ARG E 221 32.06 8.83 -36.47
C ARG E 221 33.31 9.62 -36.06
N VAL E 222 34.47 8.97 -36.12
CA VAL E 222 35.80 9.50 -35.79
C VAL E 222 36.68 9.53 -37.07
N GLU E 223 37.36 10.66 -37.34
CA GLU E 223 37.92 11.02 -38.67
C GLU E 223 39.05 12.07 -38.61
N ILE E 224 39.69 12.42 -39.73
CA ILE E 224 40.69 13.51 -39.79
C ILE E 224 39.99 14.88 -39.67
N LYS E 225 39.88 15.42 -38.45
CA LYS E 225 39.37 16.77 -38.20
C LYS E 225 40.35 17.85 -38.66
N ALA F 1 36.71 6.23 15.42
CA ALA F 1 37.38 5.11 14.78
C ALA F 1 38.60 4.62 15.57
N LEU F 2 38.99 3.36 15.41
CA LEU F 2 40.24 2.83 15.95
C LEU F 2 41.38 3.19 15.02
N THR F 3 42.53 3.48 15.59
CA THR F 3 43.63 4.07 14.82
C THR F 3 44.47 3.00 14.16
N GLN F 4 44.52 3.02 12.84
CA GLN F 4 45.34 2.14 12.02
C GLN F 4 46.31 2.96 11.16
N PRO F 5 47.45 2.39 10.75
CA PRO F 5 48.32 3.03 9.77
C PRO F 5 47.64 3.00 8.40
N PRO F 6 47.59 4.10 7.64
CA PRO F 6 46.92 4.13 6.35
C PRO F 6 47.45 3.11 5.35
N SER F 7 48.75 2.81 5.38
CA SER F 7 49.39 1.80 4.53
C SER F 7 50.66 1.21 5.12
N VAL F 8 51.03 0.05 4.60
CA VAL F 8 52.26 -0.69 4.91
C VAL F 8 52.67 -1.50 3.68
N SER F 9 53.92 -1.89 3.56
CA SER F 9 54.40 -2.73 2.45
C SER F 9 55.46 -3.73 2.87
N GLY F 10 55.63 -4.78 2.09
CA GLY F 10 56.67 -5.79 2.29
C GLY F 10 56.91 -6.64 1.04
N SER F 11 58.08 -7.27 0.97
CA SER F 11 58.46 -8.12 -0.16
C SER F 11 57.89 -9.52 0.00
N PRO F 12 57.61 -10.26 -1.09
CA PRO F 12 57.11 -11.62 -1.00
C PRO F 12 57.98 -12.48 -0.09
N GLY F 13 57.35 -13.37 0.68
CA GLY F 13 57.98 -14.20 1.70
C GLY F 13 58.29 -13.50 3.02
N GLN F 14 58.34 -12.17 3.10
CA GLN F 14 58.60 -11.44 4.35
C GLN F 14 57.40 -11.48 5.30
N SER F 15 57.47 -10.76 6.42
CA SER F 15 56.40 -10.66 7.40
C SER F 15 56.05 -9.22 7.74
N VAL F 16 54.79 -8.96 8.06
CA VAL F 16 54.19 -7.62 8.17
C VAL F 16 53.27 -7.54 9.37
N ILE F 17 53.33 -6.43 10.09
CA ILE F 17 52.54 -6.16 11.28
C ILE F 17 51.64 -4.96 11.02
N ILE F 18 50.34 -5.13 11.19
CA ILE F 18 49.34 -4.08 11.12
C ILE F 18 48.86 -3.82 12.54
N SER F 19 49.00 -2.62 13.06
CA SER F 19 48.56 -2.28 14.41
C SER F 19 47.15 -1.71 14.41
N CYS F 20 46.56 -1.65 15.59
CA CYS F 20 45.25 -1.08 15.85
C CYS F 20 45.23 -0.55 17.27
N THR F 21 45.11 0.75 17.44
CA THR F 21 45.11 1.38 18.77
C THR F 21 43.74 1.94 19.11
N GLY F 22 43.31 1.68 20.34
CA GLY F 22 42.01 2.11 20.84
C GLY F 22 42.09 2.71 22.24
N THR F 23 41.19 2.31 23.12
CA THR F 23 41.05 2.89 24.46
C THR F 23 40.75 1.81 25.49
N SER F 24 40.92 2.13 26.77
CA SER F 24 40.55 1.33 27.93
C SER F 24 39.04 1.11 28.09
N SER F 25 38.26 1.45 27.07
CA SER F 25 36.82 1.21 26.97
C SER F 25 36.43 0.41 25.72
N ASP F 26 37.40 -0.04 24.92
CA ASP F 26 37.20 -1.02 23.86
C ASP F 26 38.33 -2.06 23.83
N ILE F 27 39.44 -1.82 23.13
CA ILE F 27 40.53 -2.79 22.99
C ILE F 27 41.06 -3.23 24.34
N GLY F 28 41.19 -2.30 25.28
CA GLY F 28 41.74 -2.58 26.59
C GLY F 28 40.75 -3.23 27.55
N GLN F 29 39.45 -3.13 27.29
CA GLN F 29 38.43 -3.71 28.16
C GLN F 29 38.09 -5.16 27.81
N TYR F 30 38.20 -5.57 26.55
CA TYR F 30 37.70 -6.85 26.03
C TYR F 30 38.71 -7.61 25.17
N ASN F 31 38.63 -8.94 25.15
CA ASN F 31 39.34 -9.80 24.19
C ASN F 31 38.46 -10.10 22.98
N SER F 32 38.12 -9.07 22.24
CA SER F 32 37.14 -9.09 21.15
C SER F 32 37.73 -8.83 19.77
N VAL F 33 38.99 -8.41 19.66
CA VAL F 33 39.49 -7.77 18.47
C VAL F 33 39.53 -8.72 17.29
N SER F 34 38.81 -8.38 16.24
CA SER F 34 38.70 -9.14 15.00
C SER F 34 39.40 -8.41 13.87
N TRP F 35 39.73 -9.11 12.80
CA TRP F 35 40.40 -8.58 11.64
C TRP F 35 39.78 -9.08 10.36
N TYR F 36 39.74 -8.21 9.38
CA TYR F 36 39.08 -8.41 8.11
C TYR F 36 40.04 -8.11 6.97
N GLN F 37 40.02 -8.91 5.92
CA GLN F 37 40.75 -8.71 4.67
C GLN F 37 39.77 -8.34 3.58
N GLN F 38 39.95 -7.21 2.92
CA GLN F 38 39.10 -6.82 1.80
C GLN F 38 39.89 -6.56 0.53
N HIS F 39 39.50 -7.25 -0.53
CA HIS F 39 39.94 -7.01 -1.88
C HIS F 39 38.99 -6.05 -2.61
N PRO F 40 39.46 -5.31 -3.61
CA PRO F 40 38.66 -4.30 -4.27
C PRO F 40 37.41 -4.89 -4.93
N ASP F 41 36.31 -4.17 -4.77
CA ASP F 41 34.98 -4.52 -5.26
C ASP F 41 34.46 -5.90 -4.81
N LYS F 42 34.89 -6.34 -3.62
CA LYS F 42 34.40 -7.56 -2.96
C LYS F 42 34.13 -7.32 -1.48
N ALA F 43 33.31 -8.18 -0.88
CA ALA F 43 32.98 -8.14 0.53
C ALA F 43 34.14 -8.60 1.42
N PRO F 44 34.29 -8.08 2.64
CA PRO F 44 35.36 -8.47 3.53
C PRO F 44 35.40 -9.96 3.81
N LYS F 45 36.50 -10.43 4.36
CA LYS F 45 36.67 -11.80 4.83
C LYS F 45 37.26 -11.76 6.21
N LEU F 46 36.69 -12.50 7.16
CA LEU F 46 37.16 -12.58 8.52
C LEU F 46 38.38 -13.47 8.59
N VAL F 47 39.40 -12.97 9.29
CA VAL F 47 40.77 -13.49 9.28
C VAL F 47 41.22 -13.84 10.69
N ILE F 48 40.78 -13.11 11.69
CA ILE F 48 41.01 -13.32 13.12
C ILE F 48 39.76 -12.85 13.86
N TYR F 49 39.41 -13.46 14.98
CA TYR F 49 38.20 -13.11 15.72
C TYR F 49 38.29 -13.13 17.24
N GLY F 50 39.21 -13.90 17.82
CA GLY F 50 39.35 -13.92 19.27
C GLY F 50 40.11 -12.66 19.59
N VAL F 51 41.40 -12.83 19.66
CA VAL F 51 42.41 -11.84 19.35
C VAL F 51 43.48 -12.61 18.62
N THR F 52 43.75 -13.81 19.10
CA THR F 52 44.60 -14.88 18.60
C THR F 52 43.93 -15.85 17.65
N SER F 53 42.66 -16.15 17.85
CA SER F 53 41.91 -17.21 17.17
C SER F 53 41.51 -16.81 15.77
N ARG F 54 41.57 -17.74 14.81
CA ARG F 54 41.18 -17.55 13.41
C ARG F 54 40.17 -18.59 12.92
N PRO F 55 39.25 -18.22 12.01
CA PRO F 55 38.24 -19.12 11.47
C PRO F 55 38.78 -20.34 10.76
N SER F 56 37.93 -21.32 10.51
CA SER F 56 38.24 -22.40 9.59
C SER F 56 38.49 -21.85 8.19
N GLY F 57 39.46 -22.44 7.48
CA GLY F 57 39.80 -22.08 6.11
C GLY F 57 40.69 -20.84 5.97
N VAL F 58 41.20 -20.32 7.08
CA VAL F 58 42.14 -19.18 7.11
C VAL F 58 43.54 -19.72 7.37
N SER F 59 44.49 -19.26 6.57
CA SER F 59 45.86 -19.76 6.58
C SER F 59 46.59 -19.44 7.87
N ASP F 60 47.47 -20.34 8.29
CA ASP F 60 48.30 -20.30 9.48
C ASP F 60 49.19 -19.06 9.55
N ARG F 61 49.40 -18.42 8.41
CA ARG F 61 50.20 -17.23 8.22
C ARG F 61 49.66 -16.01 8.94
N PHE F 62 48.35 -15.95 9.14
CA PHE F 62 47.64 -14.90 9.84
C PHE F 62 47.61 -15.19 11.34
N SER F 63 47.91 -14.18 12.12
CA SER F 63 48.12 -14.29 13.55
C SER F 63 47.70 -12.97 14.20
N GLY F 64 47.38 -12.97 15.47
CA GLY F 64 46.90 -11.79 16.16
C GLY F 64 47.32 -11.72 17.61
N SER F 65 47.41 -10.51 18.14
CA SER F 65 47.93 -10.26 19.47
C SER F 65 47.45 -8.93 20.03
N LYS F 66 47.66 -8.70 21.31
CA LYS F 66 47.26 -7.47 22.01
C LYS F 66 48.21 -7.17 23.15
N TYR F 67 48.48 -5.90 23.41
CA TYR F 67 49.07 -5.42 24.65
C TYR F 67 48.38 -4.10 25.01
N GLY F 68 47.94 -3.94 26.25
CA GLY F 68 47.19 -2.75 26.64
C GLY F 68 46.02 -2.46 25.69
N ASP F 69 45.92 -1.22 25.24
CA ASP F 69 44.89 -0.75 24.31
C ASP F 69 45.28 -0.91 22.83
N THR F 70 46.35 -1.63 22.51
CA THR F 70 46.82 -1.81 21.14
C THR F 70 46.87 -3.28 20.75
N ALA F 71 46.29 -3.59 19.60
CA ALA F 71 46.17 -4.91 19.04
C ALA F 71 46.88 -4.99 17.69
N SER F 72 47.26 -6.18 17.24
CA SER F 72 48.03 -6.32 16.01
C SER F 72 47.63 -7.53 15.20
N LEU F 73 47.69 -7.42 13.89
CA LEU F 73 47.59 -8.51 12.94
C LEU F 73 48.96 -8.74 12.33
N THR F 74 49.41 -9.97 12.33
CA THR F 74 50.65 -10.36 11.69
C THR F 74 50.34 -11.24 10.51
N ILE F 75 50.88 -10.97 9.33
CA ILE F 75 50.88 -11.92 8.21
C ILE F 75 52.31 -12.33 7.92
N SER F 76 52.61 -13.62 7.90
CA SER F 76 53.91 -14.15 7.48
C SER F 76 53.86 -14.68 6.05
N GLY F 77 54.99 -15.08 5.49
CA GLY F 77 55.01 -15.84 4.23
C GLY F 77 54.37 -15.12 3.06
N LEU F 78 54.50 -13.79 3.03
CA LEU F 78 53.71 -12.88 2.22
C LEU F 78 53.58 -13.27 0.76
N GLN F 79 52.37 -13.19 0.19
CA GLN F 79 52.02 -13.64 -1.15
C GLN F 79 51.16 -12.61 -1.89
N ALA F 80 51.05 -12.75 -3.21
CA ALA F 80 50.32 -11.79 -4.04
C ALA F 80 48.84 -11.68 -3.66
N GLU F 81 48.27 -12.75 -3.09
CA GLU F 81 46.90 -12.77 -2.60
C GLU F 81 46.68 -11.89 -1.37
N ASP F 82 47.73 -11.56 -0.63
CA ASP F 82 47.65 -10.79 0.60
C ASP F 82 47.56 -9.29 0.37
N GLU F 83 47.63 -8.84 -0.88
CA GLU F 83 47.44 -7.46 -1.25
C GLU F 83 45.95 -7.10 -1.11
N ALA F 84 45.63 -6.36 -0.05
CA ALA F 84 44.27 -6.08 0.38
C ALA F 84 44.26 -4.86 1.31
N ASP F 85 43.09 -4.26 1.53
CA ASP F 85 42.87 -3.43 2.72
C ASP F 85 42.51 -4.32 3.91
N TYR F 86 43.10 -4.08 5.07
CA TYR F 86 42.82 -4.79 6.31
C TYR F 86 42.22 -3.87 7.34
N TYR F 87 41.12 -4.28 7.95
CA TYR F 87 40.42 -3.55 8.99
C TYR F 87 40.44 -4.36 10.28
N CYS F 88 40.67 -3.68 11.39
CA CYS F 88 40.42 -4.22 12.72
C CYS F 88 39.03 -3.83 13.17
N SER F 89 38.49 -4.53 14.17
CA SER F 89 37.34 -4.07 14.90
C SER F 89 37.28 -4.62 16.31
N SER F 90 36.73 -3.86 17.24
CA SER F 90 36.54 -4.29 18.62
C SER F 90 35.15 -4.02 19.09
N HIS F 91 34.59 -4.91 19.88
CA HIS F 91 33.47 -4.59 20.73
C HIS F 91 33.82 -3.39 21.59
N ALA F 92 32.89 -2.47 21.62
CA ALA F 92 32.92 -1.25 22.37
C ALA F 92 31.68 -1.21 23.26
N ASP F 93 31.83 -0.64 24.44
CA ASP F 93 30.87 -0.83 25.52
C ASP F 93 29.45 -0.40 25.15
N GLU F 94 28.47 -0.99 25.83
CA GLU F 94 27.03 -0.85 25.58
C GLU F 94 26.55 -1.54 24.29
N ASN F 95 27.04 -2.75 23.99
CA ASN F 95 26.63 -3.59 22.85
C ASN F 95 26.90 -3.00 21.46
N MET F 96 28.07 -2.38 21.28
CA MET F 96 28.55 -1.76 20.05
C MET F 96 29.77 -2.48 19.53
N ALA F 97 30.15 -2.21 18.29
CA ALA F 97 31.47 -2.48 17.77
C ALA F 97 32.00 -1.31 16.95
N LEU F 98 33.31 -1.06 17.03
CA LEU F 98 34.01 -0.06 16.24
C LEU F 98 34.90 -0.75 15.23
N PHE F 99 34.86 -0.32 13.99
CA PHE F 99 35.93 -0.55 13.04
C PHE F 99 37.07 0.44 13.21
N GLY F 100 38.26 0.01 12.81
CA GLY F 100 39.37 0.90 12.57
C GLY F 100 39.34 1.53 11.19
N GLY F 101 40.26 2.44 10.94
CA GLY F 101 40.30 3.21 9.70
C GLY F 101 40.67 2.43 8.44
N GLY F 102 41.28 1.26 8.59
CA GLY F 102 41.72 0.41 7.50
C GLY F 102 43.12 0.72 7.00
N THR F 103 43.91 -0.31 6.78
CA THR F 103 45.30 -0.27 6.33
C THR F 103 45.41 -0.89 4.97
N ARG F 104 45.96 -0.22 3.97
CA ARG F 104 46.24 -0.82 2.67
C ARG F 104 47.62 -1.43 2.63
N LEU F 105 47.69 -2.72 2.33
CA LEU F 105 48.94 -3.46 2.29
C LEU F 105 49.34 -3.71 0.84
N THR F 106 50.57 -3.35 0.51
CA THR F 106 51.14 -3.64 -0.81
C THR F 106 52.22 -4.69 -0.72
N VAL F 107 52.16 -5.64 -1.63
CA VAL F 107 53.19 -6.67 -1.80
C VAL F 107 54.03 -6.25 -2.99
N LEU F 108 55.32 -6.08 -2.75
CA LEU F 108 56.29 -5.58 -3.71
C LEU F 108 56.72 -6.66 -4.71
N GLY F 109 55.73 -7.21 -5.41
CA GLY F 109 55.82 -8.41 -6.23
C GLY F 109 56.23 -8.13 -7.65
N GLN F 110 55.29 -7.68 -8.49
CA GLN F 110 55.55 -7.50 -9.91
C GLN F 110 56.65 -6.46 -10.18
N PRO F 111 57.34 -6.54 -11.34
CA PRO F 111 58.31 -5.54 -11.75
C PRO F 111 57.62 -4.22 -12.10
N LYS F 112 58.25 -3.09 -11.78
CA LYS F 112 57.66 -1.78 -12.03
C LYS F 112 57.40 -1.59 -13.52
N ALA F 113 56.20 -1.17 -13.90
CA ALA F 113 55.85 -0.81 -15.27
C ALA F 113 55.52 0.67 -15.34
N SER F 114 56.30 1.40 -16.15
CA SER F 114 56.10 2.83 -16.41
C SER F 114 54.85 3.05 -17.25
N PRO F 115 54.15 4.18 -17.07
CA PRO F 115 52.88 4.43 -17.74
C PRO F 115 53.02 4.67 -19.23
N THR F 116 51.98 4.30 -19.97
CA THR F 116 51.74 4.76 -21.33
C THR F 116 50.58 5.74 -21.27
N VAL F 117 50.82 6.98 -21.66
CA VAL F 117 49.87 8.09 -21.49
C VAL F 117 49.34 8.53 -22.84
N THR F 118 48.05 8.81 -22.91
CA THR F 118 47.36 9.39 -24.07
C THR F 118 46.60 10.64 -23.65
N LEU F 119 46.41 11.57 -24.59
CA LEU F 119 45.77 12.86 -24.38
C LEU F 119 44.91 13.22 -25.60
N PHE F 120 43.82 13.95 -25.36
CA PHE F 120 42.94 14.44 -26.41
C PHE F 120 42.58 15.93 -26.20
N PRO F 121 42.52 16.74 -27.28
CA PRO F 121 42.02 18.11 -27.23
C PRO F 121 40.48 18.13 -27.26
N PRO F 122 39.84 19.27 -26.97
CA PRO F 122 38.38 19.38 -27.06
C PRO F 122 37.84 19.01 -28.43
N SER F 123 36.68 18.36 -28.49
CA SER F 123 35.96 18.09 -29.76
C SER F 123 35.42 19.39 -30.35
N SER F 124 35.47 19.54 -31.68
CA SER F 124 34.76 20.65 -32.35
C SER F 124 33.28 20.64 -31.98
N GLU F 125 32.73 19.45 -31.85
CA GLU F 125 31.38 19.15 -31.39
C GLU F 125 31.09 19.67 -29.98
N GLU F 126 32.07 19.71 -29.06
CA GLU F 126 31.86 20.32 -27.73
C GLU F 126 31.93 21.85 -27.83
N LEU F 127 32.85 22.37 -28.64
CA LEU F 127 33.02 23.81 -28.84
C LEU F 127 31.81 24.47 -29.51
N GLN F 128 30.90 23.70 -30.10
CA GLN F 128 29.58 24.19 -30.54
C GLN F 128 28.82 24.86 -29.39
N ALA F 129 28.96 24.36 -28.17
CA ALA F 129 28.39 24.94 -26.94
C ALA F 129 29.36 25.86 -26.17
N ASN F 130 30.56 26.12 -26.71
CA ASN F 130 31.66 26.83 -26.05
C ASN F 130 32.09 26.26 -24.67
N LYS F 131 31.74 25.02 -24.36
CA LYS F 131 32.41 24.21 -23.33
C LYS F 131 33.76 23.75 -23.87
N ALA F 132 34.74 23.46 -23.02
CA ALA F 132 36.03 22.91 -23.46
C ALA F 132 36.62 21.93 -22.44
N THR F 133 36.82 20.67 -22.81
CA THR F 133 37.33 19.61 -21.93
C THR F 133 38.49 18.82 -22.52
N LEU F 134 39.56 18.63 -21.75
CA LEU F 134 40.72 17.82 -22.08
C LEU F 134 40.76 16.55 -21.24
N VAL F 135 41.05 15.43 -21.90
CA VAL F 135 41.01 14.08 -21.35
C VAL F 135 42.39 13.47 -21.43
N CYS F 136 43.00 13.15 -20.29
CA CYS F 136 44.21 12.35 -20.24
C CYS F 136 43.88 10.95 -19.72
N LEU F 137 44.30 9.95 -20.46
CA LEU F 137 44.16 8.55 -20.11
C LEU F 137 45.53 7.98 -19.80
N ILE F 138 45.67 7.39 -18.63
CA ILE F 138 46.90 6.83 -18.11
C ILE F 138 46.71 5.32 -18.14
N SER F 139 47.65 4.59 -18.71
CA SER F 139 47.48 3.18 -18.98
C SER F 139 48.72 2.37 -18.65
N ASP F 140 48.53 1.08 -18.46
CA ASP F 140 49.56 0.06 -18.47
C ASP F 140 50.64 0.22 -17.37
N PHE F 141 50.28 0.70 -16.18
CA PHE F 141 51.26 1.00 -15.12
C PHE F 141 51.13 0.13 -13.87
N TYR F 142 52.23 -0.12 -13.19
CA TYR F 142 52.28 -0.78 -11.88
C TYR F 142 53.54 -0.33 -11.15
N PRO F 143 53.52 0.02 -9.85
CA PRO F 143 52.41 0.09 -8.90
C PRO F 143 51.21 0.94 -9.29
N GLY F 144 50.09 0.76 -8.60
CA GLY F 144 48.82 1.47 -8.83
C GLY F 144 48.76 2.85 -8.22
N VAL F 145 49.85 3.61 -8.32
CA VAL F 145 50.03 4.95 -7.72
C VAL F 145 50.61 5.93 -8.73
N VAL F 146 50.06 7.14 -8.77
CA VAL F 146 50.48 8.20 -9.70
C VAL F 146 50.09 9.58 -9.17
N LYS F 147 50.93 10.59 -9.40
CA LYS F 147 50.57 12.00 -9.22
C LYS F 147 50.45 12.68 -10.58
N VAL F 148 49.39 13.45 -10.81
CA VAL F 148 49.16 14.19 -12.07
C VAL F 148 49.03 15.68 -11.79
N ALA F 149 49.45 16.51 -12.72
CA ALA F 149 49.16 17.95 -12.73
C ALA F 149 48.81 18.44 -14.13
N TRP F 150 47.85 19.35 -14.24
CA TRP F 150 47.52 20.02 -15.51
C TRP F 150 48.25 21.35 -15.62
N LYS F 151 48.80 21.63 -16.79
CA LYS F 151 49.59 22.83 -17.08
C LYS F 151 48.96 23.61 -18.23
N ALA F 152 48.96 24.93 -18.13
CA ALA F 152 48.71 25.84 -19.26
C ALA F 152 49.50 27.15 -19.10
N ASP F 153 50.03 27.71 -20.19
CA ASP F 153 51.08 28.74 -20.13
C ASP F 153 52.25 28.32 -19.21
N GLY F 154 52.62 27.03 -19.26
CA GLY F 154 53.58 26.38 -18.36
C GLY F 154 53.19 26.36 -16.86
N SER F 155 52.01 26.87 -16.52
CA SER F 155 51.56 27.17 -15.15
C SER F 155 50.54 26.16 -14.67
N ALA F 156 50.59 25.78 -13.39
CA ALA F 156 49.75 24.72 -12.85
C ALA F 156 48.28 25.14 -12.70
N VAL F 157 47.37 24.40 -13.34
CA VAL F 157 45.95 24.74 -13.46
C VAL F 157 45.19 24.15 -12.28
N ASN F 158 45.18 24.84 -11.15
CA ASN F 158 44.54 24.42 -9.89
C ASN F 158 42.99 24.54 -9.89
N ALA F 159 42.36 24.46 -11.06
CA ALA F 159 40.93 24.61 -11.28
C ALA F 159 40.43 23.63 -12.34
N GLY F 160 39.17 23.20 -12.22
CA GLY F 160 38.47 22.46 -13.27
C GLY F 160 38.94 21.03 -13.51
N VAL F 161 39.93 20.54 -12.76
CA VAL F 161 40.40 19.15 -12.84
C VAL F 161 39.48 18.22 -12.04
N GLU F 162 39.20 17.03 -12.57
CA GLU F 162 38.80 15.86 -11.78
C GLU F 162 39.70 14.67 -12.13
N THR F 163 39.89 13.76 -11.19
CA THR F 163 40.75 12.56 -11.35
C THR F 163 40.00 11.31 -10.93
N THR F 164 40.18 10.20 -11.65
CA THR F 164 39.76 8.88 -11.16
C THR F 164 40.81 8.35 -10.21
N THR F 165 40.37 7.73 -9.11
CA THR F 165 41.23 6.82 -8.35
C THR F 165 41.65 5.66 -9.27
N PRO F 166 42.91 5.19 -9.22
CA PRO F 166 43.40 4.11 -10.09
C PRO F 166 42.53 2.85 -10.03
N SER F 167 42.56 2.07 -11.10
CA SER F 167 41.75 0.87 -11.26
C SER F 167 42.51 -0.24 -12.00
N LYS F 168 42.35 -1.51 -11.64
CA LYS F 168 43.09 -2.59 -12.30
C LYS F 168 42.59 -2.84 -13.72
N GLN F 169 43.52 -3.05 -14.64
CA GLN F 169 43.28 -3.56 -15.98
C GLN F 169 43.10 -5.08 -16.00
N SER F 170 42.68 -5.62 -17.14
CA SER F 170 42.55 -7.05 -17.42
C SER F 170 43.87 -7.84 -17.39
N ASN F 171 44.99 -7.20 -17.05
CA ASN F 171 46.34 -7.76 -16.95
C ASN F 171 46.96 -7.66 -15.54
N ASN F 172 46.20 -7.16 -14.55
CA ASN F 172 46.63 -6.80 -13.20
C ASN F 172 47.63 -5.63 -13.04
N LYS F 173 48.04 -4.95 -14.13
CA LYS F 173 48.51 -3.55 -14.08
C LYS F 173 47.30 -2.61 -13.94
N TYR F 174 47.50 -1.30 -13.98
CA TYR F 174 46.50 -0.28 -13.68
C TYR F 174 46.27 0.68 -14.85
N ALA F 175 45.07 1.23 -14.89
CA ALA F 175 44.63 2.32 -15.74
C ALA F 175 43.93 3.39 -14.91
N ALA F 176 44.05 4.63 -15.35
CA ALA F 176 43.53 5.81 -14.68
C ALA F 176 43.17 6.90 -15.70
N SER F 177 42.47 7.95 -15.27
CA SER F 177 42.06 9.07 -16.11
C SER F 177 42.02 10.37 -15.30
N SER F 178 42.24 11.48 -15.98
CA SER F 178 41.88 12.82 -15.50
C SER F 178 41.18 13.63 -16.57
N TYR F 179 40.23 14.47 -16.17
CA TYR F 179 39.45 15.31 -17.06
C TYR F 179 39.60 16.75 -16.56
N LEU F 180 40.06 17.66 -17.41
CA LEU F 180 40.09 19.09 -17.12
C LEU F 180 38.99 19.76 -17.94
N SER F 181 38.01 20.42 -17.29
CA SER F 181 36.90 21.08 -17.97
C SER F 181 36.77 22.55 -17.61
N LEU F 182 36.56 23.37 -18.64
CA LEU F 182 36.58 24.83 -18.70
C LEU F 182 35.53 25.33 -19.72
N THR F 183 35.36 26.63 -19.90
CA THR F 183 34.83 27.19 -21.16
C THR F 183 35.93 27.39 -22.20
N SER F 184 35.56 27.49 -23.48
CA SER F 184 36.48 27.68 -24.62
C SER F 184 37.32 28.95 -24.54
N ASP F 185 36.86 30.00 -23.86
CA ASP F 185 37.61 31.23 -23.66
C ASP F 185 38.77 31.06 -22.68
N GLN F 186 38.74 30.08 -21.78
CA GLN F 186 39.86 29.70 -20.91
C GLN F 186 40.91 28.91 -21.71
N TRP F 187 40.43 28.04 -22.60
CA TRP F 187 41.23 27.31 -23.58
C TRP F 187 41.93 28.24 -24.57
N LYS F 188 41.37 29.41 -24.86
CA LYS F 188 42.05 30.50 -25.59
C LYS F 188 42.92 31.38 -24.68
N SER F 189 42.48 31.67 -23.46
CA SER F 189 43.19 32.53 -22.50
C SER F 189 44.56 31.99 -22.09
N HIS F 190 44.81 30.68 -22.27
CA HIS F 190 46.15 30.09 -22.21
C HIS F 190 46.53 29.40 -23.54
N LYS F 191 47.78 29.52 -23.97
CA LYS F 191 48.20 29.29 -25.37
C LYS F 191 48.63 27.86 -25.71
N SER F 192 48.89 27.01 -24.71
CA SER F 192 49.07 25.56 -24.83
C SER F 192 48.69 24.87 -23.52
N TYR F 193 48.35 23.57 -23.56
CA TYR F 193 47.93 22.75 -22.44
C TYR F 193 48.67 21.41 -22.38
N SER F 194 48.88 20.89 -21.17
CA SER F 194 49.56 19.61 -20.95
C SER F 194 49.07 18.90 -19.70
N CYS F 195 49.21 17.56 -19.70
CA CYS F 195 49.06 16.75 -18.52
C CYS F 195 50.42 16.19 -18.10
N GLN F 196 50.97 16.66 -16.98
CA GLN F 196 52.06 15.99 -16.28
C GLN F 196 51.52 14.74 -15.61
N VAL F 197 52.18 13.61 -15.83
CA VAL F 197 51.86 12.34 -15.18
C VAL F 197 53.12 11.77 -14.55
N THR F 198 53.06 11.46 -13.25
CA THR F 198 54.21 11.23 -12.36
C THR F 198 54.03 9.89 -11.67
N HIS F 199 54.47 8.81 -12.28
CA HIS F 199 54.52 7.52 -11.63
C HIS F 199 55.85 7.39 -10.89
N GLU F 200 55.84 7.19 -9.56
CA GLU F 200 57.00 7.46 -8.69
C GLU F 200 58.30 6.84 -9.20
N GLY F 201 59.36 7.65 -9.29
CA GLY F 201 60.61 7.34 -10.01
C GLY F 201 60.67 7.85 -11.46
N SER F 202 59.65 8.57 -11.93
CA SER F 202 59.51 8.98 -13.34
C SER F 202 58.57 10.17 -13.50
N THR F 203 58.57 10.80 -14.67
CA THR F 203 57.50 11.70 -15.11
C THR F 203 57.37 11.62 -16.63
N VAL F 204 56.20 11.81 -17.23
CA VAL F 204 56.00 11.62 -18.68
C VAL F 204 55.22 12.74 -19.36
N GLU F 205 55.54 12.95 -20.64
CA GLU F 205 55.08 14.03 -21.51
C GLU F 205 53.79 13.71 -22.26
N LYS F 206 52.81 14.62 -22.22
CA LYS F 206 51.80 14.77 -23.28
C LYS F 206 51.14 16.16 -23.26
N THR F 207 51.00 16.78 -24.44
CA THR F 207 50.54 18.18 -24.59
C THR F 207 49.80 18.41 -25.92
N VAL F 208 48.90 19.38 -25.93
CA VAL F 208 48.10 19.81 -27.09
C VAL F 208 47.76 21.31 -26.96
N ALA F 209 47.48 22.01 -28.06
CA ALA F 209 47.23 23.45 -28.09
C ALA F 209 46.12 23.89 -29.08
N PRO F 210 45.48 25.06 -28.86
CA PRO F 210 44.53 25.65 -29.81
C PRO F 210 45.08 25.76 -31.23
N ALA F 211 44.30 25.30 -32.21
CA ALA F 211 44.67 25.19 -33.62
C ALA F 211 46.01 24.48 -33.86
N GLN G 1 14.35 13.10 19.14
CA GLN G 1 15.42 12.13 18.93
C GLN G 1 15.02 10.69 19.30
N VAL G 2 13.74 10.40 19.07
CA VAL G 2 13.11 9.12 18.73
C VAL G 2 11.98 9.53 17.80
N GLN G 3 11.73 8.78 16.74
CA GLN G 3 10.92 9.28 15.64
C GLN G 3 9.83 8.31 15.26
N LEU G 4 8.63 8.83 15.00
CA LEU G 4 7.43 8.07 14.72
C LEU G 4 6.93 8.51 13.34
N GLN G 5 7.18 7.71 12.32
CA GLN G 5 6.69 7.99 10.98
C GLN G 5 5.31 7.37 10.84
N GLU G 6 4.42 7.92 10.03
CA GLU G 6 3.06 7.44 9.86
C GLU G 6 2.77 7.06 8.43
N SER G 7 1.89 6.08 8.24
CA SER G 7 1.48 5.60 6.95
C SER G 7 0.08 5.00 6.96
N GLY G 8 -0.55 4.98 5.80
CA GLY G 8 -1.90 4.49 5.58
C GLY G 8 -2.56 5.17 4.37
N PRO G 9 -3.78 4.74 4.00
CA PRO G 9 -4.49 5.25 2.85
C PRO G 9 -5.28 6.51 3.19
N GLY G 10 -5.44 7.43 2.23
CA GLY G 10 -6.17 8.69 2.45
C GLY G 10 -7.70 8.58 2.42
N LEU G 11 -8.26 7.63 1.68
CA LEU G 11 -9.71 7.48 1.49
C LEU G 11 -10.17 6.07 1.84
N VAL G 12 -11.31 5.95 2.50
CA VAL G 12 -11.89 4.68 2.93
C VAL G 12 -13.38 4.62 2.60
N LYS G 13 -13.85 3.51 2.05
CA LYS G 13 -15.26 3.24 1.80
C LYS G 13 -15.99 2.85 3.10
N PRO G 14 -17.21 3.36 3.39
CA PRO G 14 -18.03 2.92 4.52
C PRO G 14 -18.19 1.41 4.65
N SER G 15 -18.35 0.95 5.89
CA SER G 15 -17.95 -0.39 6.32
C SER G 15 -16.44 -0.62 6.14
N GLU G 16 -16.02 -1.67 5.47
CA GLU G 16 -14.61 -2.04 5.27
C GLU G 16 -13.78 -1.95 6.57
N THR G 17 -12.53 -1.50 6.48
CA THR G 17 -11.71 -1.13 7.62
C THR G 17 -10.88 0.10 7.28
N LEU G 18 -10.70 0.97 8.25
CA LEU G 18 -9.73 2.04 8.23
C LEU G 18 -8.48 1.51 8.92
N SER G 19 -7.37 1.44 8.21
CA SER G 19 -6.12 0.86 8.69
C SER G 19 -4.99 1.86 8.60
N LEU G 20 -4.21 2.00 9.66
CA LEU G 20 -3.13 2.97 9.78
C LEU G 20 -1.97 2.31 10.48
N THR G 21 -0.75 2.68 10.13
CA THR G 21 0.44 2.13 10.79
C THR G 21 1.43 3.23 11.13
N CYS G 22 2.11 3.07 12.24
CA CYS G 22 3.08 3.99 12.76
C CYS G 22 4.35 3.23 12.98
N ALA G 23 5.43 3.70 12.38
CA ALA G 23 6.72 3.04 12.35
C ALA G 23 7.72 3.80 13.20
N VAL G 24 8.38 3.08 14.09
CA VAL G 24 9.10 3.63 15.22
C VAL G 24 10.60 3.43 15.03
N SER G 25 11.43 4.45 15.20
CA SER G 25 12.87 4.32 15.08
C SER G 25 13.64 4.65 16.34
N GLY G 26 14.80 4.03 16.49
CA GLY G 26 15.69 4.19 17.65
C GLY G 26 15.30 3.48 18.94
N VAL G 27 14.20 2.71 18.95
CA VAL G 27 13.72 1.99 20.12
C VAL G 27 12.91 0.77 19.68
N SER G 28 12.92 -0.32 20.44
CA SER G 28 12.17 -1.52 20.06
C SER G 28 10.70 -1.37 20.40
N ILE G 29 9.82 -1.79 19.51
CA ILE G 29 8.38 -1.75 19.76
C ILE G 29 8.00 -2.59 20.98
N ASN G 30 8.81 -3.56 21.39
CA ASN G 30 8.55 -4.32 22.61
C ASN G 30 9.03 -3.63 23.88
N ASP G 31 9.73 -2.50 23.84
CA ASP G 31 10.37 -1.94 25.03
C ASP G 31 9.41 -1.42 26.12
N GLY G 32 8.09 -1.49 25.93
CA GLY G 32 7.14 -1.17 26.98
C GLY G 32 6.92 0.33 27.15
N TYR G 33 6.16 0.91 26.22
CA TYR G 33 6.10 2.35 26.00
C TYR G 33 4.70 2.86 25.63
N ASP G 34 3.61 2.12 25.83
CA ASP G 34 2.25 2.61 25.57
C ASP G 34 2.09 3.32 24.22
N TRP G 35 2.11 2.54 23.17
CA TRP G 35 2.02 2.98 21.79
C TRP G 35 0.58 3.39 21.50
N THR G 36 0.32 4.69 21.46
CA THR G 36 -1.01 5.28 21.63
C THR G 36 -1.50 5.92 20.36
N TRP G 37 -2.78 5.76 20.02
CA TRP G 37 -3.43 6.38 18.88
C TRP G 37 -4.41 7.47 19.31
N ILE G 38 -4.36 8.61 18.63
CA ILE G 38 -5.12 9.83 18.93
C ILE G 38 -5.73 10.33 17.63
N ARG G 39 -6.92 10.92 17.63
CA ARG G 39 -7.49 11.55 16.43
C ARG G 39 -8.13 12.90 16.68
N GLN G 40 -8.29 13.66 15.63
CA GLN G 40 -8.80 15.02 15.63
C GLN G 40 -9.52 15.30 14.32
N THR G 41 -10.84 15.25 14.29
CA THR G 41 -11.61 15.77 13.14
C THR G 41 -11.26 17.23 12.95
N PRO G 42 -10.90 17.73 11.74
CA PRO G 42 -10.26 19.04 11.63
C PRO G 42 -11.03 20.17 12.33
N GLY G 43 -10.34 20.89 13.20
CA GLY G 43 -10.89 21.96 14.03
C GLY G 43 -11.73 21.52 15.24
N LYS G 44 -12.24 20.29 15.28
CA LYS G 44 -13.20 19.82 16.29
C LYS G 44 -12.57 19.29 17.59
N GLY G 45 -11.30 18.90 17.59
CA GLY G 45 -10.54 18.61 18.81
C GLY G 45 -10.27 17.13 19.10
N LEU G 46 -9.36 16.86 20.03
CA LEU G 46 -8.74 15.55 20.27
C LEU G 46 -9.68 14.49 20.85
N GLU G 47 -9.57 13.27 20.34
CA GLU G 47 -10.14 12.04 20.90
C GLU G 47 -9.04 11.01 21.11
N TRP G 48 -9.10 10.26 22.21
CA TRP G 48 -8.12 9.24 22.55
C TRP G 48 -8.67 7.89 22.12
N ILE G 49 -7.98 7.18 21.23
CA ILE G 49 -8.50 5.95 20.63
C ILE G 49 -8.19 4.75 21.49
N GLY G 50 -6.95 4.63 21.93
CA GLY G 50 -6.45 3.48 22.66
C GLY G 50 -4.95 3.41 22.61
N TYR G 51 -4.40 2.31 23.11
CA TYR G 51 -2.96 2.07 23.21
C TYR G 51 -2.61 0.59 23.14
N VAL G 52 -1.33 0.27 22.90
CA VAL G 52 -0.76 -1.08 23.00
C VAL G 52 0.41 -1.08 23.96
N PHE G 53 0.43 -1.95 24.95
CA PHE G 53 1.63 -2.11 25.75
C PHE G 53 2.67 -2.94 25.01
N GLY G 54 3.84 -2.39 24.78
CA GLY G 54 4.84 -3.03 23.95
C GLY G 54 5.25 -4.41 24.42
N ARG G 55 5.55 -4.59 25.71
CA ARG G 55 5.96 -5.88 26.23
C ARG G 55 4.89 -6.94 25.98
N SER G 56 3.64 -6.67 26.32
CA SER G 56 2.61 -7.70 26.34
C SER G 56 1.80 -7.82 25.07
N GLY G 57 1.62 -6.75 24.32
CA GLY G 57 0.67 -6.69 23.23
C GLY G 57 -0.77 -6.54 23.67
N ASN G 58 -1.03 -6.31 24.96
CA ASN G 58 -2.36 -6.00 25.45
C ASN G 58 -2.75 -4.61 24.99
N PHE G 59 -4.00 -4.44 24.60
CA PHE G 59 -4.54 -3.16 24.17
C PHE G 59 -5.93 -2.90 24.75
N ASN G 60 -6.27 -1.64 24.91
CA ASN G 60 -7.62 -1.17 25.22
C ASN G 60 -7.93 0.02 24.33
N LEU G 61 -9.21 0.20 24.02
CA LEU G 61 -9.74 1.36 23.31
C LEU G 61 -10.81 2.08 24.14
N ASN G 62 -11.11 3.34 23.83
CA ASN G 62 -12.31 3.98 24.38
C ASN G 62 -13.57 3.18 23.98
N PRO G 63 -14.68 3.28 24.73
CA PRO G 63 -15.81 2.38 24.56
C PRO G 63 -16.62 2.60 23.28
N SER G 64 -16.43 3.69 22.55
CA SER G 64 -17.04 3.86 21.24
C SER G 64 -16.38 2.99 20.18
N LEU G 65 -15.08 2.71 20.37
CA LEU G 65 -14.22 2.09 19.38
C LEU G 65 -13.85 0.66 19.72
N ARG G 66 -14.05 0.19 20.96
CA ARG G 66 -14.26 -1.24 21.22
C ARG G 66 -15.31 -1.80 20.27
N ASN G 67 -15.41 -3.12 20.13
CA ASN G 67 -16.33 -3.78 19.21
C ASN G 67 -16.05 -3.55 17.70
N ARG G 68 -15.32 -2.50 17.32
CA ARG G 68 -14.95 -2.27 15.93
C ARG G 68 -13.50 -1.94 15.68
N GLY G 69 -12.71 -1.66 16.70
CA GLY G 69 -11.28 -1.44 16.59
C GLY G 69 -10.42 -2.50 17.26
N ILE G 70 -9.24 -2.74 16.69
CA ILE G 70 -8.08 -3.30 17.41
C ILE G 70 -6.88 -2.42 17.22
N ILE G 71 -5.93 -2.54 18.12
CA ILE G 71 -4.63 -1.92 17.98
C ILE G 71 -3.58 -3.01 18.17
N SER G 72 -2.63 -3.08 17.27
CA SER G 72 -1.72 -4.22 17.11
C SER G 72 -0.28 -3.76 16.96
N LYS G 73 0.63 -4.70 17.12
CA LYS G 73 2.08 -4.50 17.20
C LYS G 73 2.73 -5.35 16.12
N ASP G 74 3.80 -4.90 15.48
CA ASP G 74 4.51 -5.66 14.46
C ASP G 74 6.01 -5.55 14.70
N THR G 75 6.66 -6.69 14.96
CA THR G 75 8.07 -6.74 15.34
C THR G 75 9.02 -6.86 14.16
N CYS G 76 8.47 -7.12 12.99
CA CYS G 76 9.20 -7.30 11.75
C CYS G 76 9.44 -5.96 11.06
N LYS G 77 8.48 -5.04 11.15
CA LYS G 77 8.62 -3.66 10.70
C LYS G 77 8.94 -2.67 11.84
N ASN G 78 8.82 -3.10 13.09
CA ASN G 78 8.89 -2.27 14.29
C ASN G 78 7.82 -1.18 14.26
N GLN G 79 6.58 -1.59 14.17
CA GLN G 79 5.41 -0.78 13.91
C GLN G 79 4.32 -1.06 14.93
N PHE G 80 3.38 -0.14 15.06
CA PHE G 80 2.08 -0.41 15.64
C PHE G 80 1.01 0.11 14.73
N SER G 81 -0.16 -0.48 14.80
CA SER G 81 -1.20 -0.23 13.82
C SER G 81 -2.56 -0.17 14.46
N LEU G 82 -3.43 0.58 13.83
CA LEU G 82 -4.82 0.77 14.19
C LEU G 82 -5.68 0.29 13.05
N ASN G 83 -6.57 -0.64 13.31
CA ASN G 83 -7.64 -1.00 12.41
C ASN G 83 -8.96 -0.66 13.08
N LEU G 84 -9.75 0.21 12.46
CA LEU G 84 -11.14 0.48 12.81
C LEU G 84 -11.99 -0.12 11.71
N ASN G 85 -12.54 -1.29 11.99
CA ASN G 85 -13.48 -1.99 11.14
C ASN G 85 -14.82 -1.24 11.09
N SER G 86 -15.63 -1.53 10.08
CA SER G 86 -17.00 -1.00 9.93
C SER G 86 -17.06 0.53 10.00
N ALA G 87 -16.26 1.19 9.19
CA ALA G 87 -16.10 2.64 9.17
C ALA G 87 -17.40 3.40 8.87
N THR G 88 -17.43 4.63 9.36
CA THR G 88 -18.56 5.57 9.29
C THR G 88 -18.04 6.92 8.80
N ALA G 89 -18.88 7.80 8.29
CA ALA G 89 -18.42 9.11 7.85
C ALA G 89 -17.70 9.90 8.96
N ALA G 90 -18.14 9.71 10.21
CA ALA G 90 -17.62 10.34 11.41
C ALA G 90 -16.13 10.05 11.68
N ASP G 91 -15.62 8.94 11.15
CA ASP G 91 -14.21 8.56 11.25
C ASP G 91 -13.28 9.44 10.42
N THR G 92 -13.80 10.40 9.66
CA THR G 92 -13.00 11.40 8.96
C THR G 92 -12.22 12.27 9.93
N ALA G 93 -10.90 12.11 9.99
CA ALA G 93 -10.06 12.82 10.94
C ALA G 93 -8.59 12.79 10.55
N VAL G 94 -7.81 13.65 11.18
CA VAL G 94 -6.38 13.42 11.34
C VAL G 94 -6.18 12.40 12.45
N TYR G 95 -5.41 11.35 12.16
CA TYR G 95 -4.97 10.35 13.10
C TYR G 95 -3.48 10.56 13.37
N PHE G 96 -3.12 10.51 14.64
CA PHE G 96 -1.78 10.64 15.17
C PHE G 96 -1.40 9.38 15.91
N CYS G 97 -0.12 9.07 15.91
CA CYS G 97 0.48 8.08 16.79
C CYS G 97 1.46 8.74 17.74
N ALA G 98 1.52 8.23 18.96
CA ALA G 98 2.29 8.82 20.03
C ALA G 98 2.85 7.75 20.96
N ARG G 99 3.87 8.10 21.72
CA ARG G 99 4.59 7.21 22.61
C ARG G 99 4.47 7.75 24.03
N GLY G 100 3.85 7.01 24.93
CA GLY G 100 3.72 7.42 26.32
C GLY G 100 5.08 7.55 27.01
N MET G 101 5.23 8.47 27.94
CA MET G 101 6.48 8.66 28.69
C MET G 101 7.00 7.40 29.35
N GLU G 102 8.31 7.31 29.50
CA GLU G 102 8.96 6.14 30.09
C GLU G 102 8.65 6.01 31.56
N GLY G 103 8.12 4.87 31.98
CA GLY G 103 8.04 4.52 33.40
C GLY G 103 7.12 5.38 34.25
N LEU G 104 6.00 5.84 33.70
CA LEU G 104 4.91 6.49 34.41
C LEU G 104 3.70 5.56 34.46
N PHE G 105 2.99 5.54 35.58
CA PHE G 105 1.64 5.01 35.64
C PHE G 105 0.77 5.71 34.60
N ALA G 106 -0.01 4.95 33.83
CA ALA G 106 -0.91 5.45 32.79
C ALA G 106 -0.23 6.34 31.73
N ALA G 107 0.96 5.96 31.25
CA ALA G 107 1.71 6.76 30.28
C ALA G 107 1.03 6.95 28.93
N TYR G 108 0.02 6.18 28.55
CA TYR G 108 -0.89 6.48 27.45
C TYR G 108 -1.64 7.81 27.58
N ASN G 109 -1.51 8.50 28.70
CA ASN G 109 -2.02 9.85 28.96
C ASN G 109 -0.93 10.93 29.01
N SER G 110 0.35 10.56 29.05
CA SER G 110 1.48 11.48 29.13
C SER G 110 2.38 11.31 27.93
N LEU G 111 1.93 11.79 26.78
CA LEU G 111 2.43 11.46 25.46
C LEU G 111 3.60 12.34 25.04
N ASP G 112 4.79 11.79 25.14
CA ASP G 112 6.09 12.44 25.06
C ASP G 112 6.55 12.78 23.65
N VAL G 113 6.30 11.84 22.73
CA VAL G 113 6.71 11.87 21.33
C VAL G 113 5.50 11.60 20.47
N TRP G 114 5.34 12.35 19.38
CA TRP G 114 4.21 12.26 18.48
C TRP G 114 4.66 12.17 17.03
N GLY G 115 3.83 11.57 16.20
CA GLY G 115 3.96 11.57 14.76
C GLY G 115 3.31 12.79 14.14
N ARG G 116 3.70 13.16 12.92
CA ARG G 116 3.27 14.40 12.26
C ARG G 116 1.79 14.44 11.89
N GLY G 117 1.03 13.37 12.07
CA GLY G 117 -0.39 13.28 11.80
C GLY G 117 -0.67 12.96 10.34
N LEU G 118 -1.72 12.18 10.10
CA LEU G 118 -2.11 11.71 8.78
C LEU G 118 -3.62 11.74 8.63
N LEU G 119 -4.12 12.28 7.52
CA LEU G 119 -5.54 12.55 7.32
C LEU G 119 -6.23 11.41 6.56
N VAL G 120 -7.28 10.85 7.15
CA VAL G 120 -8.09 9.79 6.53
C VAL G 120 -9.53 10.24 6.46
N THR G 121 -10.17 9.97 5.33
CA THR G 121 -11.50 10.48 4.98
C THR G 121 -12.43 9.35 4.62
N VAL G 122 -13.60 9.23 5.25
CA VAL G 122 -14.50 8.11 5.00
C VAL G 122 -15.63 8.55 4.08
N SER G 123 -15.84 7.85 2.97
CA SER G 123 -16.66 8.32 1.85
C SER G 123 -17.12 7.18 0.96
N SER G 124 -18.37 7.22 0.50
CA SER G 124 -18.87 6.37 -0.59
C SER G 124 -18.33 6.83 -1.95
N ALA G 125 -18.29 8.15 -2.18
CA ALA G 125 -17.75 8.73 -3.40
C ALA G 125 -16.26 8.49 -3.53
N SER G 126 -15.86 8.07 -4.73
CA SER G 126 -14.51 7.65 -5.11
C SER G 126 -13.52 8.81 -5.16
N THR G 127 -12.22 8.51 -5.26
CA THR G 127 -11.15 9.51 -5.43
C THR G 127 -11.29 10.30 -6.72
N LYS G 128 -10.62 11.46 -6.77
CA LYS G 128 -10.30 12.16 -8.02
C LYS G 128 -8.92 12.78 -7.90
N GLY G 129 -8.13 12.76 -8.97
CA GLY G 129 -6.79 13.30 -9.02
C GLY G 129 -6.72 14.76 -9.47
N PRO G 130 -5.60 15.43 -9.20
CA PRO G 130 -5.43 16.84 -9.51
C PRO G 130 -5.17 17.13 -10.98
N SER G 131 -5.57 18.31 -11.39
CA SER G 131 -4.95 19.03 -12.51
C SER G 131 -3.77 19.85 -11.98
N VAL G 132 -2.76 20.13 -12.79
CA VAL G 132 -1.66 21.05 -12.42
C VAL G 132 -1.41 22.01 -13.56
N PHE G 133 -1.32 23.31 -13.24
CA PHE G 133 -1.58 24.42 -14.16
C PHE G 133 -0.58 25.57 -13.99
N PRO G 134 -0.48 26.49 -14.97
CA PRO G 134 0.51 27.58 -14.98
C PRO G 134 0.20 28.83 -14.12
N LEU G 135 1.27 29.64 -13.96
CA LEU G 135 1.43 30.96 -13.34
C LEU G 135 2.57 31.72 -14.06
N ALA G 136 2.61 33.06 -13.95
CA ALA G 136 3.57 33.91 -14.64
C ALA G 136 4.14 35.04 -13.76
N PRO G 137 5.38 34.91 -13.24
CA PRO G 137 6.12 35.97 -12.55
C PRO G 137 6.41 37.22 -13.42
N SER G 138 7.00 38.25 -12.80
CA SER G 138 7.50 39.47 -13.45
C SER G 138 8.53 40.19 -12.54
N SER G 139 9.25 41.19 -13.05
CA SER G 139 10.23 41.99 -12.30
C SER G 139 9.60 43.08 -11.42
N ARG G 140 8.40 43.59 -11.78
CA ARG G 140 7.80 44.81 -11.20
C ARG G 140 6.97 44.61 -9.93
N SER G 141 6.73 43.38 -9.46
CA SER G 141 5.93 43.13 -8.22
C SER G 141 6.64 43.51 -6.91
N THR G 142 7.90 43.96 -7.00
CA THR G 142 8.74 44.46 -5.89
C THR G 142 9.52 45.70 -6.35
N SER G 143 10.00 46.51 -5.39
CA SER G 143 10.74 47.76 -5.66
C SER G 143 12.13 47.48 -6.26
N GLU G 144 12.81 46.48 -5.71
CA GLU G 144 13.89 45.73 -6.35
C GLU G 144 13.35 44.83 -7.46
N SER G 145 14.13 44.54 -8.49
CA SER G 145 13.77 43.58 -9.55
C SER G 145 13.73 42.12 -9.08
N THR G 146 14.36 41.81 -7.95
CA THR G 146 14.53 40.45 -7.40
C THR G 146 13.27 39.98 -6.64
N ALA G 147 12.23 39.63 -7.41
CA ALA G 147 10.89 39.23 -6.97
C ALA G 147 10.79 37.74 -6.53
N ALA G 148 9.68 37.05 -6.83
CA ALA G 148 9.31 35.73 -6.31
C ALA G 148 8.56 34.84 -7.33
N LEU G 149 8.64 33.51 -7.20
CA LEU G 149 8.02 32.47 -8.06
C LEU G 149 7.04 31.57 -7.27
N GLY G 150 6.30 30.66 -7.94
CA GLY G 150 5.33 29.76 -7.28
C GLY G 150 4.92 28.45 -8.03
N CYS G 151 3.70 27.98 -7.77
CA CYS G 151 3.04 26.81 -8.37
C CYS G 151 1.49 26.87 -8.19
N LEU G 152 0.71 26.04 -8.87
CA LEU G 152 -0.75 25.91 -8.67
C LEU G 152 -1.21 24.45 -8.85
N VAL G 153 -2.27 23.99 -8.16
CA VAL G 153 -2.88 22.64 -8.21
C VAL G 153 -4.43 22.68 -8.18
N LYS G 154 -5.20 21.82 -8.85
CA LYS G 154 -6.69 21.95 -8.89
C LYS G 154 -7.54 20.66 -8.93
N ASP G 155 -8.78 20.76 -8.46
CA ASP G 155 -9.94 19.85 -8.48
C ASP G 155 -9.83 18.45 -7.83
N TYR G 156 -8.80 18.16 -7.03
CA TYR G 156 -8.53 16.82 -6.46
C TYR G 156 -9.37 16.46 -5.24
N PHE G 157 -9.41 15.20 -4.81
CA PHE G 157 -10.08 14.75 -3.58
C PHE G 157 -9.47 13.44 -3.04
N PRO G 158 -9.34 13.23 -1.71
CA PRO G 158 -9.59 14.14 -0.59
C PRO G 158 -8.48 15.16 -0.38
N GLU G 159 -8.60 15.96 0.67
CA GLU G 159 -7.75 17.13 0.97
C GLU G 159 -6.21 16.96 0.95
N PRO G 160 -5.60 15.81 1.32
CA PRO G 160 -4.15 15.75 1.45
C PRO G 160 -3.44 16.01 0.13
N VAL G 161 -2.44 16.88 0.14
CA VAL G 161 -1.45 16.99 -0.93
C VAL G 161 -0.15 17.54 -0.37
N THR G 162 0.99 17.04 -0.83
CA THR G 162 2.31 17.63 -0.56
C THR G 162 2.70 18.48 -1.74
N VAL G 163 3.22 19.68 -1.51
CA VAL G 163 3.67 20.61 -2.55
C VAL G 163 4.74 21.53 -1.96
N SER G 164 5.96 21.45 -2.47
CA SER G 164 7.10 22.33 -2.19
C SER G 164 8.25 21.96 -3.12
N TRP G 165 9.28 22.77 -3.33
CA TRP G 165 10.49 22.32 -4.05
C TRP G 165 11.32 21.37 -3.16
N ASN G 166 10.95 20.08 -3.19
CA ASN G 166 11.36 19.06 -2.23
C ASN G 166 12.42 18.07 -2.77
N SER G 167 12.74 17.03 -1.97
CA SER G 167 13.82 16.07 -2.18
C SER G 167 15.23 16.68 -2.15
N GLY G 168 15.47 17.58 -1.20
CA GLY G 168 16.78 18.12 -0.83
C GLY G 168 17.51 18.89 -1.94
N SER G 169 17.22 20.17 -2.09
CA SER G 169 17.89 21.07 -3.05
C SER G 169 18.18 22.48 -2.50
N LEU G 170 17.23 23.07 -1.78
CA LEU G 170 17.18 24.43 -1.21
C LEU G 170 16.24 24.42 0.01
N THR G 171 16.17 25.49 0.81
CA THR G 171 15.45 25.49 2.11
C THR G 171 14.40 26.61 2.25
N SER G 172 14.72 27.72 2.93
CA SER G 172 13.79 28.77 3.36
C SER G 172 13.42 29.76 2.24
N GLY G 173 12.75 30.86 2.56
CA GLY G 173 12.22 31.83 1.59
C GLY G 173 10.94 31.38 0.89
N VAL G 174 10.62 30.08 0.97
CA VAL G 174 9.35 29.48 0.61
C VAL G 174 8.23 29.84 1.57
N HIS G 175 7.00 29.77 1.10
CA HIS G 175 5.78 29.66 1.89
C HIS G 175 4.71 28.97 1.05
N THR G 176 4.29 27.76 1.42
CA THR G 176 3.17 27.07 0.78
C THR G 176 1.86 27.54 1.41
N PHE G 177 0.81 27.72 0.63
CA PHE G 177 -0.45 28.28 1.08
C PHE G 177 -1.52 27.19 1.21
N PRO G 178 -2.31 27.19 2.29
CA PRO G 178 -3.44 26.30 2.47
C PRO G 178 -4.38 26.21 1.27
N ALA G 179 -5.05 25.06 1.17
CA ALA G 179 -6.04 24.77 0.16
C ALA G 179 -7.43 25.34 0.49
N VAL G 180 -8.31 25.38 -0.50
CA VAL G 180 -9.72 25.74 -0.37
C VAL G 180 -10.62 24.69 -1.02
N LEU G 181 -11.81 24.50 -0.50
CA LEU G 181 -12.83 23.71 -1.16
C LEU G 181 -13.40 24.46 -2.37
N GLN G 182 -13.51 23.76 -3.50
CA GLN G 182 -14.28 24.06 -4.70
C GLN G 182 -15.74 23.61 -4.53
N SER G 183 -16.66 24.33 -5.14
CA SER G 183 -18.10 24.23 -4.89
C SER G 183 -18.71 22.82 -4.98
N SER G 184 -18.09 21.95 -5.78
CA SER G 184 -18.48 20.56 -6.02
C SER G 184 -18.15 19.60 -4.87
N GLY G 185 -17.24 19.98 -3.96
CA GLY G 185 -16.67 19.10 -2.93
C GLY G 185 -15.25 18.60 -3.23
N LEU G 186 -14.47 19.38 -3.97
CA LEU G 186 -13.13 19.07 -4.52
C LEU G 186 -12.12 20.19 -4.20
N TYR G 187 -10.81 20.09 -4.46
CA TYR G 187 -9.79 20.91 -3.74
C TYR G 187 -8.72 21.56 -4.63
N SER G 188 -8.01 22.62 -4.18
CA SER G 188 -6.94 23.30 -4.95
C SER G 188 -5.98 24.12 -4.06
N LEU G 189 -4.73 24.40 -4.44
CA LEU G 189 -3.74 25.15 -3.64
C LEU G 189 -2.57 25.76 -4.43
N SER G 190 -1.73 26.60 -3.80
CA SER G 190 -0.59 27.28 -4.44
C SER G 190 0.60 27.51 -3.50
N SER G 191 1.74 27.98 -4.00
CA SER G 191 2.97 28.28 -3.23
C SER G 191 3.68 29.55 -3.69
N VAL G 192 4.64 30.06 -2.90
CA VAL G 192 5.51 31.17 -3.33
C VAL G 192 6.92 31.07 -2.74
N VAL G 193 7.93 31.65 -3.39
CA VAL G 193 9.33 31.69 -2.93
C VAL G 193 10.08 32.93 -3.42
N THR G 194 10.77 33.65 -2.51
CA THR G 194 11.62 34.81 -2.84
C THR G 194 13.05 34.41 -3.21
N VAL G 195 13.71 35.14 -4.11
CA VAL G 195 15.03 34.79 -4.69
C VAL G 195 15.95 36.04 -4.84
N PRO G 196 17.28 35.93 -4.67
CA PRO G 196 18.25 36.99 -5.01
C PRO G 196 18.45 37.16 -6.54
N SER G 197 19.47 37.90 -6.95
CA SER G 197 19.88 38.05 -8.36
C SER G 197 20.19 36.69 -9.00
N SER G 198 19.38 36.31 -10.00
CA SER G 198 19.47 35.03 -10.72
C SER G 198 18.86 35.15 -12.13
N SER G 199 18.81 34.05 -12.87
CA SER G 199 18.24 33.89 -14.23
C SER G 199 16.70 33.96 -14.23
N LEU G 200 16.12 34.94 -13.54
CA LEU G 200 14.67 35.02 -13.26
C LEU G 200 13.84 35.02 -14.55
N GLY G 201 12.66 34.41 -14.48
CA GLY G 201 11.72 34.29 -15.62
C GLY G 201 12.04 33.19 -16.64
N THR G 202 13.24 32.60 -16.60
CA THR G 202 13.58 31.38 -17.35
C THR G 202 14.18 30.28 -16.47
N GLN G 203 14.87 30.59 -15.38
CA GLN G 203 15.14 29.61 -14.32
C GLN G 203 13.86 29.37 -13.53
N THR G 204 13.43 28.13 -13.45
CA THR G 204 12.12 27.77 -12.95
C THR G 204 12.19 26.45 -12.20
N TYR G 205 12.11 26.53 -10.88
CA TYR G 205 12.10 25.39 -9.96
C TYR G 205 10.77 24.64 -10.05
N VAL G 206 10.63 23.55 -9.30
CA VAL G 206 9.69 22.47 -9.65
C VAL G 206 8.60 22.36 -8.59
N CYS G 207 7.35 22.08 -8.99
CA CYS G 207 6.18 21.97 -8.09
C CYS G 207 6.19 20.77 -7.14
N ASN G 208 6.68 19.62 -7.62
CA ASN G 208 6.82 18.36 -6.89
C ASN G 208 5.61 17.93 -6.03
N VAL G 209 4.46 17.84 -6.70
CA VAL G 209 3.15 17.46 -6.17
C VAL G 209 3.10 15.96 -5.83
N ASN G 210 2.37 15.60 -4.79
CA ASN G 210 1.93 14.23 -4.58
C ASN G 210 0.52 14.25 -3.97
N HIS G 211 -0.49 13.93 -4.77
CA HIS G 211 -1.80 13.53 -4.27
C HIS G 211 -1.89 12.01 -4.26
N LYS G 212 -1.44 11.40 -3.16
CA LYS G 212 -1.36 9.94 -3.03
C LYS G 212 -2.67 9.20 -3.29
N PRO G 213 -3.87 9.61 -2.85
CA PRO G 213 -5.05 8.74 -2.95
C PRO G 213 -5.48 8.42 -4.39
N SER G 214 -5.27 9.36 -5.32
CA SER G 214 -5.43 9.14 -6.75
C SER G 214 -4.15 8.61 -7.42
N ASN G 215 -3.11 8.33 -6.63
CA ASN G 215 -1.78 7.89 -7.01
C ASN G 215 -1.03 8.89 -7.91
N THR G 216 -1.37 10.17 -7.80
CA THR G 216 -0.87 11.23 -8.68
C THR G 216 0.38 11.89 -8.12
N LYS G 217 1.42 12.01 -8.95
CA LYS G 217 2.71 12.62 -8.60
C LYS G 217 3.26 13.35 -9.82
N VAL G 218 3.24 14.68 -9.74
CA VAL G 218 3.44 15.60 -10.87
C VAL G 218 4.59 16.55 -10.58
N ASP G 219 5.57 16.58 -11.47
CA ASP G 219 6.84 17.26 -11.26
C ASP G 219 7.07 18.39 -12.29
N LYS G 220 6.04 19.21 -12.53
CA LYS G 220 6.07 20.34 -13.48
C LYS G 220 6.95 21.53 -13.04
N ARG G 221 7.52 22.22 -14.04
CA ARG G 221 8.04 23.60 -13.98
C ARG G 221 7.01 24.54 -14.60
N VAL G 222 6.67 25.66 -13.95
CA VAL G 222 5.65 26.62 -14.38
C VAL G 222 6.24 28.01 -14.54
N GLU G 223 6.12 28.65 -15.73
CA GLU G 223 6.84 29.91 -15.99
C GLU G 223 6.22 30.98 -16.91
N ILE G 224 5.79 30.69 -18.15
CA ILE G 224 5.78 31.72 -19.21
C ILE G 224 4.42 32.17 -19.80
N LYS G 225 4.16 33.48 -19.74
CA LYS G 225 3.18 34.31 -20.50
C LYS G 225 3.92 35.53 -21.07
N THR G 226 3.62 35.95 -22.30
CA THR G 226 4.27 37.09 -22.99
C THR G 226 3.28 38.08 -23.61
N ALA H 1 -16.28 14.23 27.51
CA ALA H 1 -15.15 15.16 27.53
C ALA H 1 -14.96 15.84 28.89
N LEU H 2 -13.75 16.29 29.18
CA LEU H 2 -13.46 17.15 30.32
C LEU H 2 -13.83 18.61 30.02
N THR H 3 -14.22 19.36 31.04
CA THR H 3 -14.79 20.71 30.87
C THR H 3 -13.71 21.76 30.93
N GLN H 4 -13.49 22.52 29.86
CA GLN H 4 -12.55 23.64 29.83
C GLN H 4 -13.05 24.80 28.94
N PRO H 5 -12.65 26.05 29.17
CA PRO H 5 -13.32 27.21 28.60
C PRO H 5 -12.97 27.41 27.14
N PRO H 6 -13.94 27.48 26.22
CA PRO H 6 -13.65 27.52 24.79
C PRO H 6 -12.57 28.50 24.32
N SER H 7 -12.42 29.65 24.98
CA SER H 7 -11.34 30.59 24.70
C SER H 7 -10.88 31.31 25.97
N VAL H 8 -9.66 31.80 25.91
CA VAL H 8 -9.02 32.60 26.95
C VAL H 8 -8.05 33.57 26.28
N SER H 9 -7.77 34.70 26.90
CA SER H 9 -6.99 35.78 26.30
C SER H 9 -6.05 36.42 27.31
N GLY H 10 -4.84 36.78 26.89
CA GLY H 10 -3.85 37.40 27.78
C GLY H 10 -2.91 38.35 27.09
N SER H 11 -2.43 39.36 27.79
CA SER H 11 -1.55 40.39 27.24
C SER H 11 -0.09 39.94 27.29
N PRO H 12 0.79 40.37 26.40
CA PRO H 12 2.20 40.04 26.47
C PRO H 12 2.83 40.32 27.83
N GLY H 13 3.73 39.45 28.26
CA GLY H 13 4.35 39.47 29.59
C GLY H 13 3.48 38.96 30.74
N GLN H 14 2.15 38.93 30.59
CA GLN H 14 1.21 38.53 31.63
C GLN H 14 1.31 37.03 31.95
N SER H 15 0.68 36.59 33.04
CA SER H 15 0.43 35.18 33.36
C SER H 15 -1.04 34.84 33.13
N VAL H 16 -1.34 33.66 32.57
CA VAL H 16 -2.70 33.18 32.24
C VAL H 16 -2.93 31.80 32.82
N ILE H 17 -4.14 31.60 33.36
CA ILE H 17 -4.61 30.38 34.00
C ILE H 17 -5.76 29.79 33.19
N ILE H 18 -5.66 28.50 32.94
CA ILE H 18 -6.56 27.69 32.13
C ILE H 18 -7.05 26.53 32.98
N SER H 19 -8.34 26.28 33.01
CA SER H 19 -8.95 25.23 33.84
C SER H 19 -9.32 24.01 33.01
N CYS H 20 -9.35 22.86 33.66
CA CYS H 20 -10.05 21.68 33.20
C CYS H 20 -10.73 21.03 34.40
N THR H 21 -12.03 20.79 34.30
CA THR H 21 -12.85 20.26 35.38
C THR H 21 -13.50 18.97 34.94
N GLY H 22 -13.30 17.94 35.76
CA GLY H 22 -13.79 16.61 35.51
C GLY H 22 -14.66 16.12 36.64
N THR H 23 -14.39 14.91 37.10
CA THR H 23 -15.18 14.22 38.11
C THR H 23 -14.29 13.58 39.15
N SER H 24 -14.90 13.16 40.25
CA SER H 24 -14.26 12.32 41.26
C SER H 24 -13.58 11.11 40.64
N SER H 25 -14.15 10.50 39.59
CA SER H 25 -13.66 9.28 38.94
C SER H 25 -12.48 9.47 37.96
N ASP H 26 -12.01 10.71 37.79
CA ASP H 26 -10.85 11.03 36.96
C ASP H 26 -9.89 12.01 37.64
N ILE H 27 -10.09 13.32 37.50
CA ILE H 27 -9.16 14.33 38.04
C ILE H 27 -9.16 14.34 39.56
N GLY H 28 -10.30 14.04 40.19
CA GLY H 28 -10.35 13.87 41.63
C GLY H 28 -9.45 12.72 42.10
N GLN H 29 -9.73 11.50 41.61
CA GLN H 29 -9.08 10.25 42.00
C GLN H 29 -7.58 10.24 41.75
N TYR H 30 -7.14 10.61 40.55
CA TYR H 30 -5.77 10.36 40.09
C TYR H 30 -4.94 11.61 39.91
N ASN H 31 -3.67 11.56 40.30
CA ASN H 31 -2.68 12.58 39.96
C ASN H 31 -2.03 12.28 38.60
N SER H 32 -2.87 12.15 37.59
CA SER H 32 -2.49 11.77 36.25
C SER H 32 -3.16 12.73 35.29
N VAL H 33 -2.81 14.02 35.39
CA VAL H 33 -3.37 15.08 34.56
C VAL H 33 -2.27 15.74 33.77
N SER H 34 -2.44 15.78 32.46
CA SER H 34 -1.48 16.26 31.48
C SER H 34 -2.09 17.41 30.72
N TRP H 35 -1.24 18.29 30.25
CA TRP H 35 -1.59 19.43 29.43
C TRP H 35 -0.80 19.39 28.14
N TYR H 36 -1.47 19.67 27.03
CA TYR H 36 -0.88 19.74 25.70
C TYR H 36 -1.10 21.10 25.05
N GLN H 37 -0.08 21.56 24.34
CA GLN H 37 -0.06 22.72 23.48
C GLN H 37 -0.15 22.27 22.03
N GLN H 38 -1.00 22.87 21.22
CA GLN H 38 -1.10 22.54 19.80
C GLN H 38 -1.17 23.78 18.91
N HIS H 39 -0.07 24.08 18.23
CA HIS H 39 -0.04 25.03 17.11
C HIS H 39 -0.79 24.46 15.89
N PRO H 40 -1.36 25.26 14.97
CA PRO H 40 -2.20 24.73 13.91
C PRO H 40 -1.40 23.96 12.86
N ASP H 41 -2.06 22.98 12.23
CA ASP H 41 -1.50 22.09 11.21
C ASP H 41 -0.26 21.30 11.67
N LYS H 42 -0.14 21.09 12.99
CA LYS H 42 1.01 20.48 13.67
C LYS H 42 0.53 19.58 14.82
N ALA H 43 1.36 18.64 15.23
CA ALA H 43 1.07 17.68 16.27
C ALA H 43 1.15 18.30 17.67
N PRO H 44 0.33 17.85 18.64
CA PRO H 44 0.42 18.32 20.01
C PRO H 44 1.78 18.15 20.66
N LYS H 45 2.03 18.93 21.70
CA LYS H 45 3.23 18.90 22.53
C LYS H 45 2.82 18.76 23.97
N LEU H 46 3.44 17.82 24.67
CA LEU H 46 3.28 17.67 26.10
C LEU H 46 3.98 18.81 26.81
N VAL H 47 3.23 19.62 27.54
CA VAL H 47 3.76 20.82 28.20
C VAL H 47 3.85 20.68 29.72
N ILE H 48 2.99 19.84 30.29
CA ILE H 48 3.04 19.41 31.68
C ILE H 48 2.39 18.03 31.81
N TYR H 49 2.84 17.19 32.74
CA TYR H 49 2.59 15.76 32.69
C TYR H 49 2.12 15.07 33.96
N GLY H 50 2.69 15.34 35.12
CA GLY H 50 2.28 14.60 36.32
C GLY H 50 0.92 15.09 36.75
N VAL H 51 1.02 16.24 37.41
CA VAL H 51 0.02 17.31 37.50
C VAL H 51 0.85 18.58 37.62
N THR H 52 1.80 18.56 38.55
CA THR H 52 2.80 19.59 38.79
C THR H 52 4.08 19.44 37.97
N SER H 53 4.37 18.27 37.44
CA SER H 53 5.66 17.92 36.82
C SER H 53 5.73 18.33 35.36
N ARG H 54 6.85 18.94 34.98
CA ARG H 54 7.12 19.49 33.64
C ARG H 54 8.16 18.66 32.90
N PRO H 55 7.95 18.27 31.63
CA PRO H 55 8.82 17.34 30.92
C PRO H 55 10.09 18.03 30.41
N SER H 56 11.17 17.26 30.27
CA SER H 56 12.49 17.77 29.90
C SER H 56 12.46 18.65 28.65
N GLY H 57 13.13 19.79 28.71
CA GLY H 57 13.23 20.75 27.61
C GLY H 57 12.08 21.74 27.53
N VAL H 58 11.04 21.67 28.37
CA VAL H 58 10.02 22.71 28.47
C VAL H 58 10.49 23.82 29.41
N SER H 59 10.24 25.08 29.02
CA SER H 59 10.71 26.24 29.76
C SER H 59 9.95 26.47 31.06
N ASP H 60 10.61 27.06 32.04
CA ASP H 60 10.20 27.29 33.44
C ASP H 60 8.81 27.94 33.63
N ARG H 61 8.30 28.55 32.56
CA ARG H 61 7.10 29.37 32.50
C ARG H 61 5.81 28.59 32.54
N PHE H 62 5.84 27.29 32.30
CA PHE H 62 4.66 26.44 32.32
C PHE H 62 4.56 25.70 33.66
N SER H 63 3.44 25.84 34.35
CA SER H 63 3.21 25.28 35.68
C SER H 63 1.77 24.76 35.81
N GLY H 64 1.54 23.80 36.68
CA GLY H 64 0.26 23.10 36.77
C GLY H 64 -0.07 22.64 38.18
N SER H 65 -1.35 22.41 38.43
CA SER H 65 -1.90 22.21 39.78
C SER H 65 -3.31 21.61 39.75
N LYS H 66 -3.81 21.15 40.90
CA LYS H 66 -5.18 20.67 41.08
C LYS H 66 -5.79 21.07 42.42
N TYR H 67 -7.11 21.14 42.44
CA TYR H 67 -7.94 21.40 43.60
C TYR H 67 -9.22 20.61 43.46
N GLY H 68 -9.33 19.49 44.15
CA GLY H 68 -10.47 18.59 43.98
C GLY H 68 -10.62 18.08 42.55
N ASP H 69 -11.85 18.01 42.06
CA ASP H 69 -12.18 17.50 40.72
C ASP H 69 -11.82 18.45 39.56
N THR H 70 -11.02 19.48 39.82
CA THR H 70 -10.57 20.46 38.84
C THR H 70 -9.06 20.62 38.89
N ALA H 71 -8.46 20.88 37.74
CA ALA H 71 -7.03 21.09 37.56
C ALA H 71 -6.77 22.20 36.56
N SER H 72 -5.57 22.77 36.60
CA SER H 72 -5.29 23.99 35.87
C SER H 72 -3.83 24.20 35.50
N LEU H 73 -3.63 24.77 34.31
CA LEU H 73 -2.35 25.14 33.73
C LEU H 73 -2.20 26.64 33.83
N THR H 74 -1.05 27.06 34.32
CA THR H 74 -0.62 28.45 34.36
C THR H 74 0.61 28.63 33.49
N ILE H 75 0.49 29.49 32.51
CA ILE H 75 1.62 29.96 31.72
C ILE H 75 1.96 31.35 32.24
N SER H 76 3.20 31.58 32.64
CA SER H 76 3.72 32.90 32.95
C SER H 76 4.48 33.51 31.77
N GLY H 77 4.72 34.82 31.80
CA GLY H 77 5.67 35.44 30.89
C GLY H 77 5.26 35.37 29.44
N LEU H 78 3.96 35.47 29.13
CA LEU H 78 3.42 35.23 27.80
C LEU H 78 4.30 35.80 26.70
N GLN H 79 4.76 34.92 25.83
CA GLN H 79 5.34 35.25 24.55
C GLN H 79 4.25 35.26 23.47
N ALA H 80 4.64 35.65 22.25
CA ALA H 80 3.87 35.34 21.05
C ALA H 80 3.81 33.82 20.82
N GLU H 81 4.95 33.14 20.96
CA GLU H 81 5.10 31.68 20.76
C GLU H 81 4.06 30.82 21.50
N ASP H 82 3.59 31.29 22.64
CA ASP H 82 2.68 30.56 23.51
C ASP H 82 1.25 30.49 22.97
N GLU H 83 0.89 31.28 21.97
CA GLU H 83 -0.45 31.32 21.43
C GLU H 83 -0.82 30.02 20.73
N ALA H 84 -1.73 29.23 21.28
CA ALA H 84 -2.08 27.90 20.80
C ALA H 84 -3.45 27.46 21.29
N ASP H 85 -3.98 26.38 20.72
CA ASP H 85 -4.99 25.60 21.43
C ASP H 85 -4.34 24.77 22.54
N TYR H 86 -5.02 24.64 23.67
CA TYR H 86 -4.58 23.84 24.80
C TYR H 86 -5.61 22.79 25.15
N TYR H 87 -5.15 21.57 25.39
CA TYR H 87 -5.97 20.43 25.75
C TYR H 87 -5.47 19.82 27.04
N CYS H 88 -6.38 19.39 27.88
CA CYS H 88 -6.09 18.73 29.13
C CYS H 88 -6.52 17.29 29.03
N SER H 89 -5.78 16.35 29.58
CA SER H 89 -6.21 14.96 29.61
C SER H 89 -5.88 14.27 30.93
N SER H 90 -6.68 13.28 31.31
CA SER H 90 -6.40 12.46 32.47
C SER H 90 -6.79 11.01 32.26
N HIS H 91 -6.18 10.15 33.07
CA HIS H 91 -6.60 8.78 33.26
C HIS H 91 -8.05 8.73 33.77
N ALA H 92 -8.78 7.66 33.47
CA ALA H 92 -10.17 7.47 33.85
C ALA H 92 -10.54 5.99 34.15
N ASP H 93 -10.86 5.69 35.40
CA ASP H 93 -11.28 4.38 35.95
C ASP H 93 -10.36 3.17 35.72
N GLU H 94 -10.15 2.74 34.49
CA GLU H 94 -9.54 1.45 34.18
C GLU H 94 -9.00 1.47 32.75
N ASN H 95 -7.67 1.46 32.60
CA ASN H 95 -6.97 1.37 31.31
C ASN H 95 -7.53 2.30 30.23
N MET H 96 -7.75 3.57 30.57
CA MET H 96 -8.41 4.57 29.73
C MET H 96 -7.92 5.96 30.04
N ALA H 97 -7.97 6.87 29.07
CA ALA H 97 -7.81 8.30 29.29
C ALA H 97 -8.81 9.11 28.47
N LEU H 98 -9.00 10.37 28.86
CA LEU H 98 -10.00 11.30 28.33
C LEU H 98 -9.37 12.66 28.09
N PHE H 99 -9.80 13.35 27.04
CA PHE H 99 -9.44 14.73 26.73
C PHE H 99 -10.53 15.73 27.12
N GLY H 100 -10.12 16.94 27.43
CA GLY H 100 -10.97 18.12 27.48
C GLY H 100 -11.28 18.66 26.09
N GLY H 101 -12.33 19.46 25.98
CA GLY H 101 -12.80 19.95 24.67
C GLY H 101 -11.87 20.93 23.96
N GLY H 102 -10.74 21.30 24.55
CA GLY H 102 -9.82 22.28 24.04
C GLY H 102 -10.19 23.70 24.42
N THR H 103 -9.18 24.57 24.48
CA THR H 103 -9.31 25.96 24.87
C THR H 103 -8.26 26.81 24.16
N ARG H 104 -8.70 27.80 23.39
CA ARG H 104 -7.86 28.57 22.48
C ARG H 104 -7.33 29.84 23.13
N LEU H 105 -6.03 29.93 23.34
CA LEU H 105 -5.38 31.11 23.90
C LEU H 105 -5.26 32.18 22.82
N THR H 106 -5.59 33.43 23.14
CA THR H 106 -5.37 34.60 22.27
C THR H 106 -4.42 35.57 22.94
N VAL H 107 -3.33 35.98 22.31
CA VAL H 107 -2.36 36.92 22.90
C VAL H 107 -2.62 38.32 22.35
N LEU H 108 -3.29 39.14 23.14
CA LEU H 108 -3.99 40.34 22.69
C LEU H 108 -3.08 41.46 22.18
N GLY H 109 -1.86 41.56 22.72
CA GLY H 109 -0.93 42.66 22.46
C GLY H 109 0.00 42.45 21.27
N GLN H 110 -0.26 41.48 20.40
CA GLN H 110 0.46 41.28 19.15
C GLN H 110 0.34 42.56 18.27
N PRO H 111 1.46 43.17 17.85
CA PRO H 111 1.47 44.23 16.86
C PRO H 111 0.63 43.89 15.62
N LYS H 112 -0.31 44.78 15.27
CA LYS H 112 -1.08 44.68 14.04
C LYS H 112 -0.18 44.95 12.83
N ALA H 113 -0.48 44.34 11.69
CA ALA H 113 0.27 44.54 10.45
C ALA H 113 -0.58 44.33 9.20
N SER H 114 -0.26 45.07 8.16
CA SER H 114 -0.97 45.04 6.87
C SER H 114 -0.52 43.88 5.98
N PRO H 115 -1.36 43.40 5.05
CA PRO H 115 -1.00 42.36 4.11
C PRO H 115 0.32 42.58 3.36
N THR H 116 1.00 41.48 3.08
CA THR H 116 1.95 41.38 1.98
C THR H 116 1.25 40.58 0.88
N VAL H 117 1.32 41.05 -0.36
CA VAL H 117 0.47 40.58 -1.46
C VAL H 117 1.33 40.27 -2.66
N THR H 118 0.98 39.22 -3.40
CA THR H 118 1.52 38.94 -4.73
C THR H 118 0.40 38.48 -5.66
N LEU H 119 0.47 38.88 -6.93
CA LEU H 119 -0.50 38.57 -7.99
C LEU H 119 0.23 37.75 -9.08
N PHE H 120 -0.39 36.66 -9.55
CA PHE H 120 0.07 35.88 -10.70
C PHE H 120 -1.08 35.62 -11.69
N PRO H 121 -0.89 35.84 -13.01
CA PRO H 121 -1.76 35.33 -14.06
C PRO H 121 -1.21 34.01 -14.64
N PRO H 122 -2.04 33.19 -15.29
CA PRO H 122 -1.63 31.91 -15.87
C PRO H 122 -0.96 32.09 -17.25
N SER H 123 -0.85 30.99 -17.99
CA SER H 123 -0.53 30.92 -19.43
C SER H 123 -1.44 29.91 -20.14
N SER H 124 -1.43 29.88 -21.48
CA SER H 124 -2.50 29.30 -22.31
C SER H 124 -2.93 27.88 -21.96
N GLU H 125 -2.07 27.03 -21.37
CA GLU H 125 -2.44 25.67 -20.93
C GLU H 125 -3.78 25.65 -20.15
N GLU H 126 -4.02 26.71 -19.39
CA GLU H 126 -5.23 26.97 -18.62
C GLU H 126 -6.50 27.10 -19.47
N LEU H 127 -6.46 27.93 -20.51
CA LEU H 127 -7.62 28.27 -21.32
C LEU H 127 -7.82 27.25 -22.44
N GLN H 128 -6.74 26.59 -22.88
CA GLN H 128 -6.83 25.40 -23.70
C GLN H 128 -7.54 24.28 -22.93
N ALA H 129 -7.41 24.21 -21.60
CA ALA H 129 -8.20 23.30 -20.75
C ALA H 129 -9.65 23.78 -20.51
N ASN H 130 -10.05 24.92 -21.07
CA ASN H 130 -11.33 25.60 -20.85
C ASN H 130 -11.55 26.17 -19.42
N LYS H 131 -10.48 26.29 -18.62
CA LYS H 131 -10.43 27.05 -17.36
C LYS H 131 -9.94 28.50 -17.60
N ALA H 132 -9.91 29.36 -16.58
CA ALA H 132 -9.84 30.83 -16.74
C ALA H 132 -9.15 31.59 -15.58
N THR H 133 -8.09 31.02 -14.99
CA THR H 133 -7.52 31.42 -13.68
C THR H 133 -6.98 32.86 -13.57
N LEU H 134 -7.03 33.42 -12.35
CA LEU H 134 -6.16 34.48 -11.80
C LEU H 134 -5.87 34.16 -10.31
N VAL H 135 -4.68 34.49 -9.78
CA VAL H 135 -4.23 34.12 -8.41
C VAL H 135 -3.72 35.30 -7.60
N CYS H 136 -4.15 35.43 -6.34
CA CYS H 136 -3.60 36.37 -5.35
C CYS H 136 -3.29 35.69 -4.01
N LEU H 137 -2.10 35.94 -3.48
CA LEU H 137 -1.56 35.34 -2.26
C LEU H 137 -1.34 36.41 -1.20
N ILE H 138 -1.88 36.18 0.00
CA ILE H 138 -1.95 37.16 1.07
C ILE H 138 -1.23 36.60 2.29
N SER H 139 -0.21 37.28 2.79
CA SER H 139 0.63 36.80 3.89
C SER H 139 0.99 37.91 4.88
N ASP H 140 1.49 37.54 6.05
CA ASP H 140 2.14 38.44 7.01
C ASP H 140 1.28 39.59 7.57
N PHE H 141 0.00 39.35 7.83
CA PHE H 141 -0.94 40.32 8.40
C PHE H 141 -1.47 39.92 9.76
N TYR H 142 -1.95 40.87 10.54
CA TYR H 142 -2.63 40.63 11.81
C TYR H 142 -3.56 41.79 12.14
N PRO H 143 -4.80 41.58 12.58
CA PRO H 143 -5.48 40.30 12.81
C PRO H 143 -5.99 39.69 11.49
N GLY H 144 -6.74 38.59 11.58
CA GLY H 144 -7.35 37.88 10.46
C GLY H 144 -8.88 37.88 10.47
N VAL H 145 -9.48 39.06 10.42
CA VAL H 145 -10.90 39.26 10.05
C VAL H 145 -10.93 40.12 8.81
N VAL H 146 -11.63 39.67 7.76
CA VAL H 146 -11.40 40.17 6.39
C VAL H 146 -12.61 40.04 5.46
N LYS H 147 -12.63 40.89 4.42
CA LYS H 147 -13.31 40.69 3.12
C LYS H 147 -12.51 41.42 2.03
N VAL H 148 -12.48 40.86 0.82
CA VAL H 148 -11.72 41.34 -0.35
C VAL H 148 -12.60 41.17 -1.60
N ALA H 149 -12.32 41.88 -2.69
CA ALA H 149 -12.92 41.60 -3.99
C ALA H 149 -11.89 41.63 -5.12
N TRP H 150 -12.08 40.76 -6.11
CA TRP H 150 -11.52 40.92 -7.44
C TRP H 150 -12.41 41.87 -8.24
N LYS H 151 -11.82 42.65 -9.16
CA LYS H 151 -12.54 43.49 -10.13
C LYS H 151 -12.05 43.33 -11.56
N ALA H 152 -13.00 43.33 -12.49
CA ALA H 152 -12.85 43.24 -13.94
C ALA H 152 -13.39 44.52 -14.58
N ASP H 153 -12.66 45.16 -15.49
CA ASP H 153 -13.04 46.48 -16.02
C ASP H 153 -13.34 47.53 -14.90
N GLY H 154 -12.64 47.44 -13.77
CA GLY H 154 -12.88 48.26 -12.58
C GLY H 154 -14.28 48.14 -11.97
N SER H 155 -15.03 47.08 -12.28
CA SER H 155 -16.48 46.97 -12.06
C SER H 155 -16.89 45.70 -11.30
N ALA H 156 -18.13 45.70 -10.81
CA ALA H 156 -18.71 44.71 -9.89
C ALA H 156 -18.57 43.25 -10.34
N VAL H 157 -18.50 42.32 -9.38
CA VAL H 157 -18.46 40.87 -9.64
C VAL H 157 -19.44 40.10 -8.75
N ASN H 158 -19.98 38.99 -9.25
CA ASN H 158 -21.05 38.21 -8.61
C ASN H 158 -20.84 36.68 -8.64
N ALA H 159 -19.79 36.17 -9.30
CA ALA H 159 -19.50 34.73 -9.39
C ALA H 159 -18.04 34.40 -9.79
N GLY H 160 -17.64 33.15 -9.56
CA GLY H 160 -16.41 32.52 -10.06
C GLY H 160 -15.13 32.80 -9.28
N VAL H 161 -15.17 33.72 -8.32
CA VAL H 161 -14.18 33.83 -7.25
C VAL H 161 -14.38 32.77 -6.18
N GLU H 162 -13.28 32.41 -5.49
CA GLU H 162 -13.34 31.78 -4.18
C GLU H 162 -12.13 32.17 -3.32
N THR H 163 -12.27 32.04 -2.00
CA THR H 163 -11.33 32.58 -1.02
C THR H 163 -11.22 31.71 0.24
N THR H 164 -10.04 31.68 0.86
CA THR H 164 -9.79 30.90 2.08
C THR H 164 -10.34 31.57 3.34
N THR H 165 -10.94 30.81 4.25
CA THR H 165 -11.09 31.16 5.68
C THR H 165 -9.69 31.23 6.33
N PRO H 166 -9.25 32.36 6.91
CA PRO H 166 -7.83 32.59 7.21
C PRO H 166 -7.17 31.61 8.20
N SER H 167 -5.84 31.62 8.27
CA SER H 167 -5.07 30.70 9.12
C SER H 167 -3.68 31.25 9.47
N LYS H 168 -3.03 30.72 10.51
CA LYS H 168 -1.75 31.23 11.04
C LYS H 168 -0.51 30.74 10.31
N GLN H 169 0.52 31.58 10.27
CA GLN H 169 1.92 31.26 10.00
C GLN H 169 2.63 30.75 11.27
N SER H 170 3.92 30.46 11.22
CA SER H 170 4.71 29.99 12.38
C SER H 170 4.91 31.07 13.45
N ASN H 171 5.25 32.28 13.03
CA ASN H 171 4.98 33.53 13.74
C ASN H 171 3.47 33.80 13.71
N ASN H 172 2.90 34.48 14.72
CA ASN H 172 1.44 34.56 14.87
C ASN H 172 0.68 35.29 13.75
N LYS H 173 1.35 35.81 12.71
CA LYS H 173 0.71 36.50 11.58
C LYS H 173 -0.12 35.52 10.77
N TYR H 174 -1.15 35.99 10.10
CA TYR H 174 -2.03 35.20 9.26
C TYR H 174 -1.49 35.04 7.83
N ALA H 175 -2.07 34.08 7.14
CA ALA H 175 -2.10 33.98 5.69
C ALA H 175 -3.51 33.59 5.21
N ALA H 176 -3.77 33.89 3.95
CA ALA H 176 -4.99 33.56 3.21
C ALA H 176 -4.66 33.62 1.70
N SER H 177 -5.50 33.06 0.83
CA SER H 177 -5.35 33.24 -0.61
C SER H 177 -6.69 33.21 -1.33
N SER H 178 -6.76 33.82 -2.50
CA SER H 178 -7.94 33.81 -3.36
C SER H 178 -7.57 33.67 -4.83
N TYR H 179 -8.45 33.04 -5.61
CA TYR H 179 -8.32 32.91 -7.04
C TYR H 179 -9.69 32.89 -7.72
N LEU H 180 -9.73 33.33 -8.97
CA LEU H 180 -10.92 33.38 -9.79
C LEU H 180 -10.78 32.33 -10.87
N SER H 181 -11.74 31.43 -11.06
CA SER H 181 -11.76 30.55 -12.24
C SER H 181 -13.13 29.89 -12.49
N LEU H 182 -13.65 30.06 -13.71
CA LEU H 182 -14.72 29.26 -14.32
C LEU H 182 -14.38 29.02 -15.82
N THR H 183 -15.34 29.18 -16.72
CA THR H 183 -15.28 28.83 -18.15
C THR H 183 -14.39 29.80 -18.97
N SER H 184 -13.50 29.30 -19.84
CA SER H 184 -12.56 30.13 -20.64
C SER H 184 -13.23 31.14 -21.60
N ASP H 185 -14.53 31.01 -21.86
CA ASP H 185 -15.33 32.07 -22.51
C ASP H 185 -15.36 33.38 -21.71
N GLN H 186 -15.10 33.31 -20.40
CA GLN H 186 -15.30 34.40 -19.46
C GLN H 186 -14.01 35.16 -19.09
N TRP H 187 -12.86 34.91 -19.72
CA TRP H 187 -11.64 35.68 -19.44
C TRP H 187 -11.57 37.01 -20.19
N LYS H 188 -11.20 36.98 -21.46
CA LYS H 188 -11.09 38.17 -22.32
C LYS H 188 -12.45 38.67 -22.84
N SER H 189 -13.53 38.35 -22.14
CA SER H 189 -14.78 39.16 -22.15
C SER H 189 -14.57 40.55 -21.54
N HIS H 190 -13.47 40.74 -20.80
CA HIS H 190 -13.07 41.94 -20.06
C HIS H 190 -11.57 42.25 -20.29
N LYS H 191 -11.13 43.48 -20.01
CA LYS H 191 -9.81 44.01 -20.42
C LYS H 191 -8.67 43.72 -19.43
N SER H 192 -8.93 43.97 -18.16
CA SER H 192 -7.93 44.04 -17.07
C SER H 192 -8.55 43.57 -15.75
N TYR H 193 -7.73 43.00 -14.88
CA TYR H 193 -8.15 42.30 -13.67
C TYR H 193 -7.26 42.63 -12.47
N SER H 194 -7.83 42.78 -11.27
CA SER H 194 -7.06 42.95 -10.04
C SER H 194 -7.78 42.64 -8.73
N CYS H 195 -6.99 42.25 -7.74
CA CYS H 195 -7.40 41.83 -6.39
C CYS H 195 -7.27 43.00 -5.41
N GLN H 196 -8.41 43.54 -4.95
CA GLN H 196 -8.47 44.75 -4.13
C GLN H 196 -8.20 44.45 -2.66
N VAL H 197 -7.00 43.99 -2.33
CA VAL H 197 -6.71 43.44 -0.99
C VAL H 197 -6.92 44.51 0.09
N THR H 198 -7.80 44.15 1.02
CA THR H 198 -8.47 45.04 1.98
C THR H 198 -8.36 44.41 3.37
N HIS H 199 -8.17 45.22 4.39
CA HIS H 199 -7.91 44.79 5.77
C HIS H 199 -8.86 45.48 6.75
N GLU H 200 -8.37 46.06 7.85
CA GLU H 200 -9.19 46.79 8.82
C GLU H 200 -9.76 48.07 8.19
N GLY H 201 -10.99 47.98 7.66
CA GLY H 201 -11.70 49.05 6.95
C GLY H 201 -11.05 49.57 5.67
N SER H 202 -9.87 49.07 5.28
CA SER H 202 -8.95 49.76 4.38
C SER H 202 -8.49 48.91 3.19
N THR H 203 -8.73 49.33 1.96
CA THR H 203 -8.06 48.80 0.74
C THR H 203 -6.60 49.27 0.71
N VAL H 204 -5.60 48.38 0.66
CA VAL H 204 -4.22 48.77 1.05
C VAL H 204 -3.06 48.18 0.24
N GLU H 205 -3.25 47.25 -0.72
CA GLU H 205 -2.12 46.60 -1.42
C GLU H 205 -2.20 46.53 -2.96
N LYS H 206 -1.03 46.34 -3.57
CA LYS H 206 -0.75 46.44 -5.02
C LYS H 206 -1.17 45.20 -5.79
N THR H 207 -1.71 45.43 -6.99
CA THR H 207 -2.24 44.40 -7.87
C THR H 207 -2.20 44.87 -9.34
N VAL H 208 -1.86 43.95 -10.25
CA VAL H 208 -1.58 44.20 -11.68
C VAL H 208 -1.93 42.98 -12.55
N ALA H 209 -2.26 43.18 -13.83
CA ALA H 209 -2.37 42.11 -14.83
C ALA H 209 -2.19 42.61 -16.28
N PRO H 210 -1.11 42.23 -17.00
CA PRO H 210 -0.94 42.49 -18.44
C PRO H 210 -1.80 41.54 -19.31
N ALA H 211 -3.09 41.43 -19.00
CA ALA H 211 -4.03 40.48 -19.59
C ALA H 211 -4.24 40.75 -21.09
#